data_5F2I
#
_entry.id   5F2I
#
_cell.length_a   63.079
_cell.length_b   98.542
_cell.length_c   237.969
_cell.angle_alpha   90.00
_cell.angle_beta   90.00
_cell.angle_gamma   90.00
#
_symmetry.space_group_name_H-M   'P 21 21 21'
#
loop_
_entity.id
_entity.type
_entity.pdbx_description
1 polymer 'Tagatose 1,6-diphosphate aldolase 2'
2 non-polymer 'CALCIUM ION'
3 non-polymer 'ACETATE ION'
4 non-polymer GLYCEROL
5 water water
#
_entity_poly.entity_id   1
_entity_poly.type   'polypeptide(L)'
_entity_poly.pdbx_seq_one_letter_code
;MTITLTENKRKSMEKLSVDGVISALAFDQRGALKRMMAQHQTKEPTVEQIEELKSLVSEELTPFASSILLDPEYGLPASR
VRSEEAGLLLAYEKTGYDATTTSRLPDCLDVWSAKRIKEAGAEAVKFLLYYDIDGDQDVNEQKKAYIERIGSECRAEDIP
FYLQILTYDEKIADNASPEFAKVKAHKVNEAMKVFSKERFGVDVLKVEVPVNMKFVEGFADGEVLFTKEEAAQAFRDQEA
STDLPYIYLSAGVSAKLFQDTLVFAAESGAKFNGVLCGRATWAGSVKVYIEEGPQAAREWLRTEGFKNIDELNKVLDKTA
SPWTEKM
;
_entity_poly.pdbx_strand_id   A,B,C,D
#
# COMPACT_ATOMS: atom_id res chain seq x y z
N ILE A 3 7.05 -6.11 -19.17
CA ILE A 3 8.00 -7.14 -19.06
C ILE A 3 9.36 -6.76 -19.71
N THR A 4 10.39 -7.55 -19.43
CA THR A 4 11.60 -7.64 -20.21
C THR A 4 12.02 -9.10 -20.24
N LEU A 5 12.49 -9.59 -21.35
CA LEU A 5 13.02 -10.93 -21.41
C LEU A 5 14.40 -11.04 -22.00
N THR A 6 15.17 -11.96 -21.46
CA THR A 6 16.43 -12.34 -22.06
C THR A 6 16.20 -13.14 -23.30
N GLU A 7 17.24 -13.31 -24.07
CA GLU A 7 17.13 -14.00 -25.34
C GLU A 7 16.62 -15.40 -25.14
N ASN A 8 17.14 -16.13 -24.18
CA ASN A 8 16.72 -17.49 -23.96
C ASN A 8 15.33 -17.63 -23.35
N LYS A 9 14.99 -16.76 -22.44
CA LYS A 9 13.69 -16.77 -21.84
C LYS A 9 12.63 -16.53 -22.90
N ARG A 10 12.88 -15.61 -23.81
CA ARG A 10 11.98 -15.32 -24.92
C ARG A 10 11.81 -16.51 -25.83
N LYS A 11 12.91 -17.17 -26.14
CA LYS A 11 12.87 -18.34 -26.97
C LYS A 11 12.08 -19.43 -26.33
N SER A 12 12.26 -19.62 -25.06
CA SER A 12 11.50 -20.60 -24.33
C SER A 12 10.00 -20.27 -24.33
N MET A 13 9.70 -19.02 -24.14
CA MET A 13 8.34 -18.53 -24.12
C MET A 13 7.69 -18.74 -25.50
N GLU A 14 8.47 -18.53 -26.54
CA GLU A 14 8.04 -18.78 -27.90
C GLU A 14 7.69 -20.25 -28.12
N LYS A 15 8.49 -21.13 -27.58
CA LYS A 15 8.24 -22.56 -27.67
C LYS A 15 7.03 -23.02 -26.91
N LEU A 16 6.63 -22.28 -25.91
CA LEU A 16 5.48 -22.65 -25.09
C LEU A 16 4.18 -22.07 -25.65
N SER A 17 4.31 -21.21 -26.65
CA SER A 17 3.22 -20.37 -27.14
C SER A 17 3.02 -20.48 -28.64
N VAL A 18 1.87 -20.03 -29.12
CA VAL A 18 1.65 -19.81 -30.55
C VAL A 18 1.03 -18.42 -30.74
N ASP A 19 1.73 -17.55 -31.46
CA ASP A 19 1.30 -16.15 -31.67
C ASP A 19 0.92 -15.48 -30.35
N GLY A 20 1.75 -15.70 -29.33
CA GLY A 20 1.59 -15.03 -28.06
C GLY A 20 0.53 -15.59 -27.14
N VAL A 21 -0.05 -16.73 -27.52
CA VAL A 21 -1.09 -17.38 -26.72
C VAL A 21 -0.63 -18.76 -26.29
N ILE A 22 -0.81 -19.03 -25.00
CA ILE A 22 -0.42 -20.30 -24.38
C ILE A 22 -1.66 -21.21 -24.32
N SER A 23 -1.61 -22.31 -25.07
CA SER A 23 -2.66 -23.32 -24.99
C SER A 23 -2.05 -24.59 -24.43
N ALA A 24 -1.87 -24.60 -23.13
CA ALA A 24 -1.14 -25.64 -22.42
C ALA A 24 -2.03 -26.73 -21.87
N LEU A 25 -1.62 -27.97 -22.13
CA LEU A 25 -2.23 -29.17 -21.57
C LEU A 25 -1.59 -29.49 -20.22
N ALA A 26 -2.38 -29.58 -19.15
CA ALA A 26 -1.85 -29.83 -17.81
C ALA A 26 -2.02 -31.29 -17.40
N PHE A 27 -0.90 -31.96 -17.12
CA PHE A 27 -0.97 -33.33 -16.64
C PHE A 27 0.18 -33.64 -15.68
N ASP A 28 0.42 -32.76 -14.70
CA ASP A 28 1.45 -33.02 -13.70
C ASP A 28 0.84 -33.68 -12.46
N GLN A 29 -0.42 -34.08 -12.56
CA GLN A 29 -1.07 -34.77 -11.44
C GLN A 29 -0.34 -36.06 -11.09
N ARG A 30 -0.21 -36.29 -9.80
CA ARG A 30 0.51 -37.45 -9.30
C ARG A 30 -0.39 -38.24 -8.35
N GLY A 31 -0.39 -37.87 -7.08
CA GLY A 31 -1.29 -38.51 -6.12
C GLY A 31 -2.73 -38.42 -6.57
N ALA A 32 -3.11 -37.26 -7.12
CA ALA A 32 -4.47 -37.03 -7.58
C ALA A 32 -4.85 -38.02 -8.69
N LEU A 33 -3.93 -38.25 -9.62
CA LEU A 33 -4.17 -39.17 -10.72
C LEU A 33 -4.24 -40.61 -10.24
N LYS A 34 -3.39 -40.96 -9.28
CA LYS A 34 -3.38 -42.30 -8.71
C LYS A 34 -4.73 -42.63 -8.09
N ARG A 35 -5.30 -41.68 -7.35
CA ARG A 35 -6.60 -41.87 -6.71
C ARG A 35 -7.71 -42.04 -7.75
N MET A 36 -7.61 -41.34 -8.87
CA MET A 36 -8.56 -41.51 -9.96
C MET A 36 -8.51 -42.91 -10.53
N MET A 37 -7.30 -43.43 -10.73
CA MET A 37 -7.12 -44.75 -11.32
C MET A 37 -7.61 -45.84 -10.39
N ALA A 38 -7.43 -45.63 -9.09
CA ALA A 38 -7.74 -46.65 -8.09
C ALA A 38 -9.24 -46.92 -7.98
N GLN A 39 -10.05 -46.02 -8.53
CA GLN A 39 -11.51 -46.17 -8.47
C GLN A 39 -12.00 -47.21 -9.46
N HIS A 40 -11.14 -47.62 -10.39
CA HIS A 40 -11.57 -48.47 -11.50
C HIS A 40 -10.91 -49.85 -11.49
N GLN A 41 -10.12 -50.13 -10.47
CA GLN A 41 -9.48 -51.43 -10.33
C GLN A 41 -9.27 -51.77 -8.85
N THR A 42 -9.00 -53.04 -8.58
CA THR A 42 -8.84 -53.49 -7.20
C THR A 42 -7.40 -53.26 -6.74
N LYS A 43 -6.44 -53.59 -7.60
CA LYS A 43 -5.02 -53.44 -7.28
C LYS A 43 -4.59 -51.98 -7.24
N GLU A 44 -3.59 -51.69 -6.42
CA GLU A 44 -2.99 -50.37 -6.38
C GLU A 44 -2.44 -49.99 -7.77
N PRO A 45 -2.72 -48.76 -8.23
CA PRO A 45 -2.14 -48.37 -9.52
C PRO A 45 -0.62 -48.41 -9.48
N THR A 46 0.00 -48.94 -10.54
CA THR A 46 1.45 -49.13 -10.54
C THR A 46 2.13 -47.92 -11.18
N VAL A 47 3.42 -47.77 -10.89
CA VAL A 47 4.22 -46.72 -11.50
C VAL A 47 4.12 -46.84 -13.02
N GLU A 48 4.16 -48.07 -13.50
CA GLU A 48 4.12 -48.35 -14.93
C GLU A 48 2.83 -47.81 -15.55
N GLN A 49 1.71 -47.99 -14.86
CA GLN A 49 0.43 -47.54 -15.36
C GLN A 49 0.37 -46.01 -15.44
N ILE A 50 0.76 -45.35 -14.36
CA ILE A 50 0.76 -43.89 -14.29
C ILE A 50 1.65 -43.31 -15.38
N GLU A 51 2.85 -43.86 -15.54
CA GLU A 51 3.76 -43.39 -16.56
C GLU A 51 3.19 -43.61 -17.97
N GLU A 52 2.52 -44.74 -18.16
CA GLU A 52 1.98 -45.08 -19.47
C GLU A 52 0.84 -44.15 -19.86
N LEU A 53 -0.09 -43.91 -18.94
CA LEU A 53 -1.23 -43.05 -19.26
C LEU A 53 -0.76 -41.63 -19.56
N LYS A 54 0.25 -41.17 -18.83
CA LYS A 54 0.80 -39.84 -19.11
C LYS A 54 1.40 -39.80 -20.51
N SER A 55 2.06 -40.88 -20.91
CA SER A 55 2.65 -40.95 -22.25
C SER A 55 1.57 -40.97 -23.34
N LEU A 56 0.45 -41.65 -23.06
CA LEU A 56 -0.66 -41.71 -24.01
C LEU A 56 -1.29 -40.34 -24.23
N VAL A 57 -1.56 -39.63 -23.14
CA VAL A 57 -2.13 -38.29 -23.23
C VAL A 57 -1.17 -37.37 -23.96
N SER A 58 0.12 -37.45 -23.64
CA SER A 58 1.12 -36.62 -24.27
C SER A 58 1.22 -36.89 -25.77
N GLU A 59 1.34 -38.16 -26.13
CA GLU A 59 1.49 -38.53 -27.52
C GLU A 59 0.28 -38.12 -28.38
N GLU A 60 -0.90 -38.32 -27.86
CA GLU A 60 -2.14 -38.17 -28.62
C GLU A 60 -2.68 -36.73 -28.63
N LEU A 61 -2.45 -35.97 -27.56
CA LEU A 61 -3.08 -34.65 -27.47
C LEU A 61 -2.14 -33.46 -27.64
N THR A 62 -0.83 -33.64 -27.46
CA THR A 62 0.09 -32.52 -27.60
C THR A 62 0.17 -31.97 -29.03
N PRO A 63 -0.28 -32.74 -30.04
CA PRO A 63 -0.35 -32.08 -31.36
C PRO A 63 -1.33 -30.91 -31.42
N PHE A 64 -2.19 -30.79 -30.41
CA PHE A 64 -3.22 -29.77 -30.40
C PHE A 64 -3.02 -28.76 -29.28
N ALA A 65 -1.84 -28.78 -28.67
CA ALA A 65 -1.49 -27.87 -27.60
C ALA A 65 -0.17 -27.19 -27.93
N SER A 66 0.02 -25.98 -27.43
CA SER A 66 1.28 -25.26 -27.63
C SER A 66 2.37 -25.79 -26.69
N SER A 67 1.94 -26.45 -25.62
CA SER A 67 2.89 -27.03 -24.66
C SER A 67 2.16 -27.98 -23.72
N ILE A 68 2.93 -28.77 -22.98
CA ILE A 68 2.35 -29.66 -21.99
C ILE A 68 3.09 -29.53 -20.67
N LEU A 69 2.32 -29.51 -19.58
CA LEU A 69 2.86 -29.52 -18.23
C LEU A 69 2.86 -30.94 -17.69
N LEU A 70 4.06 -31.42 -17.35
CA LEU A 70 4.24 -32.74 -16.78
C LEU A 70 5.01 -32.66 -15.48
N ASP A 71 4.94 -33.73 -14.70
CA ASP A 71 5.67 -33.90 -13.43
C ASP A 71 6.95 -34.70 -13.67
N PRO A 72 8.02 -34.33 -12.97
CA PRO A 72 9.29 -35.06 -13.06
C PRO A 72 9.15 -36.51 -12.63
N GLU A 73 8.28 -36.75 -11.65
CA GLU A 73 8.18 -38.04 -10.96
C GLU A 73 7.77 -39.20 -11.88
N TYR A 74 6.71 -39.00 -12.63
CA TYR A 74 6.15 -39.97 -13.57
C TYR A 74 6.16 -39.54 -15.03
N GLY A 75 6.38 -38.26 -15.26
CA GLY A 75 6.20 -37.69 -16.57
C GLY A 75 7.35 -37.61 -17.54
N LEU A 76 8.58 -37.98 -17.15
CA LEU A 76 9.68 -37.80 -18.06
C LEU A 76 9.56 -38.66 -19.38
N PRO A 77 9.17 -39.92 -19.24
CA PRO A 77 8.97 -40.67 -20.49
C PRO A 77 7.92 -40.00 -21.39
N ALA A 78 6.84 -39.53 -20.77
CA ALA A 78 5.78 -38.85 -21.52
C ALA A 78 6.31 -37.57 -22.19
N SER A 79 7.24 -36.89 -21.52
CA SER A 79 7.78 -35.66 -22.07
C SER A 79 8.55 -35.96 -23.37
N ARG A 80 9.15 -37.14 -23.45
CA ARG A 80 9.98 -37.47 -24.61
C ARG A 80 9.17 -37.91 -25.84
N VAL A 81 7.87 -38.16 -25.66
CA VAL A 81 7.00 -38.56 -26.78
C VAL A 81 5.99 -37.46 -27.13
N ARG A 82 6.16 -36.27 -26.58
CA ARG A 82 5.29 -35.16 -26.94
C ARG A 82 5.57 -34.75 -28.39
N SER A 83 4.59 -34.10 -29.02
CA SER A 83 4.76 -33.59 -30.38
C SER A 83 5.98 -32.67 -30.40
N GLU A 84 6.76 -32.71 -31.48
CA GLU A 84 7.97 -31.89 -31.52
C GLU A 84 7.61 -30.40 -31.53
N GLU A 85 6.38 -30.07 -31.89
CA GLU A 85 5.97 -28.67 -31.94
C GLU A 85 5.52 -28.12 -30.59
N ALA A 86 5.38 -28.99 -29.59
CA ALA A 86 4.88 -28.59 -28.28
C ALA A 86 6.02 -28.40 -27.28
N GLY A 87 5.96 -27.31 -26.53
CA GLY A 87 6.94 -27.04 -25.50
C GLY A 87 6.67 -27.84 -24.24
N LEU A 88 7.63 -27.82 -23.31
CA LEU A 88 7.53 -28.61 -22.08
C LEU A 88 7.69 -27.74 -20.85
N LEU A 89 6.76 -27.88 -19.92
CA LEU A 89 6.90 -27.35 -18.57
C LEU A 89 7.03 -28.51 -17.59
N LEU A 90 7.90 -28.37 -16.60
CA LEU A 90 7.98 -29.37 -15.54
C LEU A 90 7.65 -28.78 -14.19
N ALA A 91 6.83 -29.50 -13.43
CA ALA A 91 6.46 -29.11 -12.07
C ALA A 91 7.65 -29.29 -11.13
N TYR A 92 7.80 -28.36 -10.20
CA TYR A 92 8.96 -28.29 -9.30
C TYR A 92 8.55 -28.56 -7.84
N GLU A 93 7.26 -28.44 -7.55
CA GLU A 93 6.77 -28.56 -6.17
C GLU A 93 6.36 -29.98 -5.80
N LYS A 94 6.49 -30.30 -4.52
CA LYS A 94 5.86 -31.47 -3.93
C LYS A 94 4.35 -31.27 -3.91
N THR A 95 3.59 -32.35 -4.06
CA THR A 95 2.13 -32.24 -4.14
C THR A 95 1.48 -32.11 -2.76
N GLY A 96 0.30 -31.51 -2.75
CA GLY A 96 -0.55 -31.51 -1.59
C GLY A 96 -0.13 -30.54 -0.50
N TYR A 97 -0.77 -30.69 0.65
CA TYR A 97 -0.46 -29.89 1.82
C TYR A 97 -0.93 -30.60 3.08
N ASP A 98 -0.39 -30.18 4.22
CA ASP A 98 -0.78 -30.73 5.51
C ASP A 98 -2.17 -30.24 5.90
N ALA A 99 -3.11 -31.16 6.00
CA ALA A 99 -4.49 -30.81 6.31
C ALA A 99 -4.66 -30.48 7.80
N THR A 100 -3.68 -30.86 8.61
CA THR A 100 -3.77 -30.64 10.06
C THR A 100 -3.34 -29.23 10.47
N THR A 101 -2.80 -28.46 9.52
CA THR A 101 -2.43 -27.08 9.76
C THR A 101 -2.95 -26.20 8.62
N THR A 102 -2.92 -24.89 8.81
CA THR A 102 -3.49 -23.96 7.83
C THR A 102 -2.44 -23.24 6.99
N SER A 103 -1.17 -23.55 7.21
CA SER A 103 -0.09 -22.77 6.60
C SER A 103 0.19 -23.15 5.15
N ARG A 104 -0.05 -24.42 4.80
CA ARG A 104 0.17 -24.93 3.44
C ARG A 104 1.50 -24.46 2.84
N LEU A 105 2.59 -24.72 3.54
CA LEU A 105 3.88 -24.20 3.13
C LEU A 105 4.40 -24.95 1.89
N PRO A 106 5.08 -24.22 1.00
CA PRO A 106 5.62 -24.80 -0.24
C PRO A 106 6.92 -25.59 0.01
N ASP A 107 7.20 -26.57 -0.85
CA ASP A 107 8.41 -27.38 -0.72
C ASP A 107 8.77 -27.96 -2.11
N CYS A 108 9.97 -27.66 -2.58
CA CYS A 108 10.46 -28.17 -3.86
C CYS A 108 10.75 -29.67 -3.78
N LEU A 109 10.61 -30.36 -4.91
CA LEU A 109 10.99 -31.78 -4.99
C LEU A 109 12.44 -31.96 -4.56
N ASP A 110 12.68 -32.98 -3.75
CA ASP A 110 13.96 -33.12 -3.04
C ASP A 110 15.20 -33.18 -3.94
N VAL A 111 15.13 -33.89 -5.07
CA VAL A 111 16.32 -34.08 -5.89
C VAL A 111 16.27 -33.26 -7.18
N TRP A 112 15.48 -32.19 -7.17
CA TRP A 112 15.39 -31.33 -8.34
C TRP A 112 15.82 -29.92 -8.03
N SER A 113 16.19 -29.23 -9.11
CA SER A 113 16.59 -27.84 -9.08
C SER A 113 16.14 -27.26 -10.40
N ALA A 114 16.12 -25.93 -10.52
CA ALA A 114 15.81 -25.30 -11.80
C ALA A 114 16.79 -25.77 -12.86
N LYS A 115 18.07 -25.92 -12.48
CA LYS A 115 19.09 -26.38 -13.42
C LYS A 115 18.76 -27.79 -13.94
N ARG A 116 18.35 -28.68 -13.04
CA ARG A 116 18.02 -30.05 -13.42
C ARG A 116 16.76 -30.09 -14.28
N ILE A 117 15.80 -29.19 -14.01
CA ILE A 117 14.59 -29.13 -14.80
C ILE A 117 14.94 -28.72 -16.23
N LYS A 118 15.81 -27.72 -16.35
CA LYS A 118 16.32 -27.30 -17.66
C LYS A 118 17.04 -28.45 -18.35
N GLU A 119 17.87 -29.17 -17.60
CA GLU A 119 18.65 -30.27 -18.15
C GLU A 119 17.74 -31.41 -18.64
N ALA A 120 16.56 -31.52 -18.04
CA ALA A 120 15.59 -32.53 -18.44
C ALA A 120 14.79 -32.11 -19.69
N GLY A 121 15.11 -30.93 -20.24
CA GLY A 121 14.57 -30.51 -21.52
C GLY A 121 13.38 -29.57 -21.41
N ALA A 122 13.08 -29.13 -20.20
CA ALA A 122 11.94 -28.24 -20.01
C ALA A 122 12.23 -26.83 -20.53
N GLU A 123 11.19 -26.18 -21.03
CA GLU A 123 11.24 -24.78 -21.42
C GLU A 123 10.64 -23.87 -20.34
N ALA A 124 10.19 -24.45 -19.24
CA ALA A 124 9.71 -23.67 -18.11
C ALA A 124 9.74 -24.47 -16.82
N VAL A 125 9.97 -23.75 -15.73
CA VAL A 125 9.79 -24.25 -14.39
C VAL A 125 8.41 -23.83 -13.91
N LYS A 126 7.58 -24.81 -13.53
CA LYS A 126 6.28 -24.51 -12.95
C LYS A 126 6.32 -24.81 -11.47
N PHE A 127 5.79 -23.89 -10.65
CA PHE A 127 5.71 -24.11 -9.20
C PHE A 127 4.34 -23.67 -8.69
N LEU A 128 3.72 -24.55 -7.91
CA LEU A 128 2.41 -24.27 -7.31
C LEU A 128 2.58 -23.77 -5.88
N LEU A 129 2.00 -22.59 -5.63
CA LEU A 129 1.97 -21.97 -4.31
C LEU A 129 0.55 -21.77 -3.83
N TYR A 130 0.25 -22.28 -2.65
CA TYR A 130 -1.01 -21.96 -1.98
C TYR A 130 -0.81 -20.66 -1.23
N TYR A 131 -1.72 -19.70 -1.43
CA TYR A 131 -1.58 -18.39 -0.82
C TYR A 131 -2.91 -17.81 -0.34
N ASP A 132 -2.93 -17.43 0.93
CA ASP A 132 -4.02 -16.67 1.54
C ASP A 132 -3.48 -15.29 1.91
N ILE A 133 -3.81 -14.30 1.09
CA ILE A 133 -3.35 -12.94 1.29
C ILE A 133 -3.68 -12.40 2.69
N ASP A 134 -4.76 -12.89 3.26
CA ASP A 134 -5.21 -12.42 4.57
C ASP A 134 -4.67 -13.29 5.71
N GLY A 135 -3.82 -14.26 5.38
CA GLY A 135 -3.35 -15.22 6.35
C GLY A 135 -2.21 -14.74 7.24
N ASP A 136 -1.66 -15.67 8.01
CA ASP A 136 -0.58 -15.33 8.94
C ASP A 136 0.59 -14.66 8.24
N GLN A 137 0.99 -13.50 8.76
CA GLN A 137 1.98 -12.66 8.08
C GLN A 137 3.35 -13.33 8.00
N ASP A 138 3.70 -14.09 9.03
CA ASP A 138 4.97 -14.79 9.10
C ASP A 138 4.99 -16.00 8.14
N VAL A 139 3.87 -16.71 8.04
CA VAL A 139 3.73 -17.76 7.06
C VAL A 139 3.95 -17.18 5.65
N ASN A 140 3.32 -16.06 5.37
CA ASN A 140 3.43 -15.43 4.07
C ASN A 140 4.82 -14.85 3.81
N GLU A 141 5.52 -14.44 4.87
CA GLU A 141 6.89 -14.00 4.73
C GLU A 141 7.76 -15.17 4.27
N GLN A 142 7.53 -16.32 4.85
CA GLN A 142 8.26 -17.53 4.49
C GLN A 142 7.96 -17.92 3.05
N LYS A 143 6.69 -17.80 2.65
CA LYS A 143 6.29 -18.12 1.28
C LYS A 143 6.95 -17.16 0.30
N LYS A 144 6.96 -15.87 0.62
CA LYS A 144 7.56 -14.90 -0.27
C LYS A 144 9.06 -15.13 -0.42
N ALA A 145 9.75 -15.44 0.67
CA ALA A 145 11.16 -15.77 0.61
C ALA A 145 11.41 -16.95 -0.31
N TYR A 146 10.56 -17.97 -0.22
CA TYR A 146 10.72 -19.19 -1.00
C TYR A 146 10.57 -18.91 -2.49
N ILE A 147 9.55 -18.14 -2.86
CA ILE A 147 9.34 -17.82 -4.27
C ILE A 147 10.50 -16.96 -4.81
N GLU A 148 11.03 -16.08 -3.97
CA GLU A 148 12.20 -15.30 -4.37
C GLU A 148 13.36 -16.22 -4.77
N ARG A 149 13.58 -17.28 -3.99
CA ARG A 149 14.66 -18.22 -4.27
C ARG A 149 14.45 -18.85 -5.66
N ILE A 150 13.23 -19.30 -5.91
CA ILE A 150 12.92 -19.98 -7.17
C ILE A 150 13.01 -19.03 -8.36
N GLY A 151 12.50 -17.81 -8.21
CA GLY A 151 12.59 -16.81 -9.26
C GLY A 151 14.05 -16.51 -9.58
N SER A 152 14.87 -16.46 -8.53
CA SER A 152 16.30 -16.22 -8.71
C SER A 152 16.95 -17.39 -9.46
N GLU A 153 16.61 -18.62 -9.07
CA GLU A 153 17.12 -19.80 -9.77
C GLU A 153 16.85 -19.69 -11.25
N CYS A 154 15.61 -19.36 -11.56
CA CYS A 154 15.14 -19.34 -12.94
C CYS A 154 15.80 -18.22 -13.73
N ARG A 155 16.10 -17.11 -13.07
CA ARG A 155 16.83 -16.03 -13.71
C ARG A 155 18.22 -16.50 -14.11
N ALA A 156 18.88 -17.20 -13.20
CA ALA A 156 20.24 -17.67 -13.42
C ALA A 156 20.30 -18.75 -14.50
N GLU A 157 19.34 -19.66 -14.48
CA GLU A 157 19.30 -20.75 -15.46
C GLU A 157 18.63 -20.30 -16.75
N ASP A 158 18.10 -19.09 -16.73
CA ASP A 158 17.61 -18.42 -17.93
C ASP A 158 16.45 -19.24 -18.51
N ILE A 159 15.55 -19.65 -17.61
CA ILE A 159 14.39 -20.45 -17.96
C ILE A 159 13.16 -19.77 -17.36
N PRO A 160 12.08 -19.62 -18.15
CA PRO A 160 10.85 -18.97 -17.66
C PRO A 160 10.30 -19.63 -16.40
N PHE A 161 9.85 -18.78 -15.47
CA PHE A 161 9.25 -19.18 -14.21
C PHE A 161 7.73 -19.00 -14.31
N TYR A 162 7.00 -20.11 -14.32
CA TYR A 162 5.55 -20.10 -14.32
C TYR A 162 5.06 -20.38 -12.90
N LEU A 163 4.50 -19.35 -12.25
CA LEU A 163 4.01 -19.48 -10.89
C LEU A 163 2.51 -19.72 -10.88
N GLN A 164 2.10 -20.87 -10.35
CA GLN A 164 0.69 -21.17 -10.16
C GLN A 164 0.28 -20.76 -8.76
N ILE A 165 -0.77 -19.96 -8.66
CA ILE A 165 -1.30 -19.56 -7.38
C ILE A 165 -2.68 -20.16 -7.19
N LEU A 166 -2.83 -20.95 -6.12
CA LEU A 166 -4.14 -21.40 -5.68
C LEU A 166 -4.47 -20.73 -4.36
N THR A 167 -5.59 -20.02 -4.34
CA THR A 167 -5.97 -19.26 -3.16
C THR A 167 -6.78 -20.10 -2.19
N TYR A 168 -6.76 -19.69 -0.94
CA TYR A 168 -7.57 -20.30 0.09
C TYR A 168 -7.70 -19.32 1.24
N ASP A 169 -8.48 -19.71 2.23
CA ASP A 169 -8.65 -18.93 3.44
C ASP A 169 -8.39 -19.89 4.60
N GLU A 170 -7.53 -19.48 5.53
CA GLU A 170 -7.18 -20.31 6.67
C GLU A 170 -8.40 -20.79 7.46
N LYS A 171 -9.48 -20.02 7.40
CA LYS A 171 -10.66 -20.26 8.23
C LYS A 171 -11.84 -20.84 7.44
N ILE A 172 -11.69 -21.02 6.13
CA ILE A 172 -12.74 -21.60 5.30
C ILE A 172 -12.29 -22.93 4.71
N ALA A 173 -13.00 -24.00 5.07
CA ALA A 173 -12.60 -25.34 4.69
C ALA A 173 -12.79 -25.63 3.20
N ASP A 174 -13.89 -25.17 2.62
CA ASP A 174 -14.24 -25.53 1.24
C ASP A 174 -14.22 -24.32 0.28
N ASN A 175 -13.33 -24.37 -0.69
CA ASN A 175 -13.20 -23.26 -1.63
C ASN A 175 -14.34 -23.17 -2.63
N ALA A 176 -15.22 -24.16 -2.62
CA ALA A 176 -16.40 -24.17 -3.50
C ALA A 176 -17.63 -23.61 -2.79
N SER A 177 -17.45 -23.19 -1.55
CA SER A 177 -18.56 -22.70 -0.74
C SER A 177 -18.97 -21.28 -1.15
N PRO A 178 -20.22 -20.91 -0.88
CA PRO A 178 -20.60 -19.51 -1.10
C PRO A 178 -19.77 -18.58 -0.21
N GLU A 179 -19.38 -19.05 0.97
CA GLU A 179 -18.57 -18.24 1.86
C GLU A 179 -17.24 -17.88 1.21
N PHE A 180 -16.60 -18.84 0.54
CA PHE A 180 -15.34 -18.55 -0.11
C PHE A 180 -15.58 -17.73 -1.38
N ALA A 181 -16.69 -17.99 -2.06
CA ALA A 181 -17.00 -17.26 -3.29
C ALA A 181 -17.03 -15.76 -3.02
N LYS A 182 -17.53 -15.36 -1.85
CA LYS A 182 -17.62 -13.94 -1.54
C LYS A 182 -16.27 -13.24 -1.39
N VAL A 183 -15.20 -13.98 -1.10
CA VAL A 183 -13.89 -13.37 -0.93
C VAL A 183 -12.87 -13.77 -2.01
N LYS A 184 -13.30 -14.58 -2.98
CA LYS A 184 -12.36 -15.11 -3.97
C LYS A 184 -11.64 -14.04 -4.78
N ALA A 185 -12.38 -13.03 -5.25
CA ALA A 185 -11.77 -12.00 -6.07
C ALA A 185 -10.62 -11.32 -5.33
N HIS A 186 -10.86 -11.03 -4.05
CA HIS A 186 -9.87 -10.43 -3.19
C HIS A 186 -8.64 -11.31 -3.04
N LYS A 187 -8.86 -12.59 -2.74
CA LYS A 187 -7.75 -13.54 -2.60
C LYS A 187 -6.92 -13.64 -3.87
N VAL A 188 -7.60 -13.76 -5.00
CA VAL A 188 -6.93 -13.97 -6.26
C VAL A 188 -6.21 -12.72 -6.74
N ASN A 189 -6.93 -11.60 -6.81
CA ASN A 189 -6.38 -10.38 -7.37
C ASN A 189 -5.27 -9.77 -6.51
N GLU A 190 -5.40 -9.81 -5.19
CA GLU A 190 -4.35 -9.26 -4.34
C GLU A 190 -3.10 -10.14 -4.37
N ALA A 191 -3.26 -11.45 -4.45
CA ALA A 191 -2.10 -12.34 -4.56
C ALA A 191 -1.35 -12.08 -5.87
N MET A 192 -2.10 -11.84 -6.94
CA MET A 192 -1.50 -11.51 -8.22
C MET A 192 -0.71 -10.22 -8.13
N LYS A 193 -1.21 -9.22 -7.39
CA LYS A 193 -0.47 -7.98 -7.24
C LYS A 193 0.87 -8.25 -6.54
N VAL A 194 0.83 -9.04 -5.48
CA VAL A 194 2.05 -9.34 -4.73
C VAL A 194 3.06 -10.02 -5.63
N PHE A 195 2.65 -11.07 -6.33
CA PHE A 195 3.62 -11.89 -7.03
C PHE A 195 3.91 -11.39 -8.43
N SER A 196 3.36 -10.22 -8.76
CA SER A 196 3.78 -9.47 -9.95
C SER A 196 4.97 -8.56 -9.63
N LYS A 197 5.33 -8.45 -8.35
CA LYS A 197 6.47 -7.64 -7.97
C LYS A 197 7.74 -8.22 -8.58
N GLU A 198 8.66 -7.36 -8.95
CA GLU A 198 9.86 -7.73 -9.67
C GLU A 198 10.69 -8.72 -8.88
N ARG A 199 10.71 -8.57 -7.57
CA ARG A 199 11.60 -9.38 -6.73
C ARG A 199 11.33 -10.89 -6.82
N PHE A 200 10.16 -11.27 -7.34
CA PHE A 200 9.78 -12.67 -7.41
C PHE A 200 10.12 -13.36 -8.74
N GLY A 201 10.52 -12.58 -9.73
CA GLY A 201 11.08 -13.13 -10.96
C GLY A 201 10.12 -13.96 -11.79
N VAL A 202 8.82 -13.71 -11.65
CA VAL A 202 7.81 -14.50 -12.36
C VAL A 202 7.71 -14.07 -13.82
N ASP A 203 7.57 -15.05 -14.71
CA ASP A 203 7.37 -14.76 -16.13
C ASP A 203 5.92 -14.89 -16.56
N VAL A 204 5.24 -15.89 -16.05
CA VAL A 204 3.83 -16.08 -16.29
C VAL A 204 3.13 -16.50 -15.00
N LEU A 205 2.00 -15.91 -14.72
CA LEU A 205 1.17 -16.30 -13.60
C LEU A 205 0.06 -17.19 -14.08
N LYS A 206 -0.08 -18.29 -13.41
CA LYS A 206 -1.16 -19.20 -13.64
C LYS A 206 -2.14 -19.13 -12.49
N VAL A 207 -3.31 -18.65 -12.79
CA VAL A 207 -4.26 -18.25 -11.80
C VAL A 207 -5.71 -18.67 -12.06
N GLU A 208 -6.48 -18.68 -10.99
CA GLU A 208 -7.89 -18.87 -11.02
C GLU A 208 -8.61 -17.70 -11.65
N VAL A 209 -9.74 -17.94 -12.30
CA VAL A 209 -10.62 -16.82 -12.62
C VAL A 209 -11.06 -16.24 -11.28
N PRO A 210 -11.28 -14.92 -11.21
CA PRO A 210 -11.49 -14.22 -9.93
C PRO A 210 -12.93 -14.30 -9.42
N VAL A 211 -13.72 -15.22 -9.96
CA VAL A 211 -15.09 -15.40 -9.51
C VAL A 211 -15.48 -16.86 -9.66
N ASN A 212 -16.33 -17.34 -8.75
CA ASN A 212 -16.95 -18.65 -8.89
C ASN A 212 -18.20 -18.49 -9.74
N MET A 213 -18.12 -18.84 -11.02
CA MET A 213 -19.18 -18.56 -11.96
C MET A 213 -20.51 -19.23 -11.60
N LYS A 214 -20.45 -20.30 -10.81
CA LYS A 214 -21.67 -21.01 -10.43
C LYS A 214 -22.57 -20.19 -9.51
N PHE A 215 -22.07 -19.04 -9.06
CA PHE A 215 -22.85 -18.14 -8.23
C PHE A 215 -23.17 -16.83 -8.96
N VAL A 216 -22.91 -16.81 -10.27
CA VAL A 216 -23.14 -15.61 -11.05
C VAL A 216 -24.48 -15.73 -11.80
N GLU A 217 -25.26 -14.66 -11.77
CA GLU A 217 -26.57 -14.65 -12.42
C GLU A 217 -26.44 -15.03 -13.89
N GLY A 218 -27.27 -15.98 -14.31
CA GLY A 218 -27.26 -16.50 -15.67
C GLY A 218 -26.51 -17.82 -15.78
N PHE A 219 -25.55 -18.04 -14.89
CA PHE A 219 -24.82 -19.30 -14.83
C PHE A 219 -25.24 -20.14 -13.64
N ALA A 220 -25.89 -19.51 -12.67
CA ALA A 220 -26.17 -20.14 -11.38
C ALA A 220 -27.48 -20.92 -11.37
N ASP A 221 -27.40 -22.16 -10.87
CA ASP A 221 -28.58 -23.00 -10.66
C ASP A 221 -29.24 -22.69 -9.31
N GLY A 222 -28.42 -22.41 -8.31
CA GLY A 222 -28.92 -22.15 -6.97
C GLY A 222 -28.84 -20.70 -6.59
N GLU A 223 -28.25 -20.41 -5.43
CA GLU A 223 -28.15 -19.05 -4.96
C GLU A 223 -27.36 -18.19 -5.93
N VAL A 224 -27.79 -16.95 -6.11
CA VAL A 224 -27.10 -16.01 -6.98
C VAL A 224 -26.45 -14.96 -6.09
N LEU A 225 -25.13 -14.88 -6.16
CA LEU A 225 -24.38 -13.95 -5.34
C LEU A 225 -23.96 -12.73 -6.13
N PHE A 226 -23.78 -12.90 -7.43
CA PHE A 226 -23.25 -11.82 -8.24
C PHE A 226 -24.09 -11.58 -9.49
N THR A 227 -24.27 -10.30 -9.82
CA THR A 227 -24.83 -9.91 -11.10
C THR A 227 -23.74 -10.11 -12.14
N LYS A 228 -24.09 -10.09 -13.41
CA LYS A 228 -23.07 -10.18 -14.44
C LYS A 228 -22.14 -8.97 -14.38
N GLU A 229 -22.67 -7.80 -14.04
CA GLU A 229 -21.80 -6.62 -14.00
C GLU A 229 -20.79 -6.76 -12.85
N GLU A 230 -21.21 -7.35 -11.74
CA GLU A 230 -20.27 -7.60 -10.63
C GLU A 230 -19.18 -8.60 -11.02
N ALA A 231 -19.57 -9.70 -11.66
CA ALA A 231 -18.60 -10.68 -12.15
C ALA A 231 -17.66 -10.05 -13.17
N ALA A 232 -18.21 -9.27 -14.09
CA ALA A 232 -17.40 -8.59 -15.09
C ALA A 232 -16.37 -7.67 -14.42
N GLN A 233 -16.77 -6.99 -13.34
CA GLN A 233 -15.88 -6.07 -12.65
C GLN A 233 -14.72 -6.83 -11.99
N ALA A 234 -14.98 -8.04 -11.52
CA ALA A 234 -13.93 -8.85 -10.90
C ALA A 234 -12.85 -9.21 -11.93
N PHE A 235 -13.28 -9.44 -13.17
CA PHE A 235 -12.34 -9.71 -14.26
C PHE A 235 -11.55 -8.45 -14.59
N ARG A 236 -12.20 -7.29 -14.59
CA ARG A 236 -11.48 -6.04 -14.84
C ARG A 236 -10.51 -5.75 -13.69
N ASP A 237 -10.93 -6.03 -12.46
CA ASP A 237 -10.06 -5.85 -11.30
C ASP A 237 -8.84 -6.77 -11.40
N GLN A 238 -9.07 -7.99 -11.89
CA GLN A 238 -7.98 -8.92 -12.09
C GLN A 238 -6.99 -8.42 -13.13
N GLU A 239 -7.52 -7.96 -14.26
CA GLU A 239 -6.68 -7.43 -15.31
C GLU A 239 -5.89 -6.24 -14.78
N ALA A 240 -6.47 -5.51 -13.84
CA ALA A 240 -5.81 -4.34 -13.27
C ALA A 240 -4.83 -4.72 -12.15
N SER A 241 -4.69 -6.00 -11.87
CA SER A 241 -3.81 -6.45 -10.78
C SER A 241 -2.41 -6.80 -11.29
N THR A 242 -2.24 -6.92 -12.60
CA THR A 242 -0.94 -7.31 -13.14
C THR A 242 -0.73 -6.86 -14.57
N ASP A 243 0.52 -6.58 -14.95
N ASP A 243 0.53 -6.61 -14.92
CA ASP A 243 0.87 -6.36 -16.34
CA ASP A 243 0.93 -6.35 -16.30
C ASP A 243 1.68 -7.55 -16.88
C ASP A 243 1.90 -7.44 -16.75
N LEU A 244 1.88 -8.57 -16.05
CA LEU A 244 2.59 -9.78 -16.48
C LEU A 244 1.68 -10.63 -17.34
N PRO A 245 2.27 -11.48 -18.19
CA PRO A 245 1.44 -12.51 -18.81
C PRO A 245 0.75 -13.37 -17.76
N TYR A 246 -0.51 -13.72 -17.98
CA TYR A 246 -1.17 -14.65 -17.09
C TYR A 246 -2.12 -15.55 -17.85
N ILE A 247 -2.31 -16.77 -17.36
CA ILE A 247 -3.21 -17.74 -17.95
C ILE A 247 -4.16 -18.32 -16.90
N TYR A 248 -5.35 -18.71 -17.33
CA TYR A 248 -6.35 -19.28 -16.43
C TYR A 248 -6.15 -20.79 -16.28
N LEU A 249 -6.15 -21.27 -15.05
CA LEU A 249 -6.32 -22.67 -14.76
C LEU A 249 -7.82 -23.05 -14.76
N SER A 250 -8.13 -24.23 -15.27
CA SER A 250 -9.52 -24.65 -15.33
C SER A 250 -9.97 -25.22 -14.00
N ALA A 251 -9.03 -25.67 -13.18
CA ALA A 251 -9.38 -26.27 -11.90
C ALA A 251 -10.26 -27.49 -12.10
N GLY A 252 -11.36 -27.75 -11.42
CA GLY A 252 -12.42 -26.97 -10.76
C GLY A 252 -13.72 -26.97 -11.52
N VAL A 253 -13.62 -27.15 -12.87
CA VAL A 253 -14.80 -27.08 -13.71
C VAL A 253 -14.89 -27.92 -15.02
N SER A 254 -16.11 -27.99 -15.53
CA SER A 254 -16.36 -28.64 -16.81
C SER A 254 -15.77 -27.80 -17.97
N ALA A 255 -15.47 -28.49 -19.04
CA ALA A 255 -14.93 -27.87 -20.23
C ALA A 255 -15.90 -26.83 -20.77
N LYS A 256 -17.20 -27.12 -20.78
CA LYS A 256 -18.18 -26.17 -21.30
C LYS A 256 -18.25 -24.90 -20.44
N LEU A 257 -18.30 -25.07 -19.12
CA LEU A 257 -18.38 -23.91 -18.24
C LEU A 257 -17.10 -23.08 -18.35
N PHE A 258 -15.97 -23.76 -18.45
CA PHE A 258 -14.69 -23.09 -18.62
C PHE A 258 -14.70 -22.28 -19.91
N GLN A 259 -15.19 -22.88 -20.99
CA GLN A 259 -15.24 -22.20 -22.28
C GLN A 259 -16.16 -20.99 -22.23
N ASP A 260 -17.32 -21.14 -21.60
CA ASP A 260 -18.23 -20.01 -21.40
C ASP A 260 -17.58 -18.93 -20.54
N THR A 261 -16.74 -19.36 -19.60
CA THR A 261 -16.06 -18.43 -18.72
C THR A 261 -15.03 -17.62 -19.49
N LEU A 262 -14.32 -18.24 -20.42
CA LEU A 262 -13.36 -17.53 -21.26
C LEU A 262 -14.04 -16.45 -22.10
N VAL A 263 -15.21 -16.78 -22.66
CA VAL A 263 -15.98 -15.83 -23.44
C VAL A 263 -16.38 -14.65 -22.56
N PHE A 264 -16.84 -14.96 -21.35
CA PHE A 264 -17.27 -13.91 -20.42
C PHE A 264 -16.09 -13.02 -20.02
N ALA A 265 -14.93 -13.64 -19.79
CA ALA A 265 -13.72 -12.90 -19.41
C ALA A 265 -13.31 -11.91 -20.50
N ALA A 266 -13.27 -12.37 -21.74
CA ALA A 266 -12.91 -11.50 -22.85
C ALA A 266 -13.91 -10.36 -23.03
N GLU A 267 -15.21 -10.66 -22.95
CA GLU A 267 -16.23 -9.61 -23.13
C GLU A 267 -16.16 -8.57 -22.00
N SER A 268 -15.73 -9.03 -20.83
CA SER A 268 -15.61 -8.17 -19.65
C SER A 268 -14.38 -7.24 -19.73
N GLY A 269 -13.40 -7.62 -20.55
CA GLY A 269 -12.21 -6.81 -20.73
C GLY A 269 -10.90 -7.44 -20.23
N ALA A 270 -10.95 -8.70 -19.81
CA ALA A 270 -9.72 -9.40 -19.43
C ALA A 270 -8.88 -9.71 -20.66
N LYS A 271 -7.63 -9.32 -20.63
CA LYS A 271 -6.71 -9.67 -21.66
C LYS A 271 -5.78 -10.80 -21.21
N PHE A 272 -6.36 -11.94 -20.91
CA PHE A 272 -5.62 -13.10 -20.48
C PHE A 272 -4.90 -13.72 -21.68
N ASN A 273 -3.81 -14.43 -21.40
CA ASN A 273 -2.90 -14.85 -22.48
C ASN A 273 -2.88 -16.35 -22.74
N GLY A 274 -3.91 -17.06 -22.28
CA GLY A 274 -4.02 -18.48 -22.51
C GLY A 274 -4.59 -19.22 -21.34
N VAL A 275 -4.43 -20.54 -21.35
CA VAL A 275 -4.95 -21.40 -20.30
C VAL A 275 -3.99 -22.53 -19.99
N LEU A 276 -4.13 -23.04 -18.77
CA LEU A 276 -3.55 -24.32 -18.42
C LEU A 276 -4.73 -25.23 -18.11
N CYS A 277 -5.05 -26.11 -19.04
CA CYS A 277 -6.23 -26.95 -18.90
C CYS A 277 -5.84 -28.41 -18.90
N GLY A 278 -6.37 -29.15 -17.93
CA GLY A 278 -6.03 -30.56 -17.76
C GLY A 278 -7.24 -31.46 -17.63
N ARG A 279 -7.74 -31.60 -16.42
CA ARG A 279 -8.80 -32.58 -16.13
C ARG A 279 -9.99 -32.43 -17.07
N ALA A 280 -10.39 -31.19 -17.33
CA ALA A 280 -11.51 -30.90 -18.20
C ALA A 280 -11.32 -31.50 -19.60
N THR A 281 -10.07 -31.80 -19.95
CA THR A 281 -9.74 -32.33 -21.27
C THR A 281 -9.58 -33.84 -21.29
N TRP A 282 -8.81 -34.41 -20.35
CA TRP A 282 -8.43 -35.82 -20.43
C TRP A 282 -9.04 -36.75 -19.37
N ALA A 283 -9.86 -36.21 -18.47
CA ALA A 283 -10.40 -36.99 -17.35
C ALA A 283 -11.00 -38.33 -17.75
N GLY A 284 -11.81 -38.33 -18.80
CA GLY A 284 -12.51 -39.54 -19.20
C GLY A 284 -11.60 -40.68 -19.63
N SER A 285 -10.36 -40.34 -19.97
CA SER A 285 -9.41 -41.34 -20.45
C SER A 285 -8.94 -42.28 -19.34
N VAL A 286 -9.06 -41.84 -18.09
CA VAL A 286 -8.56 -42.61 -16.95
C VAL A 286 -9.34 -43.90 -16.81
N LYS A 287 -10.66 -43.77 -16.69
CA LYS A 287 -11.53 -44.93 -16.56
C LYS A 287 -11.37 -45.87 -17.73
N VAL A 288 -11.29 -45.32 -18.93
CA VAL A 288 -11.14 -46.13 -20.14
C VAL A 288 -9.82 -46.90 -20.08
N TYR A 289 -8.74 -46.20 -19.71
CA TYR A 289 -7.41 -46.80 -19.67
C TYR A 289 -7.34 -47.98 -18.69
N ILE A 290 -7.88 -47.81 -17.49
CA ILE A 290 -7.83 -48.85 -16.48
C ILE A 290 -8.71 -50.04 -16.84
N GLU A 291 -9.94 -49.76 -17.26
CA GLU A 291 -10.92 -50.81 -17.50
C GLU A 291 -10.76 -51.50 -18.86
N GLU A 292 -10.34 -50.75 -19.88
CA GLU A 292 -10.30 -51.27 -21.24
C GLU A 292 -8.89 -51.33 -21.82
N GLY A 293 -7.93 -50.68 -21.17
CA GLY A 293 -6.54 -50.76 -21.57
C GLY A 293 -6.06 -49.63 -22.46
N PRO A 294 -4.77 -49.67 -22.82
CA PRO A 294 -4.07 -48.59 -23.55
C PRO A 294 -4.67 -48.24 -24.92
N GLN A 295 -4.89 -49.23 -25.78
CA GLN A 295 -5.36 -48.93 -27.14
C GLN A 295 -6.73 -48.27 -27.10
N ALA A 296 -7.60 -48.74 -26.20
CA ALA A 296 -8.92 -48.13 -26.03
C ALA A 296 -8.78 -46.68 -25.58
N ALA A 297 -7.83 -46.43 -24.69
CA ALA A 297 -7.58 -45.07 -24.20
C ALA A 297 -7.12 -44.17 -25.33
N ARG A 298 -6.27 -44.70 -26.21
CA ARG A 298 -5.80 -43.94 -27.37
C ARG A 298 -7.00 -43.51 -28.20
N GLU A 299 -7.92 -44.45 -28.42
CA GLU A 299 -9.10 -44.19 -29.23
C GLU A 299 -10.00 -43.15 -28.58
N TRP A 300 -10.15 -43.25 -27.26
CA TRP A 300 -10.88 -42.24 -26.51
C TRP A 300 -10.26 -40.87 -26.71
N LEU A 301 -8.93 -40.81 -26.57
CA LEU A 301 -8.20 -39.56 -26.70
C LEU A 301 -8.29 -38.97 -28.10
N ARG A 302 -8.30 -39.83 -29.10
CA ARG A 302 -8.37 -39.43 -30.50
C ARG A 302 -9.74 -38.91 -30.89
N THR A 303 -10.76 -39.21 -30.07
CA THR A 303 -12.13 -38.84 -30.37
C THR A 303 -12.66 -37.81 -29.38
N GLU A 304 -13.12 -38.27 -28.21
CA GLU A 304 -13.66 -37.37 -27.21
C GLU A 304 -12.59 -36.44 -26.64
N GLY A 305 -11.39 -36.98 -26.45
CA GLY A 305 -10.28 -36.18 -25.97
C GLY A 305 -9.99 -35.04 -26.92
N PHE A 306 -9.88 -35.36 -28.20
CA PHE A 306 -9.62 -34.36 -29.22
C PHE A 306 -10.76 -33.33 -29.29
N LYS A 307 -11.99 -33.82 -29.21
CA LYS A 307 -13.16 -32.95 -29.25
C LYS A 307 -13.09 -31.93 -28.10
N ASN A 308 -12.68 -32.37 -26.92
CA ASN A 308 -12.57 -31.48 -25.77
C ASN A 308 -11.58 -30.35 -26.01
N ILE A 309 -10.37 -30.70 -26.44
CA ILE A 309 -9.32 -29.73 -26.59
C ILE A 309 -9.53 -28.88 -27.85
N ASP A 310 -10.14 -29.47 -28.87
CA ASP A 310 -10.41 -28.73 -30.11
C ASP A 310 -11.43 -27.60 -29.88
N GLU A 311 -12.52 -27.90 -29.19
CA GLU A 311 -13.49 -26.87 -28.83
C GLU A 311 -12.83 -25.77 -28.01
N LEU A 312 -11.99 -26.16 -27.06
CA LEU A 312 -11.26 -25.21 -26.24
C LEU A 312 -10.39 -24.30 -27.08
N ASN A 313 -9.68 -24.89 -28.04
CA ASN A 313 -8.78 -24.13 -28.89
C ASN A 313 -9.51 -23.10 -29.72
N LYS A 314 -10.69 -23.46 -30.21
CA LYS A 314 -11.48 -22.54 -31.02
C LYS A 314 -11.91 -21.36 -30.17
N VAL A 315 -12.31 -21.64 -28.92
CA VAL A 315 -12.72 -20.59 -28.01
C VAL A 315 -11.52 -19.71 -27.65
N LEU A 316 -10.38 -20.31 -27.41
CA LEU A 316 -9.19 -19.58 -27.08
C LEU A 316 -8.87 -18.64 -28.20
N ASP A 317 -9.06 -19.09 -29.41
CA ASP A 317 -8.66 -18.36 -30.58
C ASP A 317 -9.37 -17.01 -30.64
N LYS A 318 -10.62 -16.93 -30.24
CA LYS A 318 -11.36 -15.69 -30.26
C LYS A 318 -11.47 -14.92 -28.94
N THR A 319 -10.91 -15.47 -27.89
CA THR A 319 -10.94 -14.87 -26.58
C THR A 319 -9.61 -14.39 -26.00
N ALA A 320 -8.55 -15.12 -26.24
CA ALA A 320 -7.24 -14.83 -25.65
C ALA A 320 -6.52 -13.66 -26.33
N SER A 321 -5.68 -12.96 -25.55
CA SER A 321 -4.83 -11.87 -26.03
C SER A 321 -3.36 -12.31 -26.03
N PRO A 322 -2.55 -11.79 -26.96
CA PRO A 322 -1.13 -12.22 -27.02
C PRO A 322 -0.24 -11.62 -25.93
N TRP A 323 0.62 -12.42 -25.31
CA TRP A 323 1.51 -11.88 -24.27
C TRP A 323 2.59 -11.00 -24.89
N THR A 324 2.77 -11.12 -26.19
CA THR A 324 3.73 -10.31 -26.92
C THR A 324 3.39 -8.82 -26.94
N GLU A 325 2.20 -8.45 -26.44
CA GLU A 325 1.85 -7.04 -26.28
C GLU A 325 2.18 -6.52 -24.87
N LYS A 326 3.03 -7.24 -24.15
CA LYS A 326 3.42 -6.83 -22.80
C LYS A 326 4.92 -6.57 -22.69
N THR B 4 -9.99 0.71 11.23
CA THR B 4 -10.97 0.03 10.40
C THR B 4 -11.25 0.81 9.12
N LEU B 5 -11.78 0.13 8.12
CA LEU B 5 -12.13 0.71 6.86
C LEU B 5 -13.43 0.12 6.39
N THR B 6 -14.20 0.92 5.69
CA THR B 6 -15.37 0.43 5.03
C THR B 6 -14.94 -0.41 3.87
N GLU B 7 -15.88 -1.15 3.35
CA GLU B 7 -15.67 -1.95 2.19
C GLU B 7 -15.10 -1.10 1.06
N ASN B 8 -15.59 -0.10 0.55
N ASN B 8 -15.58 -0.08 0.58
CA ASN B 8 -15.03 0.67 -0.56
CA ASN B 8 -15.08 0.70 -0.54
C ASN B 8 -13.74 1.38 -0.24
C ASN B 8 -13.77 1.43 -0.24
N LYS B 9 -13.59 1.82 0.93
CA LYS B 9 -12.36 2.48 1.33
C LYS B 9 -11.16 1.51 1.32
N ARG B 10 -11.38 0.28 1.79
CA ARG B 10 -10.37 -0.75 1.74
C ARG B 10 -10.01 -1.06 0.31
N LYS B 11 -11.00 -1.20 -0.54
CA LYS B 11 -10.76 -1.51 -1.94
C LYS B 11 -9.97 -0.40 -2.62
N SER B 12 -10.30 0.80 -2.27
CA SER B 12 -9.58 1.94 -2.76
C SER B 12 -8.12 1.91 -2.25
N MET B 13 -7.93 1.62 -0.98
CA MET B 13 -6.58 1.55 -0.42
C MET B 13 -5.76 0.48 -1.13
N GLU B 14 -6.40 -0.66 -1.43
CA GLU B 14 -5.75 -1.74 -2.15
C GLU B 14 -5.31 -1.31 -3.54
N LYS B 15 -6.14 -0.53 -4.20
CA LYS B 15 -5.84 -0.07 -5.55
C LYS B 15 -4.67 0.90 -5.54
N LEU B 16 -4.41 1.52 -4.39
CA LEU B 16 -3.33 2.49 -4.27
C LEU B 16 -2.03 1.83 -3.82
N SER B 17 -2.12 0.54 -3.50
CA SER B 17 -1.04 -0.20 -2.81
C SER B 17 -0.63 -1.48 -3.52
N VAL B 18 0.54 -2.00 -3.16
CA VAL B 18 0.94 -3.37 -3.50
C VAL B 18 1.51 -4.05 -2.25
N ASP B 19 0.90 -5.16 -1.84
CA ASP B 19 1.32 -5.90 -0.64
C ASP B 19 1.43 -4.95 0.55
N GLY B 20 0.46 -4.05 0.67
CA GLY B 20 0.39 -3.16 1.81
C GLY B 20 1.34 -1.98 1.80
N VAL B 21 2.02 -1.77 0.67
CA VAL B 21 2.96 -0.66 0.53
C VAL B 21 2.54 0.29 -0.58
N ILE B 22 2.56 1.57 -0.25
CA ILE B 22 2.19 2.64 -1.18
C ILE B 22 3.45 3.21 -1.81
N SER B 23 3.60 3.00 -3.12
CA SER B 23 4.72 3.58 -3.86
C SER B 23 4.14 4.59 -4.83
N ALA B 24 3.84 5.77 -4.29
CA ALA B 24 3.09 6.78 -5.02
C ALA B 24 3.99 7.77 -5.72
N LEU B 25 3.73 7.94 -7.01
CA LEU B 25 4.37 8.96 -7.82
C LEU B 25 3.63 10.28 -7.66
N ALA B 26 4.33 11.32 -7.23
CA ALA B 26 3.69 12.61 -6.96
C ALA B 26 3.95 13.60 -8.11
N PHE B 27 2.88 14.07 -8.73
CA PHE B 27 3.01 15.10 -9.76
C PHE B 27 1.79 16.01 -9.79
N ASP B 28 1.38 16.51 -8.63
CA ASP B 28 0.26 17.45 -8.58
C ASP B 28 0.77 18.90 -8.59
N GLN B 29 2.07 19.08 -8.81
CA GLN B 29 2.65 20.42 -8.87
C GLN B 29 2.02 21.24 -9.98
N ARG B 30 1.77 22.50 -9.68
CA ARG B 30 1.12 23.40 -10.61
C ARG B 30 1.98 24.64 -10.84
N GLY B 31 1.81 25.64 -9.99
CA GLY B 31 2.64 26.83 -10.05
C GLY B 31 4.12 26.48 -9.99
N ALA B 32 4.46 25.53 -9.11
CA ALA B 32 5.85 25.10 -8.96
C ALA B 32 6.39 24.51 -10.25
N LEU B 33 5.58 23.71 -10.94
CA LEU B 33 6.01 23.09 -12.20
C LEU B 33 6.15 24.14 -13.29
N LYS B 34 5.21 25.08 -13.32
CA LYS B 34 5.23 26.16 -14.29
C LYS B 34 6.50 27.00 -14.17
N ARG B 35 6.92 27.31 -12.95
CA ARG B 35 8.13 28.08 -12.73
C ARG B 35 9.37 27.30 -13.19
N MET B 36 9.34 25.98 -13.03
CA MET B 36 10.43 25.14 -13.53
C MET B 36 10.53 25.23 -15.04
N MET B 37 9.39 25.19 -15.71
CA MET B 37 9.36 25.19 -17.17
C MET B 37 9.81 26.54 -17.68
N ALA B 38 9.44 27.58 -16.92
CA ALA B 38 9.68 28.96 -17.33
C ALA B 38 11.17 29.27 -17.34
N GLN B 39 11.97 28.43 -16.72
CA GLN B 39 13.41 28.66 -16.66
C GLN B 39 14.08 28.35 -18.01
N HIS B 40 13.37 27.63 -18.87
CA HIS B 40 13.99 27.08 -20.07
C HIS B 40 13.41 27.58 -21.40
N GLN B 41 12.48 28.53 -21.34
CA GLN B 41 11.93 29.12 -22.55
C GLN B 41 11.53 30.56 -22.30
N THR B 42 11.31 31.30 -23.37
CA THR B 42 11.00 32.73 -23.28
C THR B 42 9.52 32.93 -23.05
N LYS B 43 8.69 32.20 -23.79
CA LYS B 43 7.25 32.35 -23.66
C LYS B 43 6.76 31.74 -22.35
N GLU B 44 5.66 32.30 -21.82
CA GLU B 44 5.00 31.74 -20.65
C GLU B 44 4.60 30.29 -20.90
N PRO B 45 4.85 29.39 -19.95
CA PRO B 45 4.40 28.01 -20.20
C PRO B 45 2.88 27.96 -20.38
N THR B 46 2.41 27.17 -21.34
CA THR B 46 0.99 27.14 -21.69
C THR B 46 0.28 26.01 -20.96
N VAL B 47 -1.05 26.11 -20.88
CA VAL B 47 -1.88 25.06 -20.33
C VAL B 47 -1.60 23.75 -21.06
N GLU B 48 -1.45 23.85 -22.38
CA GLU B 48 -1.19 22.68 -23.22
C GLU B 48 0.10 21.98 -22.81
N GLN B 49 1.15 22.77 -22.54
CA GLN B 49 2.44 22.21 -22.18
C GLN B 49 2.37 21.49 -20.84
N ILE B 50 1.75 22.14 -19.86
CA ILE B 50 1.59 21.57 -18.53
C ILE B 50 0.81 20.25 -18.55
N GLU B 51 -0.29 20.24 -19.27
CA GLU B 51 -1.10 19.03 -19.38
C GLU B 51 -0.33 17.90 -20.05
N GLU B 52 0.48 18.24 -21.05
CA GLU B 52 1.19 17.22 -21.81
C GLU B 52 2.29 16.57 -20.97
N LEU B 53 3.08 17.38 -20.27
CA LEU B 53 4.20 16.82 -19.51
C LEU B 53 3.65 15.92 -18.41
N LYS B 54 2.53 16.33 -17.81
CA LYS B 54 1.90 15.49 -16.81
C LYS B 54 1.43 14.17 -17.43
N SER B 55 0.92 14.22 -18.65
CA SER B 55 0.49 13.00 -19.32
C SER B 55 1.68 12.08 -19.64
N LEU B 56 2.80 12.68 -20.03
CA LEU B 56 4.00 11.89 -20.34
C LEU B 56 4.53 11.20 -19.10
N VAL B 57 4.66 11.92 -18.00
CA VAL B 57 5.14 11.34 -16.75
C VAL B 57 4.20 10.23 -16.30
N SER B 58 2.90 10.49 -16.40
CA SER B 58 1.92 9.48 -16.01
C SER B 58 2.06 8.22 -16.87
N GLU B 59 2.09 8.37 -18.20
CA GLU B 59 2.18 7.21 -19.09
C GLU B 59 3.46 6.42 -18.93
N GLU B 60 4.58 7.12 -18.76
CA GLU B 60 5.88 6.46 -18.78
C GLU B 60 6.29 5.86 -17.43
N LEU B 61 5.87 6.48 -16.32
CA LEU B 61 6.36 6.06 -15.02
C LEU B 61 5.35 5.31 -14.15
N THR B 62 4.06 5.42 -14.45
CA THR B 62 3.08 4.73 -13.59
C THR B 62 3.21 3.20 -13.70
N PRO B 63 3.85 2.68 -14.75
CA PRO B 63 4.08 1.23 -14.65
C PRO B 63 4.95 0.81 -13.49
N PHE B 64 5.65 1.75 -12.85
CA PHE B 64 6.61 1.43 -11.79
C PHE B 64 6.19 1.98 -10.43
N ALA B 65 4.93 2.40 -10.35
CA ALA B 65 4.33 2.94 -9.13
C ALA B 65 3.02 2.22 -8.81
N SER B 66 2.66 2.16 -7.53
CA SER B 66 1.39 1.57 -7.12
C SER B 66 0.26 2.57 -7.34
N SER B 67 0.61 3.85 -7.46
CA SER B 67 -0.41 4.88 -7.69
C SER B 67 0.27 6.18 -8.09
N ILE B 68 -0.53 7.13 -8.57
CA ILE B 68 -0.03 8.44 -8.93
C ILE B 68 -0.94 9.53 -8.38
N LEU B 69 -0.31 10.57 -7.85
CA LEU B 69 -1.00 11.76 -7.37
C LEU B 69 -0.96 12.82 -8.44
N LEU B 70 -2.14 13.25 -8.87
CA LEU B 70 -2.26 14.31 -9.85
C LEU B 70 -3.17 15.41 -9.33
N ASP B 71 -3.11 16.57 -9.97
CA ASP B 71 -3.99 17.68 -9.64
C ASP B 71 -5.16 17.70 -10.62
N PRO B 72 -6.38 18.06 -10.16
CA PRO B 72 -7.55 18.14 -11.05
C PRO B 72 -7.49 19.27 -12.06
N GLU B 73 -6.64 20.26 -11.82
CA GLU B 73 -6.61 21.46 -12.67
C GLU B 73 -5.97 21.19 -14.03
N TYR B 74 -4.82 20.52 -14.03
CA TYR B 74 -4.08 20.20 -15.25
C TYR B 74 -3.93 18.70 -15.48
N GLY B 75 -4.26 17.90 -14.47
CA GLY B 75 -3.87 16.51 -14.45
C GLY B 75 -4.89 15.49 -14.90
N LEU B 76 -6.08 15.92 -15.31
CA LEU B 76 -7.13 14.95 -15.63
C LEU B 76 -6.80 14.12 -16.88
N PRO B 77 -6.33 14.76 -17.96
CA PRO B 77 -5.92 13.93 -19.10
C PRO B 77 -4.83 12.91 -18.72
N ALA B 78 -3.89 13.35 -17.89
CA ALA B 78 -2.80 12.49 -17.45
C ALA B 78 -3.36 11.31 -16.67
N SER B 79 -4.39 11.56 -15.87
CA SER B 79 -4.97 10.50 -15.06
C SER B 79 -5.57 9.41 -15.95
N ARG B 80 -6.03 9.79 -17.14
CA ARG B 80 -6.71 8.87 -18.05
C ARG B 80 -5.75 7.96 -18.82
N VAL B 81 -4.46 8.28 -18.80
CA VAL B 81 -3.46 7.47 -19.50
C VAL B 81 -2.49 6.80 -18.54
N ARG B 82 -2.78 6.81 -17.24
CA ARG B 82 -1.96 6.09 -16.30
C ARG B 82 -2.11 4.58 -16.53
N SER B 83 -1.11 3.82 -16.11
N SER B 83 -1.10 3.81 -16.15
CA SER B 83 -1.16 2.36 -16.20
CA SER B 83 -1.15 2.36 -16.26
C SER B 83 -2.41 1.86 -15.50
C SER B 83 -2.37 1.84 -15.49
N GLU B 84 -3.06 0.85 -16.06
CA GLU B 84 -4.30 0.37 -15.48
C GLU B 84 -4.02 -0.25 -14.11
N GLU B 85 -2.77 -0.64 -13.85
CA GLU B 85 -2.44 -1.25 -12.57
C GLU B 85 -2.22 -0.22 -11.46
N ALA B 86 -2.17 1.07 -11.81
CA ALA B 86 -1.88 2.14 -10.84
C ALA B 86 -3.13 2.89 -10.41
N GLY B 87 -3.26 3.13 -9.11
CA GLY B 87 -4.39 3.88 -8.59
C GLY B 87 -4.19 5.37 -8.77
N LEU B 88 -5.24 6.14 -8.50
CA LEU B 88 -5.22 7.58 -8.69
C LEU B 88 -5.57 8.32 -7.40
N LEU B 89 -4.76 9.28 -7.04
CA LEU B 89 -5.07 10.29 -6.02
C LEU B 89 -5.15 11.66 -6.70
N LEU B 90 -6.13 12.44 -6.29
CA LEU B 90 -6.28 13.80 -6.75
C LEU B 90 -6.16 14.85 -5.64
N ALA B 91 -5.37 15.87 -5.88
CA ALA B 91 -5.23 16.99 -4.97
C ALA B 91 -6.50 17.86 -4.85
N TYR B 92 -6.82 18.28 -3.67
CA TYR B 92 -8.01 19.04 -3.38
C TYR B 92 -7.73 20.48 -2.97
N GLU B 93 -6.49 20.76 -2.60
CA GLU B 93 -6.08 22.05 -2.11
C GLU B 93 -5.60 23.00 -3.15
N LYS B 94 -5.87 24.26 -2.92
CA LYS B 94 -5.19 25.33 -3.59
C LYS B 94 -3.72 25.38 -3.15
N THR B 95 -2.85 25.68 -4.09
CA THR B 95 -1.43 25.71 -3.87
C THR B 95 -0.92 26.92 -3.09
N GLY B 96 0.18 26.74 -2.40
CA GLY B 96 0.92 27.82 -1.81
C GLY B 96 0.36 28.40 -0.52
N TYR B 97 0.88 29.55 -0.15
CA TYR B 97 0.39 30.25 1.04
C TYR B 97 0.77 31.72 0.92
N ASP B 98 0.07 32.56 1.69
CA ASP B 98 0.38 33.98 1.73
C ASP B 98 1.69 34.20 2.51
N ALA B 99 2.70 34.70 1.82
CA ALA B 99 4.01 34.90 2.43
C ALA B 99 4.03 36.10 3.36
N THR B 100 3.03 36.98 3.25
CA THR B 100 3.01 38.19 4.06
C THR B 100 2.42 37.95 5.45
N THR B 101 1.88 36.76 5.68
CA THR B 101 1.36 36.39 7.00
C THR B 101 1.89 35.00 7.39
N THR B 102 1.72 34.62 8.65
CA THR B 102 2.26 33.37 9.16
C THR B 102 1.21 32.27 9.32
N SER B 103 -0.04 32.55 8.93
CA SER B 103 -1.14 31.64 9.23
C SER B 103 -1.23 30.44 8.28
N ARG B 104 -0.78 30.62 7.04
CA ARG B 104 -0.79 29.57 6.01
C ARG B 104 -2.08 28.76 6.01
N LEU B 105 -3.21 29.46 5.90
CA LEU B 105 -4.52 28.82 6.01
C LEU B 105 -4.88 27.97 4.79
N PRO B 106 -5.56 26.84 5.03
CA PRO B 106 -5.93 25.94 3.93
C PRO B 106 -7.16 26.41 3.16
N ASP B 107 -7.25 26.02 1.89
CA ASP B 107 -8.39 26.40 1.07
C ASP B 107 -8.54 25.38 -0.05
N CYS B 108 -9.73 24.78 -0.16
CA CYS B 108 -10.02 23.81 -1.22
C CYS B 108 -10.17 24.48 -2.58
N LEU B 109 -9.83 23.74 -3.63
CA LEU B 109 -10.04 24.22 -5.00
C LEU B 109 -11.51 24.61 -5.19
N ASP B 110 -11.72 25.78 -5.80
CA ASP B 110 -13.03 26.40 -5.85
C ASP B 110 -14.13 25.57 -6.49
N VAL B 111 -13.83 24.82 -7.56
CA VAL B 111 -14.91 24.11 -8.24
C VAL B 111 -14.86 22.61 -7.97
N TRP B 112 -14.22 22.22 -6.87
CA TRP B 112 -14.12 20.80 -6.53
C TRP B 112 -14.75 20.50 -5.17
N SER B 113 -15.09 19.23 -5.02
CA SER B 113 -15.66 18.67 -3.80
C SER B 113 -15.13 17.24 -3.74
N ALA B 114 -15.21 16.60 -2.56
CA ALA B 114 -14.84 15.20 -2.46
C ALA B 114 -15.66 14.35 -3.44
N LYS B 115 -16.93 14.71 -3.60
CA LYS B 115 -17.81 14.01 -4.52
C LYS B 115 -17.31 14.13 -5.96
N ARG B 116 -16.90 15.34 -6.35
CA ARG B 116 -16.40 15.56 -7.70
C ARG B 116 -15.07 14.83 -7.94
N ILE B 117 -14.24 14.78 -6.92
CA ILE B 117 -12.96 14.08 -7.02
C ILE B 117 -13.21 12.60 -7.25
N LYS B 118 -14.14 12.02 -6.49
CA LYS B 118 -14.55 10.64 -6.69
C LYS B 118 -15.13 10.43 -8.09
N GLU B 119 -15.97 11.36 -8.52
CA GLU B 119 -16.59 11.26 -9.83
C GLU B 119 -15.57 11.33 -10.96
N ALA B 120 -14.44 11.99 -10.69
CA ALA B 120 -13.36 12.10 -11.67
C ALA B 120 -12.45 10.85 -11.68
N GLY B 121 -12.78 9.84 -10.89
CA GLY B 121 -12.12 8.55 -10.96
C GLY B 121 -11.02 8.31 -9.94
N ALA B 122 -10.88 9.21 -8.98
CA ALA B 122 -9.86 9.07 -7.95
C ALA B 122 -10.19 7.95 -6.95
N GLU B 123 -9.16 7.29 -6.47
CA GLU B 123 -9.30 6.34 -5.37
C GLU B 123 -8.93 6.99 -4.04
N ALA B 124 -8.56 8.27 -4.06
CA ALA B 124 -8.30 9.00 -2.84
C ALA B 124 -8.35 10.50 -3.05
N VAL B 125 -8.78 11.18 -1.99
CA VAL B 125 -8.67 12.61 -1.87
C VAL B 125 -7.38 12.96 -1.14
N LYS B 126 -6.55 13.79 -1.77
CA LYS B 126 -5.33 14.27 -1.13
C LYS B 126 -5.53 15.74 -0.78
N PHE B 127 -5.12 16.13 0.43
CA PHE B 127 -5.14 17.52 0.84
C PHE B 127 -3.87 17.89 1.62
N LEU B 128 -3.25 19.01 1.22
CA LEU B 128 -2.03 19.50 1.89
C LEU B 128 -2.37 20.57 2.92
N LEU B 129 -1.93 20.33 4.15
CA LEU B 129 -2.11 21.28 5.24
C LEU B 129 -0.76 21.71 5.78
N TYR B 130 -0.54 23.03 5.87
CA TYR B 130 0.59 23.56 6.61
C TYR B 130 0.25 23.68 8.08
N TYR B 131 1.09 23.16 8.96
CA TYR B 131 0.75 23.16 10.39
C TYR B 131 1.93 23.44 11.29
N ASP B 132 1.77 24.44 12.15
CA ASP B 132 2.70 24.73 13.24
C ASP B 132 1.99 24.46 14.55
N ILE B 133 2.28 23.31 15.15
CA ILE B 133 1.67 22.87 16.40
C ILE B 133 1.81 23.95 17.49
N ASP B 134 2.88 24.74 17.41
CA ASP B 134 3.13 25.76 18.43
C ASP B 134 2.57 27.12 18.01
N GLY B 135 1.83 27.15 16.89
CA GLY B 135 1.38 28.41 16.33
C GLY B 135 0.16 29.00 17.01
N ASP B 136 -0.38 30.07 16.41
CA ASP B 136 -1.52 30.74 16.98
C ASP B 136 -2.69 29.78 17.17
N GLN B 137 -3.24 29.73 18.37
CA GLN B 137 -4.25 28.71 18.67
C GLN B 137 -5.55 28.90 17.87
N ASP B 138 -5.92 30.14 17.55
CA ASP B 138 -7.13 30.38 16.79
C ASP B 138 -6.96 29.95 15.35
N VAL B 139 -5.77 30.21 14.80
CA VAL B 139 -5.40 29.70 13.47
C VAL B 139 -5.54 28.19 13.43
N ASN B 140 -5.01 27.53 14.46
CA ASN B 140 -5.06 26.08 14.48
C ASN B 140 -6.47 25.54 14.69
N GLU B 141 -7.30 26.31 15.39
CA GLU B 141 -8.69 25.90 15.54
C GLU B 141 -9.37 25.93 14.17
N GLN B 142 -9.06 26.95 13.38
CA GLN B 142 -9.59 27.08 12.03
C GLN B 142 -9.10 25.97 11.12
N LYS B 143 -7.83 25.60 11.26
CA LYS B 143 -7.26 24.53 10.47
C LYS B 143 -7.92 23.20 10.83
N LYS B 144 -8.09 22.94 12.13
CA LYS B 144 -8.73 21.71 12.55
C LYS B 144 -10.19 21.64 12.08
N ALA B 145 -10.92 22.74 12.20
CA ALA B 145 -12.29 22.77 11.69
C ALA B 145 -12.33 22.42 10.20
N TYR B 146 -11.39 22.95 9.43
CA TYR B 146 -11.36 22.74 7.99
C TYR B 146 -11.13 21.28 7.67
N ILE B 147 -10.18 20.65 8.37
CA ILE B 147 -9.89 19.25 8.13
C ILE B 147 -11.06 18.36 8.55
N GLU B 148 -11.78 18.74 9.60
CA GLU B 148 -12.97 17.99 10.00
C GLU B 148 -13.99 17.95 8.85
N ARG B 149 -14.16 19.09 8.17
CA ARG B 149 -15.10 19.17 7.05
C ARG B 149 -14.71 18.18 5.95
N ILE B 150 -13.43 18.17 5.60
CA ILE B 150 -12.93 17.33 4.52
C ILE B 150 -13.04 15.86 4.89
N GLY B 151 -12.65 15.52 6.13
CA GLY B 151 -12.78 14.16 6.61
C GLY B 151 -14.21 13.68 6.59
N SER B 152 -15.14 14.57 6.92
CA SER B 152 -16.55 14.23 6.90
C SER B 152 -17.02 14.00 5.45
N GLU B 153 -16.60 14.88 4.53
CA GLU B 153 -16.88 14.71 3.11
C GLU B 153 -16.48 13.33 2.64
N CYS B 154 -15.25 12.97 2.98
CA CYS B 154 -14.67 11.72 2.49
C CYS B 154 -15.36 10.51 3.10
N ARG B 155 -15.81 10.65 4.34
CA ARG B 155 -16.59 9.59 4.95
C ARG B 155 -17.90 9.39 4.20
N ALA B 156 -18.56 10.50 3.88
CA ALA B 156 -19.86 10.44 3.18
C ALA B 156 -19.72 9.87 1.78
N GLU B 157 -18.68 10.30 1.08
CA GLU B 157 -18.43 9.87 -0.29
C GLU B 157 -17.70 8.52 -0.32
N ASP B 158 -17.26 8.07 0.84
CA ASP B 158 -16.67 6.74 1.01
C ASP B 158 -15.40 6.59 0.16
N ILE B 159 -14.53 7.59 0.26
CA ILE B 159 -13.28 7.64 -0.49
C ILE B 159 -12.13 7.95 0.49
N PRO B 160 -11.00 7.21 0.40
CA PRO B 160 -9.89 7.46 1.34
C PRO B 160 -9.42 8.92 1.41
N PHE B 161 -9.14 9.38 2.62
CA PHE B 161 -8.65 10.74 2.84
C PHE B 161 -7.16 10.66 3.15
N TYR B 162 -6.34 11.15 2.21
CA TYR B 162 -4.88 11.23 2.37
C TYR B 162 -4.50 12.64 2.76
N LEU B 163 -4.07 12.83 4.00
CA LEU B 163 -3.71 14.15 4.50
C LEU B 163 -2.19 14.34 4.50
N GLN B 164 -1.73 15.33 3.75
CA GLN B 164 -0.32 15.70 3.75
C GLN B 164 -0.09 16.84 4.74
N ILE B 165 0.85 16.65 5.65
CA ILE B 165 1.20 17.69 6.61
C ILE B 165 2.60 18.20 6.31
N LEU B 166 2.72 19.49 6.06
CA LEU B 166 4.02 20.14 5.99
C LEU B 166 4.17 21.05 7.20
N THR B 167 5.21 20.83 7.99
CA THR B 167 5.36 21.62 9.20
C THR B 167 6.15 22.88 8.93
N TYR B 168 5.95 23.86 9.81
CA TYR B 168 6.70 25.10 9.78
C TYR B 168 6.64 25.72 11.16
N ASP B 169 7.36 26.83 11.32
CA ASP B 169 7.32 27.61 12.55
C ASP B 169 7.05 29.03 12.15
N GLU B 170 6.06 29.65 12.77
CA GLU B 170 5.67 31.02 12.46
C GLU B 170 6.84 32.00 12.55
N LYS B 171 7.81 31.68 13.40
CA LYS B 171 8.90 32.60 13.70
C LYS B 171 10.23 32.23 13.00
N ILE B 172 10.22 31.14 12.23
CA ILE B 172 11.42 30.72 11.50
C ILE B 172 11.21 30.76 9.98
N ALA B 173 12.00 31.58 9.30
CA ALA B 173 11.84 31.79 7.86
C ALA B 173 12.23 30.58 7.01
N ASP B 174 13.31 29.90 7.38
CA ASP B 174 13.89 28.83 6.55
C ASP B 174 13.76 27.48 7.25
N ASN B 175 12.99 26.56 6.67
CA ASN B 175 12.81 25.25 7.26
C ASN B 175 14.04 24.36 7.11
N ALA B 176 15.01 24.80 6.32
CA ALA B 176 16.25 24.04 6.14
C ALA B 176 17.34 24.51 7.09
N SER B 177 17.02 25.49 7.92
CA SER B 177 17.99 26.06 8.84
C SER B 177 18.22 25.13 10.03
N PRO B 178 19.39 25.24 10.68
CA PRO B 178 19.61 24.46 11.90
C PRO B 178 18.60 24.80 12.99
N GLU B 179 18.12 26.05 12.99
CA GLU B 179 17.16 26.48 13.99
C GLU B 179 15.87 25.65 13.88
N PHE B 180 15.39 25.42 12.66
CA PHE B 180 14.19 24.61 12.49
C PHE B 180 14.51 23.13 12.75
N ALA B 181 15.72 22.70 12.41
CA ALA B 181 16.11 21.31 12.58
C ALA B 181 15.93 20.88 14.04
N LYS B 182 16.23 21.79 14.95
CA LYS B 182 16.15 21.51 16.38
C LYS B 182 14.72 21.25 16.88
N VAL B 183 13.72 21.77 16.17
CA VAL B 183 12.33 21.62 16.60
C VAL B 183 11.50 20.77 15.64
N LYS B 184 12.11 20.30 14.56
CA LYS B 184 11.36 19.59 13.52
C LYS B 184 10.63 18.34 14.04
N ALA B 185 11.30 17.53 14.86
CA ALA B 185 10.71 16.30 15.36
C ALA B 185 9.43 16.60 16.12
N HIS B 186 9.48 17.66 16.94
CA HIS B 186 8.31 18.12 17.68
C HIS B 186 7.18 18.56 16.74
N LYS B 187 7.51 19.35 15.73
CA LYS B 187 6.51 19.85 14.77
C LYS B 187 5.79 18.71 14.05
N VAL B 188 6.59 17.74 13.59
CA VAL B 188 6.06 16.65 12.78
C VAL B 188 5.26 15.65 13.62
N ASN B 189 5.87 15.16 14.69
CA ASN B 189 5.25 14.11 15.48
C ASN B 189 3.99 14.56 16.22
N GLU B 190 3.99 15.77 16.77
CA GLU B 190 2.79 16.25 17.46
C GLU B 190 1.67 16.53 16.48
N ALA B 191 1.99 17.00 15.28
CA ALA B 191 0.98 17.23 14.25
C ALA B 191 0.34 15.91 13.84
N MET B 192 1.17 14.88 13.72
CA MET B 192 0.67 13.55 13.40
C MET B 192 -0.29 13.03 14.46
N LYS B 193 0.04 13.27 15.73
CA LYS B 193 -0.83 12.82 16.81
C LYS B 193 -2.18 13.54 16.77
N VAL B 194 -2.17 14.85 16.55
CA VAL B 194 -3.41 15.59 16.49
C VAL B 194 -4.31 15.03 15.38
N PHE B 195 -3.75 14.87 14.19
CA PHE B 195 -4.57 14.55 13.04
C PHE B 195 -4.80 13.06 12.85
N SER B 196 -4.37 12.28 13.82
CA SER B 196 -4.74 10.87 13.93
C SER B 196 -6.03 10.72 14.75
N LYS B 197 -6.52 11.81 15.34
CA LYS B 197 -7.77 11.73 16.08
C LYS B 197 -8.90 11.32 15.13
N GLU B 198 -9.83 10.57 15.63
CA GLU B 198 -10.90 10.04 14.83
C GLU B 198 -11.70 11.15 14.15
N ARG B 199 -11.85 12.27 14.83
CA ARG B 199 -12.72 13.33 14.31
C ARG B 199 -12.24 13.91 12.97
N PHE B 200 -11.00 13.65 12.58
CA PHE B 200 -10.48 14.23 11.34
C PHE B 200 -10.63 13.29 10.13
N GLY B 201 -10.97 12.02 10.39
CA GLY B 201 -11.35 11.10 9.32
C GLY B 201 -10.23 10.73 8.36
N VAL B 202 -9.00 10.84 8.82
CA VAL B 202 -7.84 10.56 7.95
C VAL B 202 -7.63 9.07 7.81
N ASP B 203 -7.37 8.64 6.59
CA ASP B 203 -7.04 7.28 6.29
C ASP B 203 -5.52 6.99 6.17
N VAL B 204 -4.82 7.89 5.54
CA VAL B 204 -3.39 7.87 5.45
C VAL B 204 -2.78 9.25 5.65
N LEU B 205 -1.73 9.31 6.44
CA LEU B 205 -0.96 10.52 6.65
C LEU B 205 0.27 10.54 5.77
N LYS B 206 0.46 11.63 5.07
CA LYS B 206 1.67 11.84 4.33
C LYS B 206 2.49 12.91 5.01
N VAL B 207 3.66 12.49 5.46
CA VAL B 207 4.50 13.26 6.35
C VAL B 207 5.99 13.27 6.05
N GLU B 208 6.63 14.30 6.57
CA GLU B 208 8.05 14.48 6.57
C GLU B 208 8.69 13.47 7.51
N VAL B 209 9.92 13.12 7.25
CA VAL B 209 10.72 12.42 8.22
C VAL B 209 10.97 13.39 9.37
N PRO B 210 11.02 12.91 10.60
CA PRO B 210 11.02 13.80 11.77
C PRO B 210 12.39 14.38 12.11
N VAL B 211 13.34 14.32 11.19
CA VAL B 211 14.67 14.87 11.41
C VAL B 211 15.25 15.40 10.10
N ASN B 212 16.04 16.46 10.20
CA ASN B 212 16.80 16.94 9.06
C ASN B 212 18.11 16.16 9.01
N MET B 213 18.17 15.14 8.15
CA MET B 213 19.29 14.20 8.15
C MET B 213 20.63 14.89 7.84
N LYS B 214 20.56 16.08 7.22
CA LYS B 214 21.78 16.81 6.87
C LYS B 214 22.55 17.29 8.10
N PHE B 215 21.94 17.17 9.28
CA PHE B 215 22.57 17.58 10.53
C PHE B 215 22.87 16.39 11.45
N VAL B 216 22.71 15.18 10.93
CA VAL B 216 22.91 13.95 11.70
C VAL B 216 24.26 13.30 11.44
N GLU B 217 24.87 12.77 12.49
CA GLU B 217 26.17 12.10 12.42
C GLU B 217 26.24 11.08 11.29
N GLY B 218 27.25 11.20 10.44
CA GLY B 218 27.43 10.25 9.36
C GLY B 218 26.80 10.68 8.05
N PHE B 219 25.78 11.53 8.14
CA PHE B 219 25.11 12.04 6.95
C PHE B 219 25.49 13.49 6.71
N ALA B 220 26.03 14.15 7.74
CA ALA B 220 26.25 15.59 7.70
C ALA B 220 27.60 15.94 7.08
N ASP B 221 27.56 16.87 6.12
CA ASP B 221 28.77 17.40 5.52
C ASP B 221 29.34 18.50 6.39
N GLY B 222 28.44 19.28 7.01
CA GLY B 222 28.84 20.38 7.87
C GLY B 222 28.56 20.10 9.33
N GLU B 223 27.88 21.04 9.99
CA GLU B 223 27.58 20.93 11.41
C GLU B 223 26.75 19.69 11.75
N VAL B 224 27.05 19.11 12.91
CA VAL B 224 26.30 17.97 13.44
C VAL B 224 25.49 18.39 14.65
N LEU B 225 24.18 18.22 14.57
CA LEU B 225 23.29 18.59 15.66
C LEU B 225 22.83 17.38 16.47
N PHE B 226 22.77 16.22 15.81
CA PHE B 226 22.23 15.02 16.44
C PHE B 226 23.14 13.81 16.22
N THR B 227 23.23 12.96 17.23
CA THR B 227 23.87 11.66 17.08
C THR B 227 22.95 10.73 16.33
N LYS B 228 23.45 9.60 15.85
CA LYS B 228 22.56 8.66 15.18
C LYS B 228 21.48 8.14 16.12
N GLU B 229 21.83 7.94 17.39
CA GLU B 229 20.87 7.40 18.34
C GLU B 229 19.74 8.42 18.58
N GLU B 230 20.11 9.70 18.57
CA GLU B 230 19.12 10.76 18.73
C GLU B 230 18.18 10.78 17.52
N ALA B 231 18.73 10.70 16.32
CA ALA B 231 17.93 10.64 15.10
C ALA B 231 17.02 9.42 15.11
N ALA B 232 17.60 8.28 15.47
CA ALA B 232 16.85 7.02 15.54
C ALA B 232 15.67 7.15 16.49
N GLN B 233 15.88 7.82 17.62
CA GLN B 233 14.80 7.98 18.60
C GLN B 233 13.66 8.82 18.03
N ALA B 234 13.99 9.79 17.20
CA ALA B 234 12.98 10.65 16.59
C ALA B 234 12.06 9.83 15.69
N PHE B 235 12.63 8.83 15.04
CA PHE B 235 11.83 7.95 14.18
C PHE B 235 10.91 7.06 15.00
N ARG B 236 11.40 6.55 16.13
CA ARG B 236 10.56 5.72 16.99
C ARG B 236 9.44 6.53 17.64
N ASP B 237 9.74 7.77 18.01
CA ASP B 237 8.71 8.67 18.55
C ASP B 237 7.64 8.93 17.49
N GLN B 238 8.06 9.05 16.23
CA GLN B 238 7.12 9.26 15.15
C GLN B 238 6.19 8.07 14.99
N GLU B 239 6.79 6.89 14.98
CA GLU B 239 6.00 5.66 14.90
C GLU B 239 5.03 5.56 16.07
N ALA B 240 5.41 6.10 17.23
CA ALA B 240 4.56 6.04 18.42
C ALA B 240 3.52 7.16 18.43
N SER B 241 3.51 8.00 17.40
CA SER B 241 2.60 9.15 17.35
C SER B 241 1.29 8.83 16.64
N THR B 242 1.24 7.69 15.95
CA THR B 242 0.06 7.33 15.19
C THR B 242 -0.06 5.82 15.00
N ASP B 243 -1.32 5.38 14.90
CA ASP B 243 -1.65 4.01 14.55
C ASP B 243 -2.18 3.95 13.11
N LEU B 244 -2.25 5.11 12.47
CA LEU B 244 -2.66 5.18 11.08
C LEU B 244 -1.54 4.79 10.15
N PRO B 245 -1.88 4.30 8.96
CA PRO B 245 -0.86 4.18 7.92
C PRO B 245 -0.21 5.53 7.65
N TYR B 246 1.09 5.56 7.41
CA TYR B 246 1.71 6.82 7.02
C TYR B 246 2.82 6.58 6.03
N ILE B 247 3.05 7.54 5.18
CA ILE B 247 4.06 7.49 4.17
C ILE B 247 4.90 8.74 4.20
N TYR B 248 6.14 8.59 3.78
CA TYR B 248 7.12 9.65 3.77
C TYR B 248 7.18 10.42 2.45
N LEU B 249 7.19 11.73 2.59
CA LEU B 249 7.46 12.70 1.53
C LEU B 249 8.93 12.97 1.41
N SER B 250 9.46 13.15 0.22
CA SER B 250 10.77 13.46 -0.42
C SER B 250 11.29 14.90 -0.08
N ALA B 251 10.34 15.82 -0.08
CA ALA B 251 10.49 17.12 0.54
C ALA B 251 11.75 17.79 0.07
N GLY B 252 12.05 17.58 -1.17
CA GLY B 252 13.09 18.28 -1.85
C GLY B 252 14.49 17.75 -1.81
N VAL B 253 14.81 16.80 -0.93
CA VAL B 253 16.19 16.35 -0.80
C VAL B 253 16.58 15.48 -1.95
N SER B 254 17.86 15.23 -2.08
CA SER B 254 18.35 14.38 -3.14
C SER B 254 17.82 12.99 -2.98
N ALA B 255 17.66 12.32 -4.10
CA ALA B 255 17.13 10.99 -4.10
C ALA B 255 17.98 10.06 -3.26
N LYS B 256 19.28 10.22 -3.33
CA LYS B 256 20.19 9.36 -2.60
C LYS B 256 20.04 9.51 -1.10
N LEU B 257 19.96 10.74 -0.61
CA LEU B 257 19.80 10.99 0.81
C LEU B 257 18.45 10.45 1.30
N PHE B 258 17.42 10.64 0.49
CA PHE B 258 16.09 10.15 0.82
C PHE B 258 16.13 8.63 0.96
N GLN B 259 16.78 7.99 0.00
CA GLN B 259 16.89 6.53 0.01
C GLN B 259 17.68 6.08 1.23
N ASP B 260 18.77 6.78 1.54
CA ASP B 260 19.55 6.47 2.73
C ASP B 260 18.71 6.68 3.99
N THR B 261 17.80 7.64 3.93
CA THR B 261 16.94 7.94 5.06
C THR B 261 15.92 6.84 5.31
N LEU B 262 15.37 6.27 4.23
CA LEU B 262 14.42 5.17 4.37
C LEU B 262 15.08 3.98 5.06
N VAL B 263 16.33 3.70 4.70
CA VAL B 263 17.09 2.62 5.32
C VAL B 263 17.27 2.90 6.81
N PHE B 264 17.64 4.14 7.11
CA PHE B 264 17.87 4.54 8.49
C PHE B 264 16.57 4.44 9.29
N ALA B 265 15.46 4.82 8.66
CA ALA B 265 14.15 4.76 9.31
C ALA B 265 13.78 3.33 9.69
N ALA B 266 13.94 2.41 8.75
CA ALA B 266 13.61 1.01 8.99
C ALA B 266 14.52 0.40 10.06
N GLU B 267 15.81 0.74 10.00
CA GLU B 267 16.78 0.23 10.98
C GLU B 267 16.43 0.73 12.37
N SER B 268 15.87 1.94 12.43
CA SER B 268 15.51 2.58 13.69
C SER B 268 14.22 2.01 14.31
N GLY B 269 13.44 1.31 13.53
CA GLY B 269 12.16 0.80 13.96
C GLY B 269 10.86 1.45 13.43
N ALA B 270 10.95 2.38 12.49
CA ALA B 270 9.75 3.00 11.92
C ALA B 270 9.14 1.97 11.03
N LYS B 271 7.88 1.67 11.25
CA LYS B 271 7.12 0.87 10.35
C LYS B 271 6.26 1.71 9.40
N PHE B 272 6.95 2.53 8.63
CA PHE B 272 6.31 3.37 7.62
C PHE B 272 5.78 2.54 6.44
N ASN B 273 4.72 3.02 5.83
CA ASN B 273 3.96 2.24 4.84
C ASN B 273 4.14 2.57 3.36
N GLY B 274 5.17 3.33 3.06
CA GLY B 274 5.45 3.72 1.70
C GLY B 274 5.96 5.14 1.60
N VAL B 275 5.94 5.68 0.38
CA VAL B 275 6.43 7.03 0.13
C VAL B 275 5.56 7.73 -0.89
N LEU B 276 5.58 9.06 -0.82
CA LEU B 276 5.09 9.91 -1.87
C LEU B 276 6.29 10.65 -2.45
N CYS B 277 6.75 10.22 -3.62
CA CYS B 277 7.95 10.80 -4.21
C CYS B 277 7.67 11.34 -5.61
N GLY B 278 8.15 12.56 -5.87
CA GLY B 278 7.90 13.21 -7.14
C GLY B 278 9.13 13.83 -7.78
N ARG B 279 9.43 15.06 -7.36
CA ARG B 279 10.45 15.87 -8.01
C ARG B 279 11.78 15.12 -8.14
N ALA B 280 12.17 14.39 -7.09
CA ALA B 280 13.41 13.61 -7.11
C ALA B 280 13.46 12.61 -8.27
N THR B 281 12.30 12.27 -8.81
CA THR B 281 12.20 11.27 -9.88
C THR B 281 12.10 11.86 -11.27
N TRP B 282 11.25 12.88 -11.46
CA TRP B 282 10.94 13.39 -12.80
C TRP B 282 11.53 14.76 -13.12
N ALA B 283 12.25 15.37 -12.19
CA ALA B 283 12.74 16.74 -12.35
C ALA B 283 13.43 17.00 -13.69
N GLY B 284 14.34 16.10 -14.09
CA GLY B 284 15.11 16.30 -15.28
C GLY B 284 14.29 16.33 -16.56
N SER B 285 13.08 15.79 -16.53
CA SER B 285 12.26 15.72 -17.73
C SER B 285 11.71 17.08 -18.14
N VAL B 286 11.68 18.02 -17.19
CA VAL B 286 11.09 19.33 -17.47
C VAL B 286 11.92 20.08 -18.49
N LYS B 287 13.21 20.23 -18.20
CA LYS B 287 14.13 20.90 -19.10
C LYS B 287 14.12 20.21 -20.46
N VAL B 288 14.17 18.88 -20.46
CA VAL B 288 14.19 18.12 -21.70
C VAL B 288 12.91 18.39 -22.49
N TYR B 289 11.77 18.36 -21.81
CA TYR B 289 10.49 18.57 -22.49
C TYR B 289 10.41 19.94 -23.14
N ILE B 290 10.82 20.97 -22.41
CA ILE B 290 10.77 22.34 -22.89
C ILE B 290 11.75 22.55 -24.04
N GLU B 291 12.96 22.05 -23.84
CA GLU B 291 14.04 22.26 -24.79
C GLU B 291 14.01 21.29 -25.96
N GLU B 292 13.57 20.05 -25.71
CA GLU B 292 13.64 19.02 -26.73
C GLU B 292 12.31 18.41 -27.19
N GLY B 293 11.24 18.66 -26.46
CA GLY B 293 9.92 18.20 -26.87
C GLY B 293 9.49 16.88 -26.24
N PRO B 294 8.26 16.42 -26.57
CA PRO B 294 7.57 15.28 -25.97
C PRO B 294 8.33 13.94 -26.08
N GLN B 295 8.73 13.55 -27.29
CA GLN B 295 9.37 12.26 -27.46
C GLN B 295 10.69 12.23 -26.70
N ALA B 296 11.42 13.35 -26.74
CA ALA B 296 12.68 13.45 -26.01
C ALA B 296 12.44 13.28 -24.51
N ALA B 297 11.36 13.89 -24.02
CA ALA B 297 10.99 13.76 -22.61
C ALA B 297 10.64 12.32 -22.26
N ARG B 298 9.93 11.65 -23.17
CA ARG B 298 9.57 10.24 -22.98
C ARG B 298 10.84 9.39 -22.79
N GLU B 299 11.82 9.64 -23.63
CA GLU B 299 13.06 8.88 -23.56
C GLU B 299 13.81 9.14 -22.26
N TRP B 300 13.83 10.39 -21.82
CA TRP B 300 14.43 10.72 -20.54
C TRP B 300 13.76 9.92 -19.43
N LEU B 301 12.44 9.90 -19.46
CA LEU B 301 11.67 9.20 -18.43
C LEU B 301 11.95 7.69 -18.47
N ARG B 302 12.18 7.18 -19.67
CA ARG B 302 12.43 5.75 -19.88
C ARG B 302 13.82 5.34 -19.39
N THR B 303 14.68 6.33 -19.20
CA THR B 303 16.07 6.09 -18.84
C THR B 303 16.39 6.62 -17.45
N GLU B 304 16.65 7.91 -17.34
CA GLU B 304 16.99 8.50 -16.05
C GLU B 304 15.80 8.43 -15.10
N GLY B 305 14.60 8.67 -15.63
CA GLY B 305 13.37 8.58 -14.85
C GLY B 305 13.18 7.20 -14.26
N PHE B 306 13.30 6.18 -15.11
CA PHE B 306 13.14 4.80 -14.67
C PHE B 306 14.23 4.44 -13.64
N LYS B 307 15.46 4.86 -13.91
CA LYS B 307 16.56 4.60 -12.99
C LYS B 307 16.23 5.20 -11.63
N ASN B 308 15.70 6.41 -11.62
CA ASN B 308 15.36 7.09 -10.38
C ASN B 308 14.30 6.31 -9.60
N ILE B 309 13.20 5.98 -10.27
CA ILE B 309 12.09 5.35 -9.58
C ILE B 309 12.40 3.87 -9.29
N ASP B 310 13.21 3.25 -10.13
CA ASP B 310 13.60 1.85 -9.90
C ASP B 310 14.47 1.73 -8.65
N GLU B 311 15.46 2.61 -8.52
CA GLU B 311 16.32 2.66 -7.34
C GLU B 311 15.48 2.86 -6.09
N LEU B 312 14.51 3.78 -6.16
CA LEU B 312 13.63 4.05 -5.04
C LEU B 312 12.81 2.81 -4.66
N ASN B 313 12.27 2.13 -5.66
CA ASN B 313 11.45 0.94 -5.43
C ASN B 313 12.25 -0.18 -4.79
N LYS B 314 13.50 -0.31 -5.18
CA LYS B 314 14.35 -1.36 -4.61
C LYS B 314 14.59 -1.08 -3.12
N VAL B 315 14.78 0.20 -2.78
CA VAL B 315 14.96 0.57 -1.38
C VAL B 315 13.67 0.36 -0.61
N LEU B 316 12.54 0.68 -1.20
CA LEU B 316 11.23 0.55 -0.60
C LEU B 316 10.95 -0.86 -0.23
N ASP B 317 11.34 -1.72 -1.13
CA ASP B 317 11.09 -3.14 -1.02
C ASP B 317 11.72 -3.68 0.25
N LYS B 318 12.90 -3.20 0.60
CA LYS B 318 13.58 -3.68 1.76
C LYS B 318 13.44 -2.87 3.04
N THR B 319 12.70 -1.79 2.99
CA THR B 319 12.50 -0.93 4.13
C THR B 319 11.06 -0.73 4.62
N ALA B 320 10.09 -0.66 3.70
CA ALA B 320 8.71 -0.34 4.08
C ALA B 320 7.99 -1.51 4.75
N SER B 321 7.01 -1.17 5.60
CA SER B 321 6.15 -2.15 6.27
C SER B 321 4.72 -2.08 5.72
N PRO B 322 4.00 -3.21 5.70
CA PRO B 322 2.64 -3.16 5.13
C PRO B 322 1.58 -2.52 6.04
N TRP B 323 0.74 -1.65 5.47
CA TRP B 323 -0.30 -1.00 6.29
C TRP B 323 -1.37 -2.00 6.72
N THR B 324 -1.43 -3.13 6.02
CA THR B 324 -2.41 -4.17 6.33
C THR B 324 -2.26 -4.85 7.69
N GLU B 325 -1.18 -4.56 8.42
CA GLU B 325 -1.03 -5.10 9.78
C GLU B 325 -1.61 -4.12 10.78
N LYS B 326 -1.60 -2.84 10.42
CA LYS B 326 -2.16 -1.79 11.27
C LYS B 326 -3.68 -1.91 11.41
N MET B 327 -4.34 -2.44 10.39
CA MET B 327 -5.77 -2.70 10.47
C MET B 327 -6.09 -3.87 11.40
N THR C 4 34.57 -16.57 -15.45
CA THR C 4 35.11 -16.91 -14.14
C THR C 4 34.49 -16.04 -13.05
N LEU C 5 34.47 -14.73 -13.28
CA LEU C 5 33.82 -13.80 -12.37
C LEU C 5 33.19 -12.66 -13.16
N THR C 6 32.09 -12.13 -12.63
CA THR C 6 31.42 -11.00 -13.26
C THR C 6 31.99 -9.76 -12.63
N GLU C 7 31.60 -8.61 -13.15
CA GLU C 7 32.14 -7.35 -12.66
C GLU C 7 31.77 -7.18 -11.19
N ASN C 8 30.49 -7.35 -10.86
CA ASN C 8 30.03 -7.17 -9.49
C ASN C 8 30.53 -8.26 -8.54
N LYS C 9 30.61 -9.50 -9.01
CA LYS C 9 31.18 -10.55 -8.15
C LYS C 9 32.64 -10.22 -7.84
N ARG C 10 33.36 -9.75 -8.86
CA ARG C 10 34.75 -9.39 -8.67
C ARG C 10 34.90 -8.26 -7.65
N LYS C 11 34.10 -7.20 -7.77
CA LYS C 11 34.19 -6.08 -6.85
C LYS C 11 33.89 -6.55 -5.43
N SER C 12 32.90 -7.42 -5.28
CA SER C 12 32.57 -7.99 -3.98
C SER C 12 33.72 -8.81 -3.41
N MET C 13 34.37 -9.59 -4.26
CA MET C 13 35.52 -10.39 -3.82
C MET C 13 36.64 -9.47 -3.36
N GLU C 14 36.85 -8.37 -4.07
CA GLU C 14 37.87 -7.39 -3.67
C GLU C 14 37.54 -6.80 -2.31
N LYS C 15 36.26 -6.52 -2.07
CA LYS C 15 35.82 -5.93 -0.80
C LYS C 15 35.95 -6.92 0.36
N LEU C 16 35.97 -8.21 0.05
CA LEU C 16 36.10 -9.25 1.08
C LEU C 16 37.56 -9.58 1.38
N SER C 17 38.47 -9.03 0.58
CA SER C 17 39.87 -9.43 0.58
C SER C 17 40.80 -8.24 0.77
N VAL C 18 42.07 -8.54 1.07
CA VAL C 18 43.14 -7.56 1.02
C VAL C 18 44.30 -8.15 0.23
N ASP C 19 44.62 -7.50 -0.88
CA ASP C 19 45.65 -7.96 -1.80
C ASP C 19 45.43 -9.42 -2.17
N GLY C 20 44.17 -9.77 -2.41
CA GLY C 20 43.82 -11.11 -2.85
C GLY C 20 43.79 -12.16 -1.76
N VAL C 21 43.92 -11.74 -0.50
CA VAL C 21 43.87 -12.67 0.62
C VAL C 21 42.65 -12.37 1.47
N ILE C 22 41.93 -13.43 1.82
CA ILE C 22 40.75 -13.32 2.67
C ILE C 22 41.14 -13.57 4.13
N SER C 23 41.03 -12.54 4.97
CA SER C 23 41.22 -12.69 6.40
C SER C 23 39.90 -12.39 7.06
N ALA C 24 39.00 -13.37 7.03
CA ALA C 24 37.63 -13.16 7.46
C ALA C 24 37.44 -13.51 8.93
N LEU C 25 36.85 -12.56 9.66
CA LEU C 25 36.49 -12.76 11.05
C LEU C 25 35.12 -13.43 11.11
N ALA C 26 35.05 -14.59 11.76
CA ALA C 26 33.82 -15.37 11.82
C ALA C 26 33.09 -15.14 13.12
N PHE C 27 31.86 -14.65 13.04
CA PHE C 27 31.04 -14.51 14.22
C PHE C 27 29.57 -14.71 13.92
N ASP C 28 29.26 -15.77 13.16
CA ASP C 28 27.86 -16.11 12.88
C ASP C 28 27.33 -17.16 13.88
N GLN C 29 28.12 -17.44 14.91
CA GLN C 29 27.69 -18.40 15.94
C GLN C 29 26.41 -17.91 16.62
N ARG C 30 25.49 -18.84 16.84
CA ARG C 30 24.19 -18.51 17.42
C ARG C 30 23.96 -19.33 18.69
N GLY C 31 23.44 -20.54 18.55
CA GLY C 31 23.27 -21.44 19.69
C GLY C 31 24.59 -21.66 20.41
N ALA C 32 25.67 -21.80 19.64
CA ALA C 32 26.99 -22.02 20.21
C ALA C 32 27.41 -20.84 21.09
N LEU C 33 27.16 -19.62 20.63
CA LEU C 33 27.55 -18.43 21.38
C LEU C 33 26.72 -18.30 22.65
N LYS C 34 25.44 -18.65 22.57
CA LYS C 34 24.56 -18.56 23.72
C LYS C 34 25.09 -19.44 24.86
N ARG C 35 25.52 -20.62 24.47
CA ARG C 35 26.09 -21.63 25.34
C ARG C 35 27.37 -21.17 26.02
N MET C 36 28.21 -20.47 25.29
CA MET C 36 29.40 -19.91 25.87
C MET C 36 29.07 -18.87 26.91
N MET C 37 28.13 -18.01 26.58
CA MET C 37 27.71 -16.93 27.44
C MET C 37 27.08 -17.46 28.69
N ALA C 38 26.38 -18.55 28.50
CA ALA C 38 25.60 -19.21 29.52
C ALA C 38 26.47 -19.74 30.63
N GLN C 39 27.76 -19.85 30.36
CA GLN C 39 28.82 -20.20 31.27
C GLN C 39 29.05 -19.33 32.43
N HIS C 40 28.87 -18.03 32.25
CA HIS C 40 29.20 -17.02 33.21
C HIS C 40 28.11 -16.23 33.96
N GLN C 41 26.86 -16.66 33.90
CA GLN C 41 25.72 -15.96 34.47
C GLN C 41 24.63 -16.96 34.78
N THR C 42 23.63 -16.61 35.62
CA THR C 42 22.59 -17.56 35.90
C THR C 42 21.47 -17.38 34.98
N LYS C 43 21.20 -16.16 34.73
CA LYS C 43 20.06 -15.88 33.87
C LYS C 43 20.34 -16.31 32.43
N GLU C 44 19.26 -16.65 31.72
CA GLU C 44 19.34 -16.97 30.30
C GLU C 44 19.96 -15.80 29.53
N PRO C 45 20.93 -16.07 28.65
CA PRO C 45 21.48 -14.97 27.85
C PRO C 45 20.41 -14.31 26.98
N THR C 46 20.42 -12.99 26.90
CA THR C 46 19.36 -12.26 26.20
C THR C 46 19.73 -11.95 24.76
N VAL C 47 18.72 -11.68 23.94
CA VAL C 47 18.90 -11.22 22.58
C VAL C 47 19.78 -9.98 22.54
N GLU C 48 19.52 -9.06 23.47
CA GLU C 48 20.26 -7.80 23.55
C GLU C 48 21.75 -8.02 23.77
N GLN C 49 22.08 -8.96 24.65
CA GLN C 49 23.47 -9.22 24.94
C GLN C 49 24.19 -9.82 23.72
N ILE C 50 23.57 -10.81 23.10
CA ILE C 50 24.14 -11.43 21.92
C ILE C 50 24.34 -10.38 20.82
N GLU C 51 23.34 -9.56 20.56
CA GLU C 51 23.46 -8.53 19.54
C GLU C 51 24.57 -7.53 19.90
N GLU C 52 24.67 -7.16 21.18
CA GLU C 52 25.64 -6.16 21.60
C GLU C 52 27.06 -6.68 21.45
N LEU C 53 27.29 -7.92 21.88
CA LEU C 53 28.64 -8.49 21.83
C LEU C 53 29.13 -8.62 20.39
N LYS C 54 28.22 -8.99 19.49
CA LYS C 54 28.54 -9.08 18.09
C LYS C 54 28.91 -7.70 17.55
N SER C 55 28.19 -6.67 17.99
CA SER C 55 28.48 -5.30 17.56
C SER C 55 29.84 -4.82 18.09
N LEU C 56 30.17 -5.17 19.32
CA LEU C 56 31.46 -4.77 19.88
C LEU C 56 32.62 -5.40 19.11
N VAL C 57 32.53 -6.71 18.86
CA VAL C 57 33.56 -7.42 18.12
C VAL C 57 33.72 -6.85 16.71
N SER C 58 32.58 -6.64 16.05
CA SER C 58 32.58 -6.08 14.70
C SER C 58 33.20 -4.70 14.65
N GLU C 59 32.74 -3.83 15.54
CA GLU C 59 33.19 -2.45 15.58
C GLU C 59 34.70 -2.34 15.85
N GLU C 60 35.20 -3.16 16.76
CA GLU C 60 36.58 -3.02 17.22
C GLU C 60 37.61 -3.77 16.36
N LEU C 61 37.22 -4.89 15.76
CA LEU C 61 38.20 -5.76 15.10
C LEU C 61 38.15 -5.75 13.57
N THR C 62 37.05 -5.32 12.97
CA THR C 62 36.97 -5.32 11.51
C THR C 62 37.93 -4.33 10.85
N PRO C 63 38.43 -3.30 11.59
CA PRO C 63 39.49 -2.54 10.92
C PRO C 63 40.77 -3.36 10.67
N PHE C 64 40.87 -4.53 11.29
CA PHE C 64 42.04 -5.37 11.16
C PHE C 64 41.70 -6.68 10.45
N ALA C 65 40.52 -6.72 9.85
CA ALA C 65 40.06 -7.89 9.08
C ALA C 65 39.64 -7.43 7.71
N SER C 66 39.74 -8.30 6.72
CA SER C 66 39.32 -7.97 5.37
C SER C 66 37.80 -8.05 5.25
N SER C 67 37.18 -8.82 6.14
CA SER C 67 35.75 -9.01 6.11
C SER C 67 35.27 -9.67 7.39
N ILE C 68 33.96 -9.68 7.62
CA ILE C 68 33.37 -10.37 8.76
C ILE C 68 32.16 -11.20 8.35
N LEU C 69 32.08 -12.40 8.90
CA LEU C 69 30.94 -13.28 8.69
C LEU C 69 29.98 -13.17 9.87
N LEU C 70 28.74 -12.78 9.59
CA LEU C 70 27.71 -12.68 10.62
C LEU C 70 26.47 -13.49 10.27
N ASP C 71 25.61 -13.68 11.26
CA ASP C 71 24.33 -14.35 11.08
C ASP C 71 23.22 -13.31 10.97
N PRO C 72 22.21 -13.59 10.13
CA PRO C 72 21.09 -12.65 10.01
C PRO C 72 20.21 -12.60 11.25
N GLU C 73 20.30 -13.60 12.11
CA GLU C 73 19.42 -13.70 13.27
C GLU C 73 19.76 -12.65 14.33
N TYR C 74 21.03 -12.55 14.69
CA TYR C 74 21.50 -11.62 15.73
C TYR C 74 22.51 -10.59 15.23
N GLY C 75 23.03 -10.80 14.02
CA GLY C 75 24.22 -10.06 13.58
C GLY C 75 24.00 -8.83 12.72
N LEU C 76 22.76 -8.48 12.42
CA LEU C 76 22.54 -7.37 11.49
C LEU C 76 22.98 -6.04 12.10
N PRO C 77 22.63 -5.79 13.38
CA PRO C 77 23.17 -4.56 14.00
C PRO C 77 24.70 -4.51 13.98
N ALA C 78 25.34 -5.64 14.24
CA ALA C 78 26.79 -5.71 14.20
C ALA C 78 27.33 -5.42 12.81
N SER C 79 26.64 -5.88 11.78
CA SER C 79 27.07 -5.68 10.40
C SER C 79 27.13 -4.21 10.02
N ARG C 80 26.25 -3.41 10.64
CA ARG C 80 26.12 -2.02 10.30
C ARG C 80 27.20 -1.13 10.91
N VAL C 81 27.93 -1.68 11.89
CA VAL C 81 28.99 -0.93 12.56
C VAL C 81 30.38 -1.48 12.23
N ARG C 82 30.44 -2.38 11.25
CA ARG C 82 31.73 -2.91 10.80
C ARG C 82 32.50 -1.80 10.09
N SER C 83 33.82 -1.93 10.04
CA SER C 83 34.66 -0.98 9.33
C SER C 83 34.20 -0.83 7.88
N GLU C 84 34.23 0.37 7.34
CA GLU C 84 33.78 0.59 5.97
C GLU C 84 34.70 -0.09 4.96
N GLU C 85 35.93 -0.39 5.37
CA GLU C 85 36.87 -1.11 4.52
C GLU C 85 36.69 -2.62 4.58
N ALA C 86 35.84 -3.10 5.48
CA ALA C 86 35.63 -4.54 5.66
C ALA C 86 34.36 -5.00 4.95
N GLY C 87 34.47 -6.11 4.21
CA GLY C 87 33.32 -6.69 3.55
C GLY C 87 32.47 -7.50 4.50
N LEU C 88 31.29 -7.88 4.06
CA LEU C 88 30.34 -8.62 4.88
C LEU C 88 29.89 -9.91 4.18
N LEU C 89 29.98 -11.02 4.93
CA LEU C 89 29.35 -12.28 4.54
C LEU C 89 28.20 -12.56 5.52
N LEU C 90 27.09 -13.05 5.00
CA LEU C 90 26.00 -13.48 5.87
C LEU C 90 25.68 -14.96 5.69
N ALA C 91 25.52 -15.65 6.81
CA ALA C 91 25.16 -17.06 6.83
C ALA C 91 23.70 -17.22 6.39
N TYR C 92 23.46 -18.27 5.60
CA TYR C 92 22.17 -18.51 4.97
C TYR C 92 21.53 -19.77 5.54
N GLU C 93 22.32 -20.63 6.19
CA GLU C 93 21.83 -21.92 6.67
C GLU C 93 21.28 -21.83 8.09
N LYS C 94 20.31 -22.70 8.39
CA LYS C 94 19.94 -23.00 9.77
C LYS C 94 21.09 -23.74 10.44
N THR C 95 21.26 -23.53 11.74
CA THR C 95 22.38 -24.11 12.47
C THR C 95 22.13 -25.55 12.89
N GLY C 96 23.22 -26.30 13.07
CA GLY C 96 23.17 -27.62 13.68
C GLY C 96 22.68 -28.69 12.75
N TYR C 97 22.35 -29.85 13.32
CA TYR C 97 21.78 -30.97 12.57
C TYR C 97 21.06 -31.90 13.53
N ASP C 98 20.18 -32.73 12.98
CA ASP C 98 19.47 -33.72 13.78
C ASP C 98 20.45 -34.83 14.15
N ALA C 99 20.73 -34.96 15.45
CA ALA C 99 21.70 -35.93 15.92
C ALA C 99 21.13 -37.35 15.93
N THR C 100 19.81 -37.47 15.81
CA THR C 100 19.15 -38.77 15.85
C THR C 100 19.19 -39.48 14.50
N THR C 101 19.64 -38.76 13.47
CA THR C 101 19.78 -39.34 12.14
C THR C 101 21.16 -39.01 11.59
N THR C 102 21.55 -39.67 10.50
CA THR C 102 22.87 -39.50 9.93
C THR C 102 22.88 -38.63 8.66
N SER C 103 21.72 -38.13 8.24
CA SER C 103 21.64 -37.48 6.93
C SER C 103 22.14 -36.03 6.94
N ARG C 104 21.99 -35.34 8.07
CA ARG C 104 22.41 -33.94 8.21
C ARG C 104 22.05 -33.08 7.02
N LEU C 105 20.76 -33.06 6.68
CA LEU C 105 20.31 -32.38 5.48
C LEU C 105 20.35 -30.86 5.63
N PRO C 106 20.69 -30.14 4.55
CA PRO C 106 20.79 -28.68 4.60
C PRO C 106 19.42 -28.01 4.54
N ASP C 107 19.31 -26.84 5.16
CA ASP C 107 18.05 -26.11 5.23
C ASP C 107 18.33 -24.62 5.39
N CYS C 108 17.83 -23.81 4.46
CA CYS C 108 18.00 -22.36 4.51
C CYS C 108 17.12 -21.75 5.59
N LEU C 109 17.56 -20.63 6.14
CA LEU C 109 16.74 -19.86 7.07
C LEU C 109 15.42 -19.52 6.40
N ASP C 110 14.32 -19.72 7.14
CA ASP C 110 12.98 -19.70 6.58
C ASP C 110 12.59 -18.40 5.85
N VAL C 111 12.97 -17.24 6.39
CA VAL C 111 12.54 -15.97 5.79
C VAL C 111 13.66 -15.25 5.06
N TRP C 112 14.66 -16.02 4.63
CA TRP C 112 15.79 -15.46 3.90
C TRP C 112 15.89 -16.04 2.49
N SER C 113 16.59 -15.29 1.65
CA SER C 113 16.87 -15.69 0.28
C SER C 113 18.20 -15.03 -0.05
N ALA C 114 18.86 -15.46 -1.11
CA ALA C 114 20.09 -14.79 -1.54
C ALA C 114 19.80 -13.32 -1.82
N LYS C 115 18.63 -13.04 -2.39
CA LYS C 115 18.26 -11.67 -2.67
C LYS C 115 18.20 -10.86 -1.38
N ARG C 116 17.59 -11.43 -0.34
CA ARG C 116 17.45 -10.72 0.93
C ARG C 116 18.80 -10.51 1.59
N ILE C 117 19.71 -11.47 1.43
CA ILE C 117 21.06 -11.34 1.98
C ILE C 117 21.79 -10.18 1.31
N LYS C 118 21.66 -10.09 -0.01
CA LYS C 118 22.22 -8.97 -0.75
C LYS C 118 21.59 -7.65 -0.30
N GLU C 119 20.27 -7.65 -0.14
CA GLU C 119 19.56 -6.45 0.28
C GLU C 119 19.98 -6.01 1.69
N ALA C 120 20.40 -6.97 2.50
CA ALA C 120 20.89 -6.66 3.86
C ALA C 120 22.33 -6.15 3.84
N GLY C 121 22.91 -6.04 2.65
CA GLY C 121 24.21 -5.41 2.47
C GLY C 121 25.40 -6.34 2.40
N ALA C 122 25.17 -7.65 2.33
CA ALA C 122 26.26 -8.61 2.25
C ALA C 122 26.97 -8.55 0.90
N GLU C 123 28.27 -8.82 0.95
CA GLU C 123 29.09 -8.99 -0.24
C GLU C 123 29.28 -10.46 -0.57
N ALA C 124 28.72 -11.35 0.24
CA ALA C 124 28.77 -12.79 -0.04
C ALA C 124 27.69 -13.53 0.71
N VAL C 125 27.20 -14.59 0.09
CA VAL C 125 26.33 -15.56 0.73
C VAL C 125 27.19 -16.71 1.24
N LYS C 126 27.09 -17.01 2.53
CA LYS C 126 27.77 -18.18 3.10
C LYS C 126 26.73 -19.24 3.43
N PHE C 127 27.03 -20.48 3.05
CA PHE C 127 26.18 -21.61 3.38
C PHE C 127 27.02 -22.79 3.85
N LEU C 128 26.62 -23.37 4.97
CA LEU C 128 27.31 -24.53 5.54
C LEU C 128 26.62 -25.82 5.13
N LEU C 129 27.39 -26.73 4.53
CA LEU C 129 26.92 -28.05 4.16
C LEU C 129 27.71 -29.15 4.89
N TYR C 130 27.01 -30.07 5.56
CA TYR C 130 27.62 -31.29 6.07
C TYR C 130 27.60 -32.32 4.96
N TYR C 131 28.76 -32.94 4.67
CA TYR C 131 28.85 -33.86 3.56
C TYR C 131 29.76 -35.06 3.86
N ASP C 132 29.20 -36.24 3.66
CA ASP C 132 29.93 -37.49 3.70
C ASP C 132 29.94 -38.10 2.30
N ILE C 133 31.07 -37.97 1.60
CA ILE C 133 31.19 -38.48 0.22
C ILE C 133 30.78 -39.95 0.10
N ASP C 134 31.00 -40.71 1.17
CA ASP C 134 30.74 -42.15 1.17
C ASP C 134 29.34 -42.49 1.68
N GLY C 135 28.53 -41.46 1.92
CA GLY C 135 27.24 -41.64 2.55
C GLY C 135 26.15 -42.11 1.62
N ASP C 136 24.92 -42.12 2.14
CA ASP C 136 23.76 -42.55 1.37
C ASP C 136 23.64 -41.74 0.08
N GLN C 137 23.56 -42.44 -1.05
CA GLN C 137 23.63 -41.76 -2.34
C GLN C 137 22.41 -40.87 -2.60
N ASP C 138 21.25 -41.26 -2.10
CA ASP C 138 20.05 -40.43 -2.27
C ASP C 138 20.13 -39.17 -1.40
N VAL C 139 20.65 -39.32 -0.19
CA VAL C 139 20.89 -38.18 0.68
C VAL C 139 21.79 -37.18 -0.03
N ASN C 140 22.88 -37.66 -0.61
CA ASN C 140 23.82 -36.78 -1.28
C ASN C 140 23.24 -36.17 -2.55
N GLU C 141 22.31 -36.88 -3.20
CA GLU C 141 21.66 -36.33 -4.38
C GLU C 141 20.81 -35.13 -4.01
N GLN C 142 20.12 -35.25 -2.88
CA GLN C 142 19.32 -34.16 -2.35
C GLN C 142 20.23 -33.00 -1.95
N LYS C 143 21.38 -33.31 -1.35
CA LYS C 143 22.32 -32.26 -0.97
C LYS C 143 22.86 -31.55 -2.22
N LYS C 144 23.21 -32.32 -3.25
CA LYS C 144 23.73 -31.72 -4.47
C LYS C 144 22.66 -30.84 -5.12
N ALA C 145 21.43 -31.31 -5.17
CA ALA C 145 20.33 -30.51 -5.72
C ALA C 145 20.19 -29.19 -4.96
N TYR C 146 20.32 -29.25 -3.64
CA TYR C 146 20.12 -28.06 -2.80
C TYR C 146 21.16 -26.98 -3.08
N ILE C 147 22.43 -27.40 -3.18
CA ILE C 147 23.52 -26.49 -3.48
C ILE C 147 23.42 -25.90 -4.87
N GLU C 148 22.91 -26.67 -5.82
CA GLU C 148 22.68 -26.13 -7.16
C GLU C 148 21.72 -24.95 -7.10
N ARG C 149 20.67 -25.09 -6.29
CA ARG C 149 19.68 -24.02 -6.14
C ARG C 149 20.34 -22.78 -5.59
N ILE C 150 21.15 -22.95 -4.55
CA ILE C 150 21.78 -21.81 -3.92
C ILE C 150 22.79 -21.16 -4.86
N GLY C 151 23.58 -21.98 -5.54
CA GLY C 151 24.54 -21.47 -6.52
C GLY C 151 23.86 -20.68 -7.61
N SER C 152 22.68 -21.13 -8.02
CA SER C 152 21.92 -20.44 -9.04
C SER C 152 21.39 -19.10 -8.52
N GLU C 153 20.84 -19.11 -7.31
CA GLU C 153 20.40 -17.86 -6.66
C GLU C 153 21.52 -16.82 -6.70
N CYS C 154 22.71 -17.25 -6.30
CA CYS C 154 23.83 -16.32 -6.16
C CYS C 154 24.30 -15.79 -7.50
N ARG C 155 24.22 -16.61 -8.55
CA ARG C 155 24.53 -16.14 -9.88
C ARG C 155 23.51 -15.08 -10.28
N ALA C 156 22.25 -15.34 -9.99
CA ALA C 156 21.19 -14.41 -10.39
C ALA C 156 21.33 -13.08 -9.68
N GLU C 157 21.63 -13.14 -8.39
CA GLU C 157 21.74 -11.93 -7.58
C GLU C 157 23.14 -11.32 -7.69
N ASP C 158 24.04 -12.04 -8.36
CA ASP C 158 25.36 -11.54 -8.72
C ASP C 158 26.18 -11.24 -7.46
N ILE C 159 26.12 -12.19 -6.54
CA ILE C 159 26.78 -12.08 -5.25
C ILE C 159 27.61 -13.35 -5.03
N PRO C 160 28.88 -13.22 -4.59
CA PRO C 160 29.72 -14.40 -4.40
C PRO C 160 29.13 -15.47 -3.47
N PHE C 161 29.29 -16.72 -3.87
CA PHE C 161 28.80 -17.87 -3.11
C PHE C 161 29.97 -18.53 -2.39
N TYR C 162 29.98 -18.42 -1.05
CA TYR C 162 31.00 -19.07 -0.23
C TYR C 162 30.41 -20.34 0.37
N LEU C 163 30.83 -21.50 -0.15
CA LEU C 163 30.29 -22.76 0.34
C LEU C 163 31.23 -23.35 1.37
N GLN C 164 30.72 -23.51 2.59
CA GLN C 164 31.47 -24.17 3.65
C GLN C 164 31.13 -25.65 3.72
N ILE C 165 32.14 -26.50 3.67
CA ILE C 165 31.94 -27.92 3.79
C ILE C 165 32.56 -28.43 5.09
N LEU C 166 31.73 -29.06 5.91
CA LEU C 166 32.22 -29.81 7.06
C LEU C 166 31.97 -31.27 6.79
N THR C 167 33.02 -32.07 6.84
CA THR C 167 32.90 -33.47 6.50
C THR C 167 32.53 -34.29 7.73
N TYR C 168 31.95 -35.46 7.50
CA TYR C 168 31.65 -36.38 8.58
C TYR C 168 31.48 -37.79 8.02
N ASP C 169 31.28 -38.75 8.91
CA ASP C 169 31.00 -40.12 8.49
C ASP C 169 29.75 -40.59 9.20
N GLU C 170 28.80 -41.10 8.43
CA GLU C 170 27.52 -41.57 8.97
C GLU C 170 27.73 -42.59 10.09
N LYS C 171 28.84 -43.31 10.02
CA LYS C 171 29.11 -44.42 10.93
C LYS C 171 30.14 -44.12 12.03
N ILE C 172 30.71 -42.91 12.01
CA ILE C 172 31.67 -42.51 13.04
C ILE C 172 31.12 -41.34 13.84
N ALA C 173 30.90 -41.54 15.13
CA ALA C 173 30.25 -40.52 15.96
C ALA C 173 31.13 -39.29 16.17
N ASP C 174 32.43 -39.51 16.35
CA ASP C 174 33.37 -38.47 16.74
C ASP C 174 34.37 -38.16 15.62
N ASN C 175 34.30 -36.95 15.07
N ASN C 175 34.32 -36.95 15.08
CA ASN C 175 35.22 -36.54 14.00
CA ASN C 175 35.22 -36.55 14.02
C ASN C 175 36.61 -36.19 14.53
C ASN C 175 36.62 -36.24 14.53
N ALA C 176 36.76 -36.18 15.85
CA ALA C 176 38.06 -35.93 16.48
C ALA C 176 38.77 -37.26 16.77
N SER C 177 38.15 -38.36 16.40
CA SER C 177 38.69 -39.70 16.66
C SER C 177 39.82 -40.08 15.70
N PRO C 178 40.71 -41.00 16.12
CA PRO C 178 41.72 -41.49 15.17
C PRO C 178 41.06 -42.19 13.98
N GLU C 179 39.91 -42.81 14.21
CA GLU C 179 39.20 -43.52 13.16
C GLU C 179 38.84 -42.58 12.01
N PHE C 180 38.36 -41.39 12.33
CA PHE C 180 37.99 -40.42 11.31
C PHE C 180 39.22 -39.78 10.69
N ALA C 181 40.28 -39.59 11.48
CA ALA C 181 41.51 -38.98 10.98
C ALA C 181 42.05 -39.75 9.79
N LYS C 182 41.93 -41.08 9.85
CA LYS C 182 42.45 -41.95 8.81
C LYS C 182 41.72 -41.75 7.48
N VAL C 183 40.48 -41.25 7.51
CA VAL C 183 39.71 -41.08 6.28
C VAL C 183 39.44 -39.61 5.97
N LYS C 184 39.91 -38.71 6.82
CA LYS C 184 39.57 -37.28 6.68
C LYS C 184 40.01 -36.70 5.33
N ALA C 185 41.22 -37.04 4.90
CA ALA C 185 41.73 -36.50 3.64
C ALA C 185 40.80 -36.90 2.51
N HIS C 186 40.36 -38.15 2.54
CA HIS C 186 39.42 -38.65 1.55
C HIS C 186 38.09 -37.88 1.59
N LYS C 187 37.53 -37.72 2.79
CA LYS C 187 36.27 -37.00 2.95
C LYS C 187 36.39 -35.56 2.44
N VAL C 188 37.45 -34.87 2.84
CA VAL C 188 37.60 -33.46 2.52
C VAL C 188 37.90 -33.26 1.04
N ASN C 189 38.92 -33.94 0.53
CA ASN C 189 39.35 -33.70 -0.85
C ASN C 189 38.34 -34.16 -1.90
N GLU C 190 37.67 -35.29 -1.67
CA GLU C 190 36.67 -35.76 -2.61
C GLU C 190 35.43 -34.85 -2.62
N ALA C 191 35.08 -34.30 -1.46
CA ALA C 191 33.96 -33.36 -1.41
C ALA C 191 34.29 -32.11 -2.20
N MET C 192 35.54 -31.65 -2.09
CA MET C 192 35.99 -30.48 -2.84
C MET C 192 35.94 -30.70 -4.35
N LYS C 193 36.25 -31.91 -4.76
CA LYS C 193 36.19 -32.26 -6.16
C LYS C 193 34.71 -32.15 -6.65
N VAL C 194 33.77 -32.66 -5.87
CA VAL C 194 32.36 -32.65 -6.24
C VAL C 194 31.88 -31.22 -6.36
N PHE C 195 32.16 -30.38 -5.36
CA PHE C 195 31.58 -29.03 -5.30
C PHE C 195 32.33 -27.95 -6.06
N SER C 196 33.46 -28.33 -6.65
CA SER C 196 34.19 -27.49 -7.59
C SER C 196 33.59 -27.51 -9.01
N LYS C 197 32.71 -28.42 -9.24
CA LYS C 197 32.07 -28.54 -10.55
C LYS C 197 31.27 -27.30 -10.85
N GLU C 198 31.27 -26.90 -12.12
CA GLU C 198 30.66 -25.59 -12.48
C GLU C 198 29.20 -25.50 -12.03
N ARG C 199 28.52 -26.63 -12.02
CA ARG C 199 27.09 -26.66 -11.85
C ARG C 199 26.66 -26.11 -10.49
N PHE C 200 27.58 -26.12 -9.53
CA PHE C 200 27.26 -25.72 -8.16
C PHE C 200 27.47 -24.23 -7.90
N GLY C 201 28.11 -23.54 -8.84
CA GLY C 201 28.18 -22.09 -8.81
C GLY C 201 28.99 -21.52 -7.66
N VAL C 202 29.93 -22.31 -7.12
CA VAL C 202 30.69 -21.85 -5.97
C VAL C 202 31.79 -20.89 -6.40
N ASP C 203 31.95 -19.82 -5.67
CA ASP C 203 33.01 -18.90 -5.89
C ASP C 203 34.24 -19.16 -4.97
N VAL C 204 33.97 -19.47 -3.73
CA VAL C 204 35.00 -19.83 -2.78
C VAL C 204 34.56 -20.99 -1.90
N LEU C 205 35.46 -21.90 -1.65
CA LEU C 205 35.22 -23.03 -0.78
C LEU C 205 35.83 -22.74 0.58
N LYS C 206 35.05 -22.88 1.62
CA LYS C 206 35.53 -22.80 2.97
C LYS C 206 35.59 -24.22 3.50
N VAL C 207 36.80 -24.68 3.71
CA VAL C 207 37.06 -26.05 4.04
C VAL C 207 38.05 -26.30 5.19
N GLU C 208 37.97 -27.51 5.71
CA GLU C 208 38.91 -28.02 6.67
C GLU C 208 40.22 -28.32 6.01
N VAL C 209 41.27 -28.28 6.78
CA VAL C 209 42.54 -28.86 6.38
C VAL C 209 42.33 -30.35 6.26
N PRO C 210 42.98 -30.99 5.31
CA PRO C 210 42.64 -32.38 4.97
C PRO C 210 43.27 -33.42 5.90
N VAL C 211 43.72 -32.98 7.06
CA VAL C 211 44.30 -33.88 8.04
C VAL C 211 44.02 -33.32 9.44
N ASN C 212 43.86 -34.22 10.41
CA ASN C 212 43.78 -33.83 11.82
C ASN C 212 45.20 -33.70 12.34
N MET C 213 45.67 -32.46 12.43
CA MET C 213 47.07 -32.19 12.71
C MET C 213 47.49 -32.74 14.07
N LYS C 214 46.52 -32.99 14.95
CA LYS C 214 46.81 -33.55 16.28
C LYS C 214 47.37 -34.97 16.23
N PHE C 215 47.34 -35.59 15.05
CA PHE C 215 47.85 -36.95 14.89
C PHE C 215 49.09 -37.00 13.98
N VAL C 216 49.62 -35.82 13.68
CA VAL C 216 50.78 -35.72 12.80
C VAL C 216 52.03 -35.55 13.65
N GLU C 217 53.09 -36.26 13.27
CA GLU C 217 54.37 -36.18 13.95
C GLU C 217 54.84 -34.74 14.11
N GLY C 218 55.19 -34.36 15.34
CA GLY C 218 55.68 -33.03 15.62
C GLY C 218 54.58 -32.10 16.12
N PHE C 219 53.34 -32.40 15.73
CA PHE C 219 52.17 -31.66 16.16
C PHE C 219 51.36 -32.42 17.18
N ALA C 220 51.63 -33.72 17.30
CA ALA C 220 50.82 -34.60 18.13
C ALA C 220 51.29 -34.64 19.56
N ASP C 221 50.34 -34.47 20.48
CA ASP C 221 50.59 -34.58 21.90
C ASP C 221 50.52 -36.04 22.32
N GLY C 222 49.60 -36.78 21.69
CA GLY C 222 49.39 -38.18 21.98
C GLY C 222 49.84 -39.11 20.87
N GLU C 223 48.95 -39.98 20.45
CA GLU C 223 49.23 -40.97 19.41
C GLU C 223 49.60 -40.31 18.09
N VAL C 224 50.54 -40.90 17.35
CA VAL C 224 50.93 -40.38 16.04
C VAL C 224 50.48 -41.34 14.94
N LEU C 225 49.65 -40.83 14.04
CA LEU C 225 49.08 -41.61 12.95
C LEU C 225 49.79 -41.35 11.62
N PHE C 226 50.37 -40.16 11.47
CA PHE C 226 50.95 -39.73 10.21
C PHE C 226 52.33 -39.11 10.38
N THR C 227 53.22 -39.35 9.41
CA THR C 227 54.47 -38.62 9.29
C THR C 227 54.19 -37.23 8.70
N LYS C 228 55.17 -36.33 8.77
CA LYS C 228 55.00 -35.01 8.16
C LYS C 228 54.83 -35.16 6.66
N GLU C 229 55.53 -36.13 6.07
CA GLU C 229 55.47 -36.33 4.62
C GLU C 229 54.09 -36.78 4.16
N GLU C 230 53.45 -37.62 4.97
CA GLU C 230 52.09 -38.07 4.67
C GLU C 230 51.09 -36.92 4.78
N ALA C 231 51.21 -36.15 5.85
CA ALA C 231 50.36 -34.98 6.03
C ALA C 231 50.56 -34.00 4.88
N ALA C 232 51.83 -33.77 4.53
CA ALA C 232 52.15 -32.85 3.43
C ALA C 232 51.49 -33.29 2.12
N GLN C 233 51.49 -34.60 1.84
CA GLN C 233 50.89 -35.11 0.61
C GLN C 233 49.39 -34.82 0.58
N ALA C 234 48.74 -34.87 1.73
CA ALA C 234 47.30 -34.59 1.79
C ALA C 234 46.98 -33.15 1.39
N PHE C 235 47.88 -32.24 1.75
CA PHE C 235 47.72 -30.84 1.40
C PHE C 235 47.91 -30.65 -0.10
N ARG C 236 48.88 -31.34 -0.68
CA ARG C 236 49.07 -31.25 -2.12
C ARG C 236 47.88 -31.88 -2.85
N ASP C 237 47.34 -32.96 -2.31
CA ASP C 237 46.16 -33.57 -2.90
C ASP C 237 44.97 -32.60 -2.84
N GLN C 238 44.87 -31.87 -1.73
CA GLN C 238 43.81 -30.87 -1.59
C GLN C 238 43.97 -29.77 -2.62
N GLU C 239 45.19 -29.24 -2.75
CA GLU C 239 45.47 -28.21 -3.75
C GLU C 239 45.12 -28.69 -5.16
N ALA C 240 45.29 -29.99 -5.40
CA ALA C 240 45.01 -30.55 -6.69
C ALA C 240 43.52 -30.93 -6.85
N SER C 241 42.73 -30.71 -5.80
CA SER C 241 41.32 -31.13 -5.83
C SER C 241 40.38 -30.03 -6.33
N THR C 242 40.89 -28.81 -6.47
CA THR C 242 40.06 -27.68 -6.90
C THR C 242 40.91 -26.62 -7.57
N ASP C 243 40.31 -25.90 -8.51
CA ASP C 243 40.94 -24.71 -9.10
C ASP C 243 40.28 -23.45 -8.56
N LEU C 244 39.29 -23.61 -7.69
CA LEU C 244 38.63 -22.47 -7.07
C LEU C 244 39.47 -21.87 -5.96
N PRO C 245 39.23 -20.59 -5.67
CA PRO C 245 39.78 -20.06 -4.42
C PRO C 245 39.28 -20.89 -3.23
N TYR C 246 40.13 -21.14 -2.24
CA TYR C 246 39.67 -21.81 -1.04
C TYR C 246 40.40 -21.25 0.16
N ILE C 247 39.69 -21.27 1.29
CA ILE C 247 40.20 -20.75 2.55
C ILE C 247 39.92 -21.76 3.66
N TYR C 248 40.77 -21.75 4.69
CA TYR C 248 40.69 -22.70 5.78
C TYR C 248 39.85 -22.19 6.95
N LEU C 249 38.99 -23.04 7.50
CA LEU C 249 38.32 -22.72 8.75
C LEU C 249 39.18 -23.17 9.93
N SER C 250 39.25 -22.34 10.96
CA SER C 250 40.04 -22.64 12.15
C SER C 250 39.27 -23.36 13.23
N ALA C 251 38.11 -23.91 12.89
CA ALA C 251 37.27 -24.58 13.87
C ALA C 251 37.96 -25.83 14.41
N GLY C 252 37.90 -25.99 15.73
CA GLY C 252 38.33 -27.19 16.42
C GLY C 252 39.73 -27.15 17.04
N VAL C 253 40.62 -26.30 16.52
CA VAL C 253 41.98 -26.20 17.07
C VAL C 253 42.29 -24.86 17.76
N SER C 254 43.39 -24.83 18.50
CA SER C 254 43.88 -23.62 19.16
C SER C 254 44.37 -22.60 18.13
N ALA C 255 44.45 -21.34 18.53
CA ALA C 255 45.02 -20.31 17.66
C ALA C 255 46.45 -20.70 17.24
N LYS C 256 47.25 -21.19 18.19
CA LYS C 256 48.64 -21.50 17.90
C LYS C 256 48.74 -22.66 16.91
N LEU C 257 47.96 -23.71 17.12
CA LEU C 257 48.01 -24.86 16.22
C LEU C 257 47.52 -24.49 14.81
N PHE C 258 46.48 -23.67 14.74
CA PHE C 258 45.96 -23.23 13.44
C PHE C 258 47.04 -22.51 12.67
N GLN C 259 47.75 -21.61 13.35
CA GLN C 259 48.81 -20.83 12.73
C GLN C 259 49.98 -21.71 12.28
N ASP C 260 50.35 -22.69 13.09
CA ASP C 260 51.37 -23.66 12.69
C ASP C 260 50.92 -24.47 11.49
N THR C 261 49.61 -24.71 11.40
CA THR C 261 49.04 -25.48 10.30
C THR C 261 49.08 -24.67 9.00
N LEU C 262 48.84 -23.37 9.09
CA LEU C 262 48.93 -22.51 7.92
C LEU C 262 50.36 -22.53 7.36
N VAL C 263 51.33 -22.48 8.26
CA VAL C 263 52.73 -22.54 7.87
C VAL C 263 53.04 -23.88 7.20
N PHE C 264 52.53 -24.95 7.79
CA PHE C 264 52.76 -26.31 7.27
C PHE C 264 52.08 -26.45 5.91
N ALA C 265 50.89 -25.88 5.79
CA ALA C 265 50.15 -25.91 4.54
C ALA C 265 50.95 -25.23 3.43
N ALA C 266 51.45 -24.03 3.73
CA ALA C 266 52.19 -23.25 2.75
C ALA C 266 53.47 -23.97 2.35
N GLU C 267 54.18 -24.50 3.33
CA GLU C 267 55.42 -25.22 3.09
C GLU C 267 55.21 -26.48 2.28
N SER C 268 54.04 -27.09 2.45
CA SER C 268 53.70 -28.33 1.76
C SER C 268 53.33 -28.12 0.29
N GLY C 269 52.90 -26.91 -0.06
CA GLY C 269 52.53 -26.58 -1.43
C GLY C 269 51.06 -26.20 -1.62
N ALA C 270 50.31 -26.07 -0.53
CA ALA C 270 48.93 -25.61 -0.62
C ALA C 270 48.91 -24.10 -0.94
N LYS C 271 48.13 -23.72 -1.95
CA LYS C 271 47.97 -22.32 -2.31
C LYS C 271 46.60 -21.84 -1.85
N PHE C 272 46.39 -21.92 -0.53
CA PHE C 272 45.14 -21.47 0.08
C PHE C 272 45.11 -19.95 0.08
N ASN C 273 43.92 -19.39 0.07
CA ASN C 273 43.74 -17.97 -0.21
C ASN C 273 43.24 -17.18 0.97
N GLY C 274 43.36 -17.75 2.16
CA GLY C 274 42.96 -17.05 3.35
C GLY C 274 42.35 -17.98 4.37
N VAL C 275 41.68 -17.38 5.36
CA VAL C 275 41.10 -18.14 6.45
C VAL C 275 39.75 -17.57 6.92
N LEU C 276 38.99 -18.44 7.56
CA LEU C 276 37.84 -18.03 8.34
C LEU C 276 38.15 -18.37 9.80
N CYS C 277 38.45 -17.33 10.57
CA CYS C 277 38.82 -17.51 11.96
C CYS C 277 37.90 -16.70 12.84
N GLY C 278 37.40 -17.33 13.90
CA GLY C 278 36.46 -16.68 14.78
C GLY C 278 36.85 -16.81 16.23
N ARG C 279 36.44 -17.93 16.82
CA ARG C 279 36.55 -18.18 18.24
C ARG C 279 38.00 -17.96 18.72
N ALA C 280 38.96 -18.42 17.94
CA ALA C 280 40.38 -18.25 18.28
C ALA C 280 40.77 -16.78 18.47
N THR C 281 39.99 -15.85 17.92
CA THR C 281 40.31 -14.42 17.98
C THR C 281 39.57 -13.68 19.10
N TRP C 282 38.26 -13.90 19.23
CA TRP C 282 37.43 -13.10 20.14
C TRP C 282 36.93 -13.85 21.38
N ALA C 283 37.28 -15.12 21.52
CA ALA C 283 36.76 -15.95 22.62
C ALA C 283 36.86 -15.28 23.99
N GLY C 284 38.02 -14.67 24.26
CA GLY C 284 38.27 -14.10 25.57
C GLY C 284 37.35 -12.94 25.94
N SER C 285 36.75 -12.31 24.93
CA SER C 285 35.88 -11.16 25.17
C SER C 285 34.53 -11.56 25.78
N VAL C 286 34.19 -12.83 25.64
CA VAL C 286 32.88 -13.31 26.07
C VAL C 286 32.72 -13.25 27.58
N LYS C 287 33.64 -13.88 28.33
CA LYS C 287 33.58 -13.85 29.79
C LYS C 287 33.66 -12.41 30.29
N VAL C 288 34.55 -11.63 29.68
CA VAL C 288 34.76 -10.24 30.06
C VAL C 288 33.48 -9.44 29.85
N TYR C 289 32.83 -9.63 28.71
CA TYR C 289 31.60 -8.92 28.43
C TYR C 289 30.51 -9.27 29.45
N ILE C 290 30.36 -10.55 29.72
CA ILE C 290 29.33 -11.02 30.64
C ILE C 290 29.65 -10.62 32.09
N GLU C 291 30.89 -10.84 32.52
CA GLU C 291 31.25 -10.59 33.91
C GLU C 291 31.57 -9.13 34.20
N GLU C 292 32.13 -8.41 33.23
CA GLU C 292 32.60 -7.05 33.45
C GLU C 292 31.85 -5.99 32.65
N GLY C 293 31.07 -6.42 31.66
CA GLY C 293 30.23 -5.49 30.90
C GLY C 293 30.82 -5.01 29.59
N PRO C 294 30.07 -4.15 28.87
CA PRO C 294 30.39 -3.67 27.51
C PRO C 294 31.74 -2.95 27.35
N GLN C 295 32.01 -1.95 28.16
CA GLN C 295 33.22 -1.13 28.01
C GLN C 295 34.47 -1.96 28.24
N ALA C 296 34.41 -2.88 29.20
CA ALA C 296 35.52 -3.78 29.49
C ALA C 296 35.85 -4.63 28.28
N ALA C 297 34.82 -5.07 27.56
CA ALA C 297 35.01 -5.87 26.36
C ALA C 297 35.72 -5.08 25.28
N ARG C 298 35.37 -3.79 25.14
CA ARG C 298 36.02 -2.92 24.16
C ARG C 298 37.52 -2.82 24.37
N GLU C 299 37.92 -2.60 25.61
CA GLU C 299 39.34 -2.47 25.93
C GLU C 299 40.06 -3.80 25.75
N TRP C 300 39.43 -4.90 26.13
CA TRP C 300 39.98 -6.23 25.84
C TRP C 300 40.18 -6.37 24.35
N LEU C 301 39.14 -6.01 23.59
CA LEU C 301 39.19 -6.14 22.14
C LEU C 301 40.26 -5.24 21.52
N ARG C 302 40.44 -4.04 22.07
CA ARG C 302 41.45 -3.13 21.52
C ARG C 302 42.86 -3.57 21.87
N THR C 303 43.00 -4.47 22.84
CA THR C 303 44.32 -4.92 23.31
C THR C 303 44.59 -6.37 22.92
N GLU C 304 44.08 -7.33 23.69
CA GLU C 304 44.29 -8.74 23.39
C GLU C 304 43.64 -9.11 22.04
N GLY C 305 42.47 -8.54 21.76
CA GLY C 305 41.78 -8.80 20.51
C GLY C 305 42.63 -8.41 19.33
N PHE C 306 43.18 -7.20 19.36
CA PHE C 306 44.05 -6.74 18.28
C PHE C 306 45.30 -7.60 18.17
N LYS C 307 45.90 -7.93 19.30
CA LYS C 307 47.09 -8.78 19.29
C LYS C 307 46.77 -10.11 18.63
N ASN C 308 45.62 -10.69 18.96
CA ASN C 308 45.26 -11.99 18.39
C ASN C 308 45.14 -11.94 16.88
N ILE C 309 44.39 -10.98 16.38
CA ILE C 309 44.12 -10.90 14.95
C ILE C 309 45.38 -10.39 14.23
N ASP C 310 46.17 -9.57 14.91
CA ASP C 310 47.42 -9.09 14.34
C ASP C 310 48.44 -10.23 14.14
N GLU C 311 48.56 -11.10 15.14
CA GLU C 311 49.42 -12.27 15.01
C GLU C 311 49.00 -13.14 13.82
N LEU C 312 47.70 -13.38 13.68
CA LEU C 312 47.15 -14.16 12.58
C LEU C 312 47.48 -13.52 11.22
N ASN C 313 47.36 -12.20 11.14
CA ASN C 313 47.62 -11.50 9.89
C ASN C 313 49.09 -11.63 9.48
N LYS C 314 49.99 -11.59 10.45
CA LYS C 314 51.41 -11.73 10.19
C LYS C 314 51.72 -13.13 9.66
N VAL C 315 51.02 -14.14 10.20
CA VAL C 315 51.18 -15.50 9.70
C VAL C 315 50.61 -15.61 8.28
N LEU C 316 49.46 -14.98 8.07
CA LEU C 316 48.83 -14.98 6.76
C LEU C 316 49.73 -14.39 5.69
N ASP C 317 50.42 -13.30 6.03
CA ASP C 317 51.33 -12.62 5.12
C ASP C 317 52.39 -13.53 4.51
N LYS C 318 52.87 -14.50 5.28
CA LYS C 318 53.95 -15.35 4.81
C LYS C 318 53.47 -16.75 4.39
N THR C 319 52.15 -16.97 4.39
CA THR C 319 51.62 -18.29 4.06
C THR C 319 50.54 -18.28 2.97
N ALA C 320 49.64 -17.31 3.01
CA ALA C 320 48.48 -17.30 2.10
C ALA C 320 48.86 -16.84 0.69
N SER C 321 48.14 -17.33 -0.30
CA SER C 321 48.32 -16.94 -1.70
C SER C 321 47.13 -16.13 -2.18
N PRO C 322 47.37 -15.14 -3.06
CA PRO C 322 46.23 -14.32 -3.47
C PRO C 322 45.30 -15.06 -4.44
N TRP C 323 43.98 -14.92 -4.28
CA TRP C 323 43.04 -15.61 -5.17
C TRP C 323 43.10 -15.02 -6.57
N THR C 324 43.65 -13.82 -6.69
CA THR C 324 43.80 -13.19 -7.99
C THR C 324 44.76 -13.95 -8.90
N GLU C 325 45.48 -14.94 -8.35
CA GLU C 325 46.30 -15.83 -9.18
C GLU C 325 45.62 -17.13 -9.56
N LYS C 326 44.30 -17.19 -9.40
CA LYS C 326 43.53 -18.35 -9.80
C LYS C 326 42.58 -17.91 -10.90
N MET C 327 42.26 -16.62 -10.89
CA MET C 327 41.49 -16.00 -11.95
C MET C 327 42.33 -15.90 -13.22
N THR D 2 -33.12 11.53 -4.41
CA THR D 2 -33.12 12.97 -4.50
C THR D 2 -33.23 13.59 -3.11
N ILE D 3 -32.92 12.78 -2.11
CA ILE D 3 -33.21 13.09 -0.72
C ILE D 3 -32.19 12.37 0.14
N THR D 4 -32.17 12.59 1.44
CA THR D 4 -31.37 11.81 2.34
C THR D 4 -31.99 11.81 3.72
N LEU D 5 -31.86 10.70 4.45
CA LEU D 5 -32.21 10.60 5.87
C LEU D 5 -31.63 9.31 6.46
N THR D 6 -31.55 9.31 7.78
CA THR D 6 -30.95 8.23 8.55
C THR D 6 -31.43 8.42 9.96
N GLU D 7 -31.09 7.53 10.91
CA GLU D 7 -31.78 7.59 12.17
C GLU D 7 -31.65 8.95 12.85
N ASN D 8 -30.46 9.51 12.96
CA ASN D 8 -30.31 10.85 13.53
C ASN D 8 -30.89 11.99 12.72
N LYS D 9 -30.80 11.92 11.41
CA LYS D 9 -31.40 12.93 10.57
C LYS D 9 -32.91 12.94 10.81
N ARG D 10 -33.49 11.76 10.91
CA ARG D 10 -34.92 11.61 11.08
C ARG D 10 -35.37 12.11 12.44
N LYS D 11 -34.68 11.72 13.48
CA LYS D 11 -35.02 12.15 14.81
C LYS D 11 -34.91 13.68 14.93
N SER D 12 -33.88 14.24 14.33
CA SER D 12 -33.66 15.66 14.34
C SER D 12 -34.80 16.38 13.63
N MET D 13 -35.21 15.81 12.52
CA MET D 13 -36.27 16.36 11.72
C MET D 13 -37.59 16.39 12.51
N GLU D 14 -37.84 15.34 13.25
CA GLU D 14 -38.98 15.25 14.11
C GLU D 14 -38.91 16.34 15.14
N LYS D 15 -37.73 16.57 15.64
CA LYS D 15 -37.50 17.54 16.66
C LYS D 15 -37.73 18.98 16.24
N LEU D 16 -37.60 19.25 14.97
CA LEU D 16 -37.71 20.58 14.43
C LEU D 16 -39.13 20.94 13.98
N SER D 17 -40.04 19.99 14.11
CA SER D 17 -41.35 20.06 13.54
C SER D 17 -42.39 19.78 14.59
N VAL D 18 -43.60 20.25 14.36
CA VAL D 18 -44.74 19.86 15.17
C VAL D 18 -45.78 19.29 14.23
N ASP D 19 -46.07 18.01 14.43
CA ASP D 19 -46.95 17.25 13.54
C ASP D 19 -46.52 17.45 12.09
N GLY D 20 -45.22 17.40 11.84
CA GLY D 20 -44.70 17.48 10.49
C GLY D 20 -44.71 18.87 9.89
N VAL D 21 -44.99 19.89 10.70
CA VAL D 21 -44.96 21.27 10.23
C VAL D 21 -43.85 22.01 10.97
N ILE D 22 -43.04 22.74 10.20
CA ILE D 22 -41.93 23.51 10.74
C ILE D 22 -42.32 24.96 11.00
N SER D 23 -42.32 25.34 12.28
CA SER D 23 -42.52 26.73 12.67
C SER D 23 -41.24 27.24 13.34
N ALA D 24 -40.25 27.61 12.53
CA ALA D 24 -38.95 27.94 13.07
C ALA D 24 -38.86 29.43 13.36
N LEU D 25 -38.50 29.75 14.58
CA LEU D 25 -38.25 31.12 14.99
C LEU D 25 -36.83 31.47 14.59
N ALA D 26 -36.68 32.50 13.76
CA ALA D 26 -35.37 32.84 13.23
C ALA D 26 -34.74 33.97 14.03
N PHE D 27 -33.58 33.70 14.62
CA PHE D 27 -32.85 34.73 15.35
C PHE D 27 -31.35 34.54 15.25
N ASP D 28 -30.86 34.30 14.05
CA ASP D 28 -29.42 34.18 13.83
C ASP D 28 -28.80 35.50 13.39
N GLN D 29 -29.59 36.57 13.45
CA GLN D 29 -29.09 37.89 13.07
C GLN D 29 -27.92 38.29 13.96
N ARG D 30 -26.90 38.87 13.34
CA ARG D 30 -25.69 39.26 14.02
C ARG D 30 -25.47 40.76 13.81
N GLY D 31 -24.79 41.13 12.73
CA GLY D 31 -24.63 42.53 12.40
C GLY D 31 -25.95 43.26 12.31
N ALA D 32 -26.95 42.59 11.72
CA ALA D 32 -28.27 43.18 11.55
C ALA D 32 -28.90 43.55 12.90
N LEU D 33 -28.78 42.68 13.89
CA LEU D 33 -29.36 42.92 15.21
C LEU D 33 -28.62 44.04 15.93
N LYS D 34 -27.30 44.06 15.78
CA LYS D 34 -26.48 45.09 16.39
C LYS D 34 -26.89 46.48 15.88
N ARG D 35 -27.10 46.60 14.58
CA ARG D 35 -27.53 47.87 13.99
C ARG D 35 -28.91 48.25 14.51
N MET D 36 -29.77 47.25 14.70
CA MET D 36 -31.09 47.47 15.28
C MET D 36 -30.96 48.02 16.68
N MET D 37 -30.03 47.47 17.46
CA MET D 37 -29.83 47.92 18.83
C MET D 37 -29.18 49.31 18.89
N ALA D 38 -28.28 49.61 17.96
CA ALA D 38 -27.49 50.83 18.03
C ALA D 38 -28.29 52.11 17.83
N GLN D 39 -29.50 51.99 17.29
CA GLN D 39 -30.36 53.15 17.06
C GLN D 39 -31.06 53.64 18.33
N HIS D 40 -31.00 52.84 19.40
CA HIS D 40 -31.76 53.14 20.62
C HIS D 40 -30.84 53.48 21.79
N GLN D 41 -29.54 53.51 21.55
CA GLN D 41 -28.59 53.89 22.59
C GLN D 41 -27.34 54.53 22.00
N THR D 42 -26.57 55.18 22.85
CA THR D 42 -25.38 55.92 22.43
C THR D 42 -24.17 55.01 22.36
N LYS D 43 -24.00 54.17 23.37
CA LYS D 43 -22.85 53.27 23.41
C LYS D 43 -23.01 52.16 22.37
N GLU D 44 -21.90 51.66 21.86
CA GLU D 44 -21.94 50.52 20.97
C GLU D 44 -22.59 49.35 21.73
N PRO D 45 -23.57 48.68 21.11
CA PRO D 45 -24.15 47.52 21.81
C PRO D 45 -23.10 46.45 22.10
N THR D 46 -23.19 45.86 23.28
CA THR D 46 -22.20 44.90 23.75
C THR D 46 -22.57 43.46 23.44
N VAL D 47 -21.57 42.58 23.48
CA VAL D 47 -21.80 41.15 23.33
C VAL D 47 -22.82 40.68 24.36
N GLU D 48 -22.69 41.19 25.58
CA GLU D 48 -23.58 40.79 26.67
C GLU D 48 -25.03 41.13 26.32
N GLN D 49 -25.25 42.30 25.74
CA GLN D 49 -26.60 42.72 25.38
C GLN D 49 -27.15 41.83 24.27
N ILE D 50 -26.37 41.63 23.22
CA ILE D 50 -26.78 40.79 22.10
C ILE D 50 -27.11 39.37 22.57
N GLU D 51 -26.22 38.80 23.37
CA GLU D 51 -26.43 37.45 23.89
C GLU D 51 -27.67 37.37 24.79
N GLU D 52 -27.88 38.40 25.60
CA GLU D 52 -28.99 38.39 26.54
C GLU D 52 -30.34 38.43 25.83
N LEU D 53 -30.46 39.31 24.84
CA LEU D 53 -31.73 39.45 24.15
C LEU D 53 -32.06 38.16 23.40
N LYS D 54 -31.05 37.51 22.84
CA LYS D 54 -31.28 36.24 22.17
C LYS D 54 -31.79 35.20 23.16
N SER D 55 -31.25 35.20 24.38
CA SER D 55 -31.70 34.26 25.41
C SER D 55 -33.14 34.53 25.86
N LEU D 56 -33.51 35.81 25.97
CA LEU D 56 -34.88 36.16 26.38
C LEU D 56 -35.89 35.70 25.34
N VAL D 57 -35.62 35.97 24.07
CA VAL D 57 -36.48 35.55 22.98
C VAL D 57 -36.56 34.03 22.95
N SER D 58 -35.42 33.38 23.11
CA SER D 58 -35.37 31.91 23.10
C SER D 58 -36.23 31.35 24.21
N GLU D 59 -36.01 31.83 25.43
CA GLU D 59 -36.70 31.31 26.58
C GLU D 59 -38.21 31.53 26.52
N GLU D 60 -38.63 32.71 26.07
CA GLU D 60 -40.04 33.10 26.15
C GLU D 60 -40.89 32.60 24.97
N LEU D 61 -40.29 32.48 23.79
CA LEU D 61 -41.09 32.20 22.59
C LEU D 61 -40.94 30.78 22.04
N THR D 62 -39.86 30.08 22.38
CA THR D 62 -39.70 28.72 21.83
C THR D 62 -40.75 27.74 22.36
N PRO D 63 -41.43 28.07 23.47
CA PRO D 63 -42.56 27.19 23.80
C PRO D 63 -43.68 27.23 22.77
N PHE D 64 -43.65 28.21 21.86
CA PHE D 64 -44.72 28.38 20.86
C PHE D 64 -44.20 28.22 19.43
N ALA D 65 -42.99 27.68 19.30
CA ALA D 65 -42.37 27.40 18.00
C ALA D 65 -41.87 25.96 17.97
N SER D 66 -41.78 25.36 16.78
CA SER D 66 -41.29 23.99 16.68
C SER D 66 -39.78 23.94 16.81
N SER D 67 -39.13 25.08 16.55
CA SER D 67 -37.68 25.15 16.62
C SER D 67 -37.20 26.61 16.58
N ILE D 68 -35.92 26.81 16.86
CA ILE D 68 -35.31 28.14 16.77
C ILE D 68 -33.98 28.08 16.03
N LEU D 69 -33.78 29.07 15.16
CA LEU D 69 -32.52 29.24 14.44
C LEU D 69 -31.68 30.28 15.13
N LEU D 70 -30.48 29.86 15.55
CA LEU D 70 -29.53 30.75 16.21
C LEU D 70 -28.17 30.71 15.52
N ASP D 71 -27.36 31.70 15.83
CA ASP D 71 -26.00 31.81 15.32
C ASP D 71 -25.00 31.35 16.38
N PRO D 72 -23.91 30.68 15.95
CA PRO D 72 -22.91 30.28 16.94
C PRO D 72 -22.16 31.45 17.57
N GLU D 73 -22.20 32.62 16.94
CA GLU D 73 -21.41 33.74 17.41
C GLU D 73 -21.96 34.32 18.72
N TYR D 74 -23.27 34.56 18.78
CA TYR D 74 -23.89 35.14 19.97
C TYR D 74 -24.96 34.24 20.57
N GLY D 75 -25.34 33.20 19.84
CA GLY D 75 -26.55 32.47 20.15
C GLY D 75 -26.46 31.21 20.97
N LEU D 76 -25.26 30.79 21.39
CA LEU D 76 -25.13 29.52 22.09
C LEU D 76 -25.77 29.56 23.48
N PRO D 77 -25.55 30.63 24.24
CA PRO D 77 -26.28 30.70 25.51
C PRO D 77 -27.80 30.60 25.32
N ALA D 78 -28.33 31.28 24.31
CA ALA D 78 -29.77 31.24 24.04
C ALA D 78 -30.24 29.83 23.69
N SER D 79 -29.40 29.08 22.97
CA SER D 79 -29.77 27.73 22.55
C SER D 79 -29.99 26.82 23.75
N ARG D 80 -29.26 27.07 24.83
CA ARG D 80 -29.35 26.21 26.01
C ARG D 80 -30.56 26.51 26.90
N VAL D 81 -31.25 27.63 26.65
CA VAL D 81 -32.43 27.96 27.44
C VAL D 81 -33.68 27.82 26.59
N ARG D 82 -33.56 27.27 25.40
CA ARG D 82 -34.74 27.05 24.58
C ARG D 82 -35.59 25.98 25.26
N SER D 83 -36.88 25.98 24.95
CA SER D 83 -37.82 24.98 25.46
C SER D 83 -37.32 23.57 25.19
N GLU D 84 -37.60 22.64 26.10
CA GLU D 84 -37.10 21.28 25.93
C GLU D 84 -37.71 20.59 24.71
N GLU D 85 -38.87 21.06 24.29
CA GLU D 85 -39.57 20.49 23.14
C GLU D 85 -39.17 21.09 21.79
N ALA D 86 -38.36 22.14 21.82
CA ALA D 86 -38.02 22.87 20.60
C ALA D 86 -36.66 22.45 20.06
N GLY D 87 -36.59 22.22 18.75
CA GLY D 87 -35.34 21.86 18.10
C GLY D 87 -34.48 23.10 17.86
N LEU D 88 -33.23 22.87 17.49
CA LEU D 88 -32.26 23.94 17.28
C LEU D 88 -31.62 23.83 15.89
N LEU D 89 -31.61 24.94 15.16
CA LEU D 89 -30.80 25.07 13.96
C LEU D 89 -29.67 26.05 14.25
N LEU D 90 -28.45 25.73 13.79
CA LEU D 90 -27.35 26.68 13.91
C LEU D 90 -26.88 27.09 12.52
N ALA D 91 -26.71 28.39 12.35
CA ALA D 91 -26.26 28.96 11.09
C ALA D 91 -24.78 28.66 10.89
N TYR D 92 -24.41 28.32 9.65
CA TYR D 92 -23.07 27.84 9.34
C TYR D 92 -22.31 28.86 8.47
N GLU D 93 -23.05 29.80 7.87
CA GLU D 93 -22.45 30.74 6.93
C GLU D 93 -21.97 32.03 7.58
N LYS D 94 -20.94 32.64 7.00
CA LYS D 94 -20.62 34.03 7.29
C LYS D 94 -21.71 34.92 6.70
N THR D 95 -21.96 36.03 7.37
CA THR D 95 -23.05 36.92 6.98
C THR D 95 -22.65 37.87 5.85
N GLY D 96 -23.65 38.32 5.09
CA GLY D 96 -23.46 39.40 4.15
C GLY D 96 -22.78 38.97 2.88
N TYR D 97 -22.34 39.94 2.08
CA TYR D 97 -21.62 39.66 0.84
C TYR D 97 -20.80 40.87 0.43
N ASP D 98 -19.81 40.64 -0.43
CA ASP D 98 -18.95 41.69 -0.94
C ASP D 98 -19.70 42.58 -1.92
N ALA D 99 -19.86 43.85 -1.57
CA ALA D 99 -20.63 44.79 -2.37
C ALA D 99 -19.86 45.24 -3.62
N THR D 100 -18.55 44.99 -3.66
CA THR D 100 -17.75 45.42 -4.79
C THR D 100 -17.80 44.42 -5.96
N THR D 101 -18.42 43.26 -5.71
CA THR D 101 -18.61 42.24 -6.76
C THR D 101 -20.03 41.73 -6.78
N THR D 102 -20.38 41.01 -7.85
CA THR D 102 -21.72 40.49 -8.02
C THR D 102 -21.80 38.98 -7.74
N SER D 103 -20.69 38.37 -7.34
CA SER D 103 -20.63 36.92 -7.25
C SER D 103 -21.29 36.37 -5.98
N ARG D 104 -21.29 37.17 -4.91
CA ARG D 104 -21.89 36.80 -3.62
C ARG D 104 -21.57 35.36 -3.20
N LEU D 105 -20.28 35.06 -3.16
CA LEU D 105 -19.80 33.70 -2.88
C LEU D 105 -19.98 33.28 -1.41
N PRO D 106 -20.29 31.99 -1.18
CA PRO D 106 -20.51 31.49 0.18
C PRO D 106 -19.23 31.20 0.95
N ASP D 107 -19.30 31.29 2.27
CA ASP D 107 -18.13 31.05 3.13
C ASP D 107 -18.64 30.61 4.50
N CYS D 108 -18.21 29.43 4.94
CA CYS D 108 -18.56 28.90 6.25
C CYS D 108 -17.81 29.64 7.37
N LEU D 109 -18.42 29.70 8.54
CA LEU D 109 -17.77 30.25 9.73
C LEU D 109 -16.43 29.57 9.98
N ASP D 110 -15.40 30.35 10.30
CA ASP D 110 -14.02 29.86 10.31
C ASP D 110 -13.74 28.68 11.24
N VAL D 111 -14.31 28.67 12.45
CA VAL D 111 -13.99 27.60 13.40
C VAL D 111 -15.12 26.61 13.58
N TRP D 112 -15.99 26.49 12.57
CA TRP D 112 -17.11 25.56 12.64
C TRP D 112 -17.05 24.52 11.53
N SER D 113 -17.73 23.41 11.79
CA SER D 113 -17.88 22.30 10.87
C SER D 113 -19.23 21.70 11.18
N ALA D 114 -19.77 20.89 10.29
CA ALA D 114 -21.03 20.21 10.58
C ALA D 114 -20.90 19.38 11.85
N LYS D 115 -19.73 18.76 12.03
CA LYS D 115 -19.47 17.94 13.20
C LYS D 115 -19.57 18.78 14.46
N ARG D 116 -18.97 19.96 14.44
CA ARG D 116 -18.99 20.84 15.61
C ARG D 116 -20.40 21.38 15.86
N ILE D 117 -21.13 21.63 14.78
CA ILE D 117 -22.51 22.11 14.94
C ILE D 117 -23.33 21.03 15.63
N LYS D 118 -23.15 19.78 15.21
CA LYS D 118 -23.82 18.66 15.87
C LYS D 118 -23.39 18.52 17.33
N GLU D 119 -22.10 18.66 17.58
CA GLU D 119 -21.56 18.55 18.93
C GLU D 119 -22.11 19.65 19.85
N ALA D 120 -22.50 20.78 19.25
CA ALA D 120 -23.08 21.88 20.02
C ALA D 120 -24.55 21.65 20.31
N GLY D 121 -25.09 20.52 19.86
CA GLY D 121 -26.44 20.13 20.23
C GLY D 121 -27.49 20.53 19.20
N ALA D 122 -27.06 20.99 18.03
CA ALA D 122 -27.99 21.39 16.98
C ALA D 122 -28.68 20.18 16.37
N GLU D 123 -29.94 20.37 15.98
CA GLU D 123 -30.69 19.39 15.23
C GLU D 123 -30.68 19.69 13.73
N ALA D 124 -30.03 20.77 13.33
CA ALA D 124 -29.85 21.06 11.91
C ALA D 124 -28.70 22.01 11.66
N VAL D 125 -28.07 21.84 10.51
CA VAL D 125 -27.13 22.80 9.96
C VAL D 125 -27.92 23.69 9.01
N LYS D 126 -27.89 24.99 9.24
CA LYS D 126 -28.53 25.96 8.35
C LYS D 126 -27.43 26.67 7.57
N PHE D 127 -27.60 26.82 6.26
CA PHE D 127 -26.66 27.56 5.44
C PHE D 127 -27.36 28.44 4.43
N LEU D 128 -26.98 29.71 4.37
CA LEU D 128 -27.57 30.68 3.45
C LEU D 128 -26.71 30.82 2.20
N LEU D 129 -27.34 30.61 1.05
CA LEU D 129 -26.69 30.77 -0.25
C LEU D 129 -27.41 31.82 -1.08
N TYR D 130 -26.66 32.79 -1.59
CA TYR D 130 -27.16 33.71 -2.60
C TYR D 130 -26.97 33.05 -3.98
N TYR D 131 -28.03 33.01 -4.79
CA TYR D 131 -27.94 32.33 -6.09
C TYR D 131 -28.68 33.04 -7.20
N ASP D 132 -27.97 33.31 -8.29
CA ASP D 132 -28.57 33.83 -9.52
C ASP D 132 -28.45 32.77 -10.61
N ILE D 133 -29.54 32.07 -10.89
CA ILE D 133 -29.56 31.00 -11.89
C ILE D 133 -29.01 31.47 -13.24
N ASP D 134 -29.17 32.76 -13.52
CA ASP D 134 -28.74 33.33 -14.80
C ASP D 134 -27.34 33.96 -14.77
N GLY D 135 -26.64 33.82 -13.65
CA GLY D 135 -25.37 34.48 -13.47
C GLY D 135 -24.19 33.73 -14.09
N ASP D 136 -23.00 34.21 -13.80
CA ASP D 136 -21.77 33.64 -14.34
C ASP D 136 -21.69 32.15 -14.04
N GLN D 137 -21.47 31.33 -15.07
CA GLN D 137 -21.53 29.87 -14.90
C GLN D 137 -20.43 29.34 -13.99
N ASP D 138 -19.27 29.99 -14.01
CA ASP D 138 -18.16 29.58 -13.16
C ASP D 138 -18.42 29.93 -11.70
N VAL D 139 -19.01 31.10 -11.45
CA VAL D 139 -19.44 31.45 -10.10
C VAL D 139 -20.40 30.40 -9.58
N ASN D 140 -21.38 30.02 -10.39
CA ASN D 140 -22.35 29.02 -9.94
C ASN D 140 -21.77 27.63 -9.79
N GLU D 141 -20.74 27.31 -10.56
CA GLU D 141 -20.07 26.02 -10.38
C GLU D 141 -19.39 26.00 -9.03
N GLN D 142 -18.79 27.12 -8.66
N GLN D 142 -18.79 27.09 -8.65
CA GLN D 142 -18.15 27.23 -7.37
CA GLN D 142 -18.19 27.21 -7.34
C GLN D 142 -19.19 27.10 -6.23
C GLN D 142 -19.22 27.08 -6.23
N LYS D 143 -20.35 27.69 -6.43
CA LYS D 143 -21.42 27.61 -5.44
C LYS D 143 -21.95 26.17 -5.31
N LYS D 144 -22.16 25.51 -6.44
CA LYS D 144 -22.64 24.14 -6.42
C LYS D 144 -21.62 23.21 -5.75
N ALA D 145 -20.33 23.38 -6.08
CA ALA D 145 -19.28 22.60 -5.42
C ALA D 145 -19.33 22.84 -3.91
N TYR D 146 -19.54 24.10 -3.50
CA TYR D 146 -19.52 24.42 -2.08
C TYR D 146 -20.65 23.71 -1.32
N ILE D 147 -21.84 23.75 -1.90
CA ILE D 147 -23.00 23.12 -1.29
C ILE D 147 -22.85 21.60 -1.28
N GLU D 148 -22.22 21.03 -2.31
CA GLU D 148 -21.94 19.61 -2.32
C GLU D 148 -21.10 19.21 -1.09
N ARG D 149 -20.11 20.02 -0.75
CA ARG D 149 -19.24 19.72 0.39
C ARG D 149 -20.07 19.68 1.68
N ILE D 150 -20.89 20.69 1.87
CA ILE D 150 -21.68 20.80 3.08
C ILE D 150 -22.70 19.67 3.16
N GLY D 151 -23.35 19.36 2.04
CA GLY D 151 -24.29 18.25 2.00
C GLY D 151 -23.61 16.93 2.35
N SER D 152 -22.38 16.79 1.88
CA SER D 152 -21.62 15.58 2.17
C SER D 152 -21.27 15.51 3.66
N GLU D 153 -20.79 16.63 4.21
CA GLU D 153 -20.51 16.74 5.66
C GLU D 153 -21.71 16.28 6.48
N CYS D 154 -22.86 16.83 6.13
CA CYS D 154 -24.07 16.62 6.90
C CYS D 154 -24.54 15.19 6.81
N ARG D 155 -24.29 14.54 5.68
CA ARG D 155 -24.62 13.13 5.54
C ARG D 155 -23.74 12.30 6.48
N ALA D 156 -22.45 12.62 6.54
CA ALA D 156 -21.51 11.85 7.37
C ALA D 156 -21.80 12.03 8.85
N GLU D 157 -22.16 13.26 9.23
CA GLU D 157 -22.43 13.58 10.62
C GLU D 157 -23.89 13.26 10.99
N ASP D 158 -24.70 12.89 9.99
CA ASP D 158 -26.06 12.45 10.25
C ASP D 158 -26.90 13.55 10.90
N ILE D 159 -26.79 14.75 10.33
CA ILE D 159 -27.52 15.92 10.81
C ILE D 159 -28.23 16.60 9.64
N PRO D 160 -29.52 16.98 9.79
CA PRO D 160 -30.25 17.62 8.68
C PRO D 160 -29.56 18.86 8.13
N PHE D 161 -29.59 18.99 6.80
CA PHE D 161 -29.03 20.13 6.10
C PHE D 161 -30.18 21.00 5.63
N TYR D 162 -30.32 22.18 6.21
CA TYR D 162 -31.32 23.15 5.79
C TYR D 162 -30.65 24.20 4.93
N LEU D 163 -30.95 24.20 3.63
CA LEU D 163 -30.36 25.17 2.72
C LEU D 163 -31.30 26.33 2.46
N GLN D 164 -30.88 27.54 2.84
CA GLN D 164 -31.64 28.75 2.54
C GLN D 164 -31.13 29.37 1.24
N ILE D 165 -32.03 29.61 0.30
CA ILE D 165 -31.68 30.25 -0.95
C ILE D 165 -32.31 31.64 -1.05
N LEU D 166 -31.46 32.64 -1.21
CA LEU D 166 -31.90 34.00 -1.54
C LEU D 166 -31.47 34.30 -2.96
N THR D 167 -32.45 34.63 -3.80
CA THR D 167 -32.18 34.89 -5.20
C THR D 167 -31.83 36.34 -5.44
N TYR D 168 -31.11 36.58 -6.53
CA TYR D 168 -30.76 37.92 -6.93
C TYR D 168 -30.40 37.89 -8.39
N ASP D 169 -30.12 39.08 -8.93
CA ASP D 169 -29.65 39.19 -10.30
C ASP D 169 -28.39 40.05 -10.33
N GLU D 170 -27.34 39.54 -10.96
CA GLU D 170 -26.08 40.25 -11.04
C GLU D 170 -26.22 41.67 -11.57
N LYS D 171 -27.23 41.88 -12.41
CA LYS D 171 -27.38 43.15 -13.14
C LYS D 171 -28.49 44.06 -12.59
N ILE D 172 -29.21 43.59 -11.58
CA ILE D 172 -30.27 44.39 -10.95
C ILE D 172 -29.93 44.61 -9.49
N ALA D 173 -29.71 45.88 -9.11
CA ALA D 173 -29.27 46.19 -7.76
C ALA D 173 -30.36 45.94 -6.71
N ASP D 174 -31.61 46.23 -7.07
CA ASP D 174 -32.70 46.24 -6.10
C ASP D 174 -33.70 45.10 -6.33
N ASN D 175 -33.76 44.16 -5.38
N ASN D 175 -33.73 44.16 -5.38
CA ASN D 175 -34.64 43.01 -5.51
CA ASN D 175 -34.64 43.02 -5.43
C ASN D 175 -36.11 43.38 -5.26
C ASN D 175 -36.10 43.37 -5.21
N ALA D 176 -36.32 44.57 -4.71
CA ALA D 176 -37.63 45.18 -4.47
C ALA D 176 -38.23 45.85 -5.73
N SER D 177 -37.43 45.94 -6.76
CA SER D 177 -37.77 46.55 -8.02
C SER D 177 -38.77 45.79 -8.86
N PRO D 178 -39.48 46.53 -9.70
CA PRO D 178 -40.35 45.92 -10.69
C PRO D 178 -39.52 45.04 -11.64
N GLU D 179 -38.32 45.50 -11.97
CA GLU D 179 -37.48 44.81 -12.95
C GLU D 179 -37.18 43.37 -12.38
N PHE D 180 -36.83 43.30 -11.11
CA PHE D 180 -36.64 42.01 -10.48
C PHE D 180 -37.90 41.16 -10.38
N ALA D 181 -39.03 41.80 -10.02
CA ALA D 181 -40.29 41.09 -9.81
C ALA D 181 -40.67 40.27 -11.03
N LYS D 182 -40.38 40.81 -12.20
CA LYS D 182 -40.73 40.16 -13.47
C LYS D 182 -39.98 38.85 -13.68
N VAL D 183 -38.83 38.70 -13.00
CA VAL D 183 -38.01 37.49 -13.17
C VAL D 183 -37.88 36.64 -11.91
N LYS D 184 -38.52 37.06 -10.81
CA LYS D 184 -38.33 36.38 -9.53
C LYS D 184 -38.74 34.92 -9.57
N ALA D 185 -39.87 34.63 -10.21
CA ALA D 185 -40.37 33.25 -10.27
C ALA D 185 -39.31 32.35 -10.92
N HIS D 186 -38.73 32.84 -12.00
CA HIS D 186 -37.66 32.14 -12.71
C HIS D 186 -36.46 31.91 -11.79
N LYS D 187 -36.03 32.97 -11.11
CA LYS D 187 -34.90 32.89 -10.20
C LYS D 187 -35.12 31.89 -9.07
N VAL D 188 -36.29 31.96 -8.44
CA VAL D 188 -36.58 31.12 -7.28
C VAL D 188 -36.79 29.68 -7.68
N ASN D 189 -37.68 29.44 -8.61
CA ASN D 189 -38.04 28.07 -8.97
C ASN D 189 -36.91 27.30 -9.66
N GLU D 190 -36.13 27.97 -10.50
CA GLU D 190 -35.03 27.29 -11.16
C GLU D 190 -33.92 26.95 -10.17
N ALA D 191 -33.70 27.82 -9.17
CA ALA D 191 -32.72 27.53 -8.14
C ALA D 191 -33.13 26.32 -7.31
N MET D 192 -34.42 26.21 -7.02
CA MET D 192 -34.96 25.06 -6.29
C MET D 192 -34.75 23.77 -7.07
N LYS D 193 -34.92 23.84 -8.39
CA LYS D 193 -34.71 22.67 -9.23
C LYS D 193 -33.25 22.21 -9.15
N VAL D 194 -32.31 23.14 -9.16
CA VAL D 194 -30.93 22.76 -9.06
C VAL D 194 -30.61 22.09 -7.73
N PHE D 195 -31.03 22.70 -6.65
CA PHE D 195 -30.59 22.30 -5.33
C PHE D 195 -31.42 21.20 -4.71
N SER D 196 -32.42 20.74 -5.43
CA SER D 196 -33.16 19.56 -5.11
C SER D 196 -32.47 18.27 -5.63
N LYS D 197 -31.48 18.42 -6.46
CA LYS D 197 -30.75 17.29 -6.98
C LYS D 197 -30.07 16.57 -5.86
N GLU D 198 -30.05 15.26 -5.94
CA GLU D 198 -29.60 14.44 -4.84
C GLU D 198 -28.16 14.75 -4.41
N ARG D 199 -27.34 15.17 -5.34
CA ARG D 199 -25.94 15.38 -5.09
C ARG D 199 -25.65 16.47 -4.05
N PHE D 200 -26.61 17.33 -3.79
CA PHE D 200 -26.39 18.44 -2.85
C PHE D 200 -26.79 18.09 -1.42
N GLY D 201 -27.48 16.96 -1.22
CA GLY D 201 -27.72 16.42 0.10
C GLY D 201 -28.65 17.26 0.99
N VAL D 202 -29.51 18.06 0.36
CA VAL D 202 -30.39 18.94 1.12
C VAL D 202 -31.55 18.16 1.72
N ASP D 203 -31.89 18.45 2.95
CA ASP D 203 -33.03 17.89 3.59
C ASP D 203 -34.26 18.79 3.57
N VAL D 204 -34.07 20.07 3.86
CA VAL D 204 -35.12 21.04 3.75
C VAL D 204 -34.63 22.30 3.05
N LEU D 205 -35.43 22.80 2.14
CA LEU D 205 -35.17 24.05 1.46
C LEU D 205 -35.89 25.21 2.14
N LYS D 206 -35.15 26.25 2.42
CA LYS D 206 -35.70 27.49 2.93
C LYS D 206 -35.67 28.53 1.82
N VAL D 207 -36.85 28.93 1.39
CA VAL D 207 -36.98 29.71 0.19
C VAL D 207 -37.99 30.83 0.26
N GLU D 208 -37.78 31.78 -0.62
CA GLU D 208 -38.71 32.87 -0.87
C GLU D 208 -39.95 32.44 -1.62
N VAL D 209 -41.05 33.11 -1.36
CA VAL D 209 -42.20 32.90 -2.22
C VAL D 209 -41.75 33.38 -3.61
N PRO D 210 -42.25 32.75 -4.69
CA PRO D 210 -41.76 32.97 -6.05
C PRO D 210 -42.35 34.19 -6.75
N VAL D 211 -42.95 35.08 -5.99
CA VAL D 211 -43.52 36.29 -6.58
C VAL D 211 -43.39 37.40 -5.56
N ASN D 212 -43.19 38.62 -6.04
CA ASN D 212 -43.24 39.78 -5.16
C ASN D 212 -44.70 40.17 -5.02
N MET D 213 -45.30 39.79 -3.89
CA MET D 213 -46.74 39.96 -3.69
C MET D 213 -47.18 41.43 -3.73
N LYS D 214 -46.24 42.34 -3.49
CA LYS D 214 -46.54 43.77 -3.49
C LYS D 214 -46.93 44.30 -4.88
N PHE D 215 -46.75 43.47 -5.90
CA PHE D 215 -47.11 43.85 -7.28
C PHE D 215 -48.27 42.98 -7.80
N VAL D 216 -48.90 42.22 -6.92
CA VAL D 216 -49.99 41.32 -7.27
C VAL D 216 -51.34 41.94 -6.94
N GLU D 217 -52.31 41.81 -7.84
CA GLU D 217 -53.65 42.35 -7.64
C GLU D 217 -54.26 41.92 -6.32
N GLY D 218 -54.74 42.89 -5.55
CA GLY D 218 -55.35 42.63 -4.25
C GLY D 218 -54.36 42.79 -3.11
N PHE D 219 -53.08 42.61 -3.41
CA PHE D 219 -52.00 42.78 -2.42
C PHE D 219 -51.20 44.05 -2.67
N ALA D 220 -51.35 44.63 -3.87
CA ALA D 220 -50.53 45.76 -4.29
C ALA D 220 -51.15 47.11 -3.90
N ASP D 221 -50.34 47.96 -3.29
CA ASP D 221 -50.74 49.33 -2.96
C ASP D 221 -50.53 50.26 -4.16
N GLY D 222 -49.45 50.01 -4.91
CA GLY D 222 -49.11 50.84 -6.04
C GLY D 222 -49.32 50.14 -7.37
N GLU D 223 -48.27 50.13 -8.19
CA GLU D 223 -48.31 49.51 -9.51
C GLU D 223 -48.61 48.02 -9.41
N VAL D 224 -49.42 47.53 -10.35
CA VAL D 224 -49.76 46.11 -10.40
C VAL D 224 -49.14 45.45 -11.63
N LEU D 225 -48.32 44.42 -11.41
CA LEU D 225 -47.67 43.71 -12.51
C LEU D 225 -48.34 42.39 -12.85
N PHE D 226 -48.95 41.75 -11.85
CA PHE D 226 -49.49 40.41 -12.03
C PHE D 226 -50.91 40.28 -11.51
N THR D 227 -51.72 39.51 -12.23
CA THR D 227 -53.03 39.13 -11.73
C THR D 227 -52.86 38.02 -10.70
N LYS D 228 -53.91 37.75 -9.94
CA LYS D 228 -53.87 36.68 -8.95
C LYS D 228 -53.66 35.33 -9.61
N GLU D 229 -54.24 35.16 -10.80
CA GLU D 229 -54.10 33.91 -11.51
C GLU D 229 -52.66 33.71 -11.95
N GLU D 230 -51.99 34.79 -12.33
CA GLU D 230 -50.57 34.73 -12.69
C GLU D 230 -49.71 34.37 -11.47
N ALA D 231 -49.96 35.04 -10.35
CA ALA D 231 -49.23 34.74 -9.12
C ALA D 231 -49.47 33.30 -8.68
N ALA D 232 -50.72 32.86 -8.74
CA ALA D 232 -51.07 31.49 -8.37
C ALA D 232 -50.28 30.49 -9.19
N GLN D 233 -50.07 30.78 -10.46
CA GLN D 233 -49.31 29.87 -11.33
C GLN D 233 -47.85 29.74 -10.87
N ALA D 234 -47.28 30.83 -10.37
CA ALA D 234 -45.90 30.82 -9.89
C ALA D 234 -45.75 29.91 -8.68
N PHE D 235 -46.79 29.89 -7.84
CA PHE D 235 -46.79 29.02 -6.66
C PHE D 235 -46.91 27.55 -7.04
N ARG D 236 -47.74 27.25 -8.03
CA ARG D 236 -47.85 25.87 -8.49
C ARG D 236 -46.56 25.45 -9.18
N ASP D 237 -45.93 26.38 -9.89
CA ASP D 237 -44.64 26.11 -10.52
C ASP D 237 -43.58 25.80 -9.46
N GLN D 238 -43.62 26.54 -8.35
CA GLN D 238 -42.69 26.32 -7.25
C GLN D 238 -42.90 24.93 -6.65
N GLU D 239 -44.15 24.60 -6.39
CA GLU D 239 -44.50 23.29 -5.85
C GLU D 239 -44.02 22.17 -6.76
N ALA D 240 -44.00 22.41 -8.07
CA ALA D 240 -43.56 21.41 -9.03
C ALA D 240 -42.04 21.40 -9.23
N SER D 241 -41.33 22.26 -8.52
CA SER D 241 -39.88 22.42 -8.69
C SER D 241 -39.03 21.57 -7.75
N THR D 242 -39.65 20.95 -6.74
CA THR D 242 -38.91 20.17 -5.78
C THR D 242 -39.78 19.08 -5.16
N ASP D 243 -39.17 17.96 -4.81
CA ASP D 243 -39.84 16.99 -4.00
C ASP D 243 -39.40 16.99 -2.56
N LEU D 244 -38.51 17.90 -2.24
CA LEU D 244 -38.08 18.11 -0.86
C LEU D 244 -39.10 18.90 -0.04
N PRO D 245 -39.09 18.71 1.29
CA PRO D 245 -39.80 19.66 2.14
C PRO D 245 -39.25 21.05 1.90
N TYR D 246 -40.11 22.07 1.91
CA TYR D 246 -39.64 23.44 1.80
C TYR D 246 -40.50 24.35 2.66
N ILE D 247 -39.88 25.42 3.17
CA ILE D 247 -40.53 26.36 4.06
C ILE D 247 -40.25 27.75 3.56
N TYR D 248 -41.16 28.68 3.78
CA TYR D 248 -41.05 30.04 3.29
C TYR D 248 -40.33 30.97 4.25
N LEU D 249 -39.49 31.80 3.72
CA LEU D 249 -38.83 32.86 4.44
C LEU D 249 -39.74 34.08 4.48
N SER D 250 -39.91 34.69 5.65
CA SER D 250 -40.69 35.91 5.75
C SER D 250 -40.04 37.05 5.03
N ALA D 251 -38.75 37.22 5.17
CA ALA D 251 -37.99 37.92 4.17
C ALA D 251 -38.36 39.35 4.10
N GLY D 252 -38.66 39.89 5.25
CA GLY D 252 -38.74 41.31 5.47
C GLY D 252 -40.09 41.98 5.36
N VAL D 253 -41.05 41.34 4.74
CA VAL D 253 -42.37 41.91 4.63
C VAL D 253 -43.07 41.86 5.96
N SER D 254 -44.18 42.55 6.06
CA SER D 254 -44.89 42.67 7.31
C SER D 254 -45.48 41.35 7.68
N ALA D 255 -45.78 41.20 8.95
CA ALA D 255 -46.40 40.00 9.42
C ALA D 255 -47.71 39.75 8.70
N LYS D 256 -48.51 40.79 8.51
CA LYS D 256 -49.80 40.63 7.87
C LYS D 256 -49.72 40.17 6.43
N LEU D 257 -48.85 40.77 5.67
CA LEU D 257 -48.69 40.41 4.28
C LEU D 257 -48.15 39.00 4.15
N PHE D 258 -47.20 38.67 5.01
CA PHE D 258 -46.66 37.34 5.01
C PHE D 258 -47.74 36.32 5.31
N GLN D 259 -48.58 36.60 6.27
CA GLN D 259 -49.67 35.69 6.61
C GLN D 259 -50.71 35.59 5.47
N ASP D 260 -51.06 36.72 4.86
CA ASP D 260 -51.91 36.71 3.69
C ASP D 260 -51.26 35.92 2.54
N THR D 261 -49.92 35.93 2.48
CA THR D 261 -49.20 35.21 1.44
C THR D 261 -49.30 33.70 1.63
N LEU D 262 -49.26 33.26 2.87
CA LEU D 262 -49.41 31.85 3.20
C LEU D 262 -50.78 31.34 2.77
N VAL D 263 -51.80 32.15 3.02
CA VAL D 263 -53.15 31.79 2.64
C VAL D 263 -53.23 31.66 1.13
N PHE D 264 -52.63 32.62 0.41
CA PHE D 264 -52.66 32.61 -1.04
C PHE D 264 -51.90 31.42 -1.59
N ALA D 265 -50.78 31.09 -0.96
CA ALA D 265 -49.97 29.95 -1.38
C ALA D 265 -50.79 28.67 -1.28
N ALA D 266 -51.41 28.47 -0.13
CA ALA D 266 -52.19 27.27 0.11
C ALA D 266 -53.38 27.18 -0.85
N GLU D 267 -54.04 28.31 -1.07
CA GLU D 267 -55.18 28.38 -1.97
C GLU D 267 -54.78 28.09 -3.42
N SER D 268 -53.56 28.48 -3.77
CA SER D 268 -53.04 28.29 -5.12
C SER D 268 -52.62 26.84 -5.39
N GLY D 269 -52.33 26.09 -4.33
CA GLY D 269 -51.95 24.69 -4.46
C GLY D 269 -50.53 24.36 -4.01
N ALA D 270 -49.82 25.34 -3.47
CA ALA D 270 -48.50 25.08 -2.92
C ALA D 270 -48.66 24.28 -1.63
N LYS D 271 -47.95 23.18 -1.52
CA LYS D 271 -47.98 22.36 -0.33
C LYS D 271 -46.71 22.61 0.49
N PHE D 272 -46.51 23.86 0.90
CA PHE D 272 -45.34 24.23 1.69
C PHE D 272 -45.47 23.66 3.10
N ASN D 273 -44.34 23.44 3.75
CA ASN D 273 -44.32 22.65 4.98
C ASN D 273 -43.97 23.46 6.23
N GLY D 274 -44.06 24.77 6.14
CA GLY D 274 -43.81 25.60 7.28
C GLY D 274 -43.14 26.89 6.92
N VAL D 275 -42.59 27.57 7.93
CA VAL D 275 -41.97 28.87 7.73
C VAL D 275 -40.75 29.08 8.60
N LEU D 276 -39.89 29.99 8.15
CA LEU D 276 -38.84 30.56 8.95
C LEU D 276 -39.15 32.04 9.17
N CYS D 277 -39.65 32.37 10.35
CA CYS D 277 -40.08 33.73 10.66
C CYS D 277 -39.38 34.23 11.91
N GLY D 278 -38.86 35.46 11.84
CA GLY D 278 -38.12 36.03 12.96
C GLY D 278 -38.54 37.43 13.33
N ARG D 279 -37.98 38.39 12.61
CA ARG D 279 -38.11 39.81 12.93
C ARG D 279 -39.58 40.21 13.08
N ALA D 280 -40.42 39.73 12.17
CA ALA D 280 -41.85 40.04 12.21
C ALA D 280 -42.46 39.62 13.56
N THR D 281 -41.78 38.73 14.28
CA THR D 281 -42.29 38.23 15.55
C THR D 281 -41.67 38.97 16.75
N TRP D 282 -40.34 39.16 16.75
CA TRP D 282 -39.66 39.71 17.93
C TRP D 282 -39.12 41.15 17.76
N ALA D 283 -39.33 41.76 16.59
CA ALA D 283 -38.78 43.09 16.31
C ALA D 283 -39.02 44.10 17.44
N GLY D 284 -40.25 44.14 17.94
CA GLY D 284 -40.62 45.12 18.94
C GLY D 284 -39.87 44.99 20.25
N SER D 285 -39.31 43.80 20.51
CA SER D 285 -38.62 43.56 21.77
C SER D 285 -37.26 44.28 21.85
N VAL D 286 -36.73 44.65 20.69
CA VAL D 286 -35.40 45.25 20.65
C VAL D 286 -35.41 46.62 21.32
N LYS D 287 -36.31 47.50 20.89
CA LYS D 287 -36.41 48.84 21.49
C LYS D 287 -36.70 48.73 22.98
N VAL D 288 -37.62 47.85 23.36
CA VAL D 288 -37.98 47.67 24.75
C VAL D 288 -36.78 47.22 25.57
N TYR D 289 -36.03 46.25 25.04
CA TYR D 289 -34.87 45.71 25.75
C TYR D 289 -33.81 46.79 26.01
N ILE D 290 -33.50 47.58 24.99
CA ILE D 290 -32.47 48.61 25.10
C ILE D 290 -32.94 49.75 26.00
N GLU D 291 -34.17 50.23 25.78
CA GLU D 291 -34.67 51.40 26.50
C GLU D 291 -35.20 51.09 27.90
N GLU D 292 -35.80 49.92 28.07
CA GLU D 292 -36.48 49.58 29.32
C GLU D 292 -35.84 48.40 30.06
N GLY D 293 -34.96 47.66 29.39
CA GLY D 293 -34.20 46.60 30.02
C GLY D 293 -34.78 45.21 29.89
N PRO D 294 -34.07 44.20 30.43
CA PRO D 294 -34.38 42.77 30.28
C PRO D 294 -35.79 42.40 30.76
N GLN D 295 -36.14 42.81 31.98
CA GLN D 295 -37.44 42.44 32.54
C GLN D 295 -38.58 43.00 31.70
N ALA D 296 -38.41 44.24 31.24
CA ALA D 296 -39.41 44.85 30.37
C ALA D 296 -39.53 44.08 29.06
N ALA D 297 -38.39 43.64 28.54
CA ALA D 297 -38.38 42.87 27.30
C ALA D 297 -39.11 41.54 27.48
N ARG D 298 -38.92 40.89 28.63
CA ARG D 298 -39.64 39.64 28.91
C ARG D 298 -41.14 39.84 28.88
N GLU D 299 -41.59 40.91 29.51
CA GLU D 299 -43.02 41.19 29.60
C GLU D 299 -43.59 41.44 28.22
N TRP D 300 -42.84 42.18 27.40
CA TRP D 300 -43.24 42.41 26.02
C TRP D 300 -43.37 41.06 25.30
N LEU D 301 -42.36 40.21 25.47
CA LEU D 301 -42.36 38.92 24.79
C LEU D 301 -43.51 38.04 25.24
N ARG D 302 -43.84 38.11 26.53
CA ARG D 302 -44.92 37.29 27.07
C ARG D 302 -46.29 37.78 26.61
N THR D 303 -46.34 39.01 26.12
CA THR D 303 -47.60 39.63 25.72
C THR D 303 -47.63 39.84 24.21
N GLU D 304 -47.01 40.92 23.73
CA GLU D 304 -47.02 41.21 22.30
C GLU D 304 -46.27 40.14 21.51
N GLY D 305 -45.18 39.65 22.09
CA GLY D 305 -44.40 38.61 21.46
C GLY D 305 -45.24 37.36 21.22
N PHE D 306 -45.96 36.93 22.25
CA PHE D 306 -46.82 35.77 22.12
C PHE D 306 -47.94 36.02 21.11
N LYS D 307 -48.54 37.21 21.16
CA LYS D 307 -49.62 37.55 20.25
C LYS D 307 -49.14 37.41 18.80
N ASN D 308 -47.93 37.88 18.53
CA ASN D 308 -47.36 37.82 17.19
C ASN D 308 -47.19 36.38 16.68
N ILE D 309 -46.57 35.53 17.49
CA ILE D 309 -46.24 34.18 17.04
C ILE D 309 -47.50 33.32 17.02
N ASP D 310 -48.44 33.62 17.91
CA ASP D 310 -49.72 32.90 17.95
C ASP D 310 -50.56 33.17 16.69
N GLU D 311 -50.65 34.42 16.26
CA GLU D 311 -51.35 34.75 15.02
C GLU D 311 -50.76 33.96 13.85
N LEU D 312 -49.43 33.91 13.79
CA LEU D 312 -48.74 33.14 12.76
C LEU D 312 -49.10 31.67 12.84
N ASN D 313 -49.10 31.12 14.05
CA ASN D 313 -49.42 29.71 14.25
C ASN D 313 -50.84 29.39 13.81
N LYS D 314 -51.76 30.33 14.01
CA LYS D 314 -53.16 30.15 13.60
C LYS D 314 -53.26 30.05 12.09
N VAL D 315 -52.51 30.90 11.41
CA VAL D 315 -52.46 30.91 9.96
C VAL D 315 -51.78 29.62 9.46
N LEU D 316 -50.69 29.21 10.12
CA LEU D 316 -49.99 27.98 9.73
C LEU D 316 -50.91 26.75 9.78
N ASP D 317 -51.71 26.66 10.84
CA ASP D 317 -52.64 25.53 11.02
C ASP D 317 -53.59 25.34 9.85
N LYS D 318 -53.99 26.41 9.21
CA LYS D 318 -54.92 26.32 8.13
C LYS D 318 -54.29 26.46 6.77
N THR D 319 -52.97 26.56 6.72
CA THR D 319 -52.27 26.66 5.45
C THR D 319 -51.15 25.64 5.14
N ALA D 320 -50.31 25.33 6.11
CA ALA D 320 -49.14 24.50 5.87
C ALA D 320 -49.52 23.06 5.68
N SER D 321 -48.73 22.35 4.91
CA SER D 321 -48.83 20.93 4.74
C SER D 321 -47.65 20.23 5.43
N PRO D 322 -47.99 19.14 6.24
CA PRO D 322 -46.85 18.54 6.94
C PRO D 322 -45.92 17.80 5.98
N TRP D 323 -44.62 17.84 6.25
CA TRP D 323 -43.63 17.18 5.43
C TRP D 323 -43.77 15.66 5.52
N THR D 324 -44.33 15.22 6.60
CA THR D 324 -44.58 13.81 6.83
C THR D 324 -45.59 13.20 5.84
N GLU D 325 -46.44 14.00 5.22
CA GLU D 325 -47.32 13.49 4.18
C GLU D 325 -46.84 13.84 2.76
N LYS D 326 -45.96 14.81 2.62
CA LYS D 326 -45.25 15.05 1.36
C LYS D 326 -44.23 14.02 0.99
N MET D 327 -43.51 13.58 2.02
CA MET D 327 -42.13 13.19 1.89
C MET D 327 -41.32 14.41 1.50
#